data_3B1E
#
_entry.id   3B1E
#
_cell.length_a   67.204
_cell.length_b   111.212
_cell.length_c   217.353
_cell.angle_alpha   90.00
_cell.angle_beta   90.00
_cell.angle_gamma   90.00
#
_symmetry.space_group_name_H-M   'P 21 21 21'
#
loop_
_entity.id
_entity.type
_entity.pdbx_description
1 polymer 'BetaC-S lyase'
2 non-polymer '2-{[(E)-{3-hydroxy-2-methyl-5-[(phosphonooxy)methyl]pyridin-4-yl}methylidene]amino}prop-2-enoic acid'
3 non-polymer '4-(2-HYDROXYETHYL)-1-PIPERAZINE ETHANESULFONIC ACID'
4 non-polymer 'SODIUM ION'
5 non-polymer 'ACETATE ION'
6 water water
#
_entity_poly.entity_id   1
_entity_poly.type   'polypeptide(L)'
_entity_poly.pdbx_seq_one_letter_code
;GPLGSSKYNFQTAPNRLSHHTYKWKETETDPQLLPAWIADMDFEVMPEVKQAIHDYAEQLVYGYTYASDELLQAVLDWEK
SEHQYSFDKEDIVFVEGVVPAISIAIQAFTKEGEAVLINSPVYPPFARSVRLNNRKLVSNSLKEENGLFQIDFEQLENDI
VENDVKLYLLCNPHNPGGRVWEREVLEQIGHLCQKHHVILVSDEIHQDLTLFGHEHVSFNTVSPDFKDFALVLSSATKTF
NIAGTKNSYAIIENPTLCAQFKHQQLVNNHHEVSSLGYIATETAYRYGKPWLVALKAVLEENIQFAVEYFAQEAPRLKVM
KPQGTYLIWLDFSDYGLTDDALFTLLHDQAKVILNRGSDYGSEGELHARLNIAAPKSLVEEICKRIVCCLPK
;
_entity_poly.pdbx_strand_id   A,B,C,D
#
# COMPACT_ATOMS: atom_id res chain seq x y z
N SER A 6 -22.73 20.71 -43.99
CA SER A 6 -23.99 20.35 -43.29
C SER A 6 -23.92 20.68 -41.79
N LYS A 7 -24.16 19.71 -40.92
CA LYS A 7 -24.24 19.96 -39.48
C LYS A 7 -22.92 20.48 -38.87
N TYR A 8 -21.78 20.03 -39.38
CA TYR A 8 -20.49 20.47 -38.86
C TYR A 8 -19.92 21.56 -39.74
N ASN A 9 -19.11 22.43 -39.15
CA ASN A 9 -18.53 23.55 -39.90
C ASN A 9 -17.18 23.23 -40.53
N PHE A 10 -17.18 23.00 -41.85
CA PHE A 10 -15.93 22.87 -42.62
C PHE A 10 -15.83 23.99 -43.65
N GLN A 11 -16.69 24.99 -43.50
CA GLN A 11 -16.79 26.09 -44.46
C GLN A 11 -15.98 27.31 -44.06
N THR A 12 -15.93 27.59 -42.76
CA THR A 12 -15.35 28.82 -42.27
C THR A 12 -14.29 28.54 -41.21
N ALA A 13 -13.08 29.04 -41.43
CA ALA A 13 -11.96 28.82 -40.51
C ALA A 13 -12.01 29.81 -39.36
N PRO A 14 -12.02 29.32 -38.10
CA PRO A 14 -11.90 30.27 -37.00
C PRO A 14 -10.64 31.13 -37.08
N ASN A 15 -10.77 32.39 -36.66
CA ASN A 15 -9.65 33.32 -36.69
C ASN A 15 -8.69 32.95 -35.58
N ARG A 16 -7.45 32.66 -35.93
CA ARG A 16 -6.42 32.25 -34.97
C ARG A 16 -5.46 33.35 -34.57
N LEU A 17 -5.59 34.52 -35.20
N LEU A 17 -5.68 34.57 -35.08
CA LEU A 17 -4.67 35.60 -34.88
CA LEU A 17 -4.63 35.62 -35.04
C LEU A 17 -4.96 36.03 -33.45
C LEU A 17 -4.14 36.17 -33.68
N SER A 18 -3.90 36.34 -32.71
N SER A 18 -4.92 36.07 -32.62
CA SER A 18 -4.00 36.73 -31.30
CA SER A 18 -4.43 36.63 -31.35
C SER A 18 -4.02 35.52 -30.35
C SER A 18 -3.89 35.55 -30.42
N HIS A 19 -3.96 34.31 -30.88
CA HIS A 19 -3.93 33.13 -30.01
C HIS A 19 -2.59 32.41 -29.92
N HIS A 20 -1.53 33.05 -30.44
CA HIS A 20 -0.18 32.58 -30.29
C HIS A 20 0.02 31.18 -30.88
N THR A 21 -0.60 30.95 -32.03
CA THR A 21 -0.40 29.71 -32.78
C THR A 21 0.92 29.76 -33.56
N TYR A 22 1.56 28.60 -33.71
CA TYR A 22 2.68 28.48 -34.61
C TYR A 22 2.23 28.77 -36.05
N LYS A 23 1.09 28.19 -36.44
CA LYS A 23 0.68 28.22 -37.85
C LYS A 23 0.55 29.65 -38.40
N TRP A 24 -0.05 30.54 -37.61
CA TRP A 24 -0.35 31.92 -38.07
C TRP A 24 0.64 32.97 -37.58
N LYS A 25 1.75 32.55 -36.95
CA LYS A 25 2.71 33.48 -36.34
C LYS A 25 3.24 34.51 -37.33
N GLU A 26 3.73 34.06 -38.49
CA GLU A 26 4.27 34.99 -39.48
C GLU A 26 3.21 35.92 -40.05
N THR A 27 1.98 35.43 -40.20
CA THR A 27 0.90 36.21 -40.76
C THR A 27 0.52 37.38 -39.85
N GLU A 28 0.77 37.21 -38.57
CA GLU A 28 0.52 38.29 -37.62
C GLU A 28 1.42 39.50 -37.87
N THR A 29 2.60 39.28 -38.46
CA THR A 29 3.52 40.36 -38.85
C THR A 29 3.31 40.78 -40.30
N ASP A 30 3.11 39.81 -41.20
CA ASP A 30 2.82 40.08 -42.61
C ASP A 30 1.47 39.49 -42.99
N PRO A 31 0.41 40.32 -42.98
CA PRO A 31 -0.97 39.88 -43.21
C PRO A 31 -1.27 39.23 -44.56
N GLN A 32 -0.40 39.42 -45.53
CA GLN A 32 -0.55 38.80 -46.84
C GLN A 32 -0.23 37.31 -46.85
N LEU A 33 0.55 36.85 -45.88
CA LEU A 33 1.04 35.47 -45.90
C LEU A 33 -0.07 34.49 -45.55
N LEU A 34 -0.20 33.42 -46.35
CA LEU A 34 -1.17 32.38 -46.07
C LEU A 34 -0.39 31.12 -45.67
N PRO A 35 -0.61 30.63 -44.43
CA PRO A 35 0.07 29.47 -43.95
C PRO A 35 -0.63 28.18 -44.37
N ALA A 36 0.18 27.23 -44.82
CA ALA A 36 -0.29 25.91 -45.19
C ALA A 36 0.83 24.90 -44.97
N TRP A 37 1.40 24.97 -43.76
CA TRP A 37 2.61 24.22 -43.44
C TRP A 37 2.32 23.23 -42.32
N ILE A 38 2.56 23.62 -41.08
CA ILE A 38 2.43 22.76 -39.90
C ILE A 38 1.07 22.06 -39.86
N ALA A 39 1.07 20.81 -39.38
CA ALA A 39 -0.14 20.00 -39.35
C ALA A 39 -1.03 20.30 -38.14
N ASP A 40 -1.61 21.48 -38.17
CA ASP A 40 -2.87 21.85 -37.52
CA ASP A 40 -2.92 21.60 -37.57
C ASP A 40 -3.87 22.09 -38.65
N MET A 41 -5.13 21.81 -38.41
CA MET A 41 -6.16 22.11 -39.39
C MET A 41 -6.71 23.50 -39.13
N ASP A 42 -7.29 24.08 -40.18
N ASP A 42 -7.22 24.13 -40.17
CA ASP A 42 -7.94 25.38 -40.06
CA ASP A 42 -7.94 25.39 -39.98
C ASP A 42 -9.38 25.22 -39.56
C ASP A 42 -9.44 25.11 -40.11
N PHE A 43 -9.87 23.99 -39.55
N PHE A 43 -9.85 24.09 -39.35
CA PHE A 43 -11.26 23.72 -39.19
CA PHE A 43 -11.24 23.73 -39.17
C PHE A 43 -11.54 23.86 -37.70
C PHE A 43 -11.56 23.82 -37.68
N GLU A 44 -12.75 24.31 -37.36
CA GLU A 44 -13.29 24.22 -36.00
C GLU A 44 -13.22 22.78 -35.51
N VAL A 45 -12.83 22.61 -34.26
CA VAL A 45 -12.86 21.32 -33.61
C VAL A 45 -14.32 20.87 -33.33
N MET A 46 -14.54 19.56 -33.31
CA MET A 46 -15.85 18.99 -33.00
CA MET A 46 -15.85 19.00 -33.01
C MET A 46 -16.45 19.64 -31.75
N PRO A 47 -17.76 19.93 -31.76
CA PRO A 47 -18.35 20.69 -30.67
C PRO A 47 -18.26 20.06 -29.27
N GLU A 48 -18.23 18.73 -29.21
CA GLU A 48 -18.18 18.04 -27.92
C GLU A 48 -16.89 18.33 -27.17
N VAL A 49 -15.79 18.49 -27.91
CA VAL A 49 -14.52 18.86 -27.28
C VAL A 49 -14.60 20.28 -26.73
N LYS A 50 -15.10 21.25 -27.51
CA LYS A 50 -15.28 22.60 -26.97
C LYS A 50 -16.13 22.57 -25.68
N GLN A 51 -17.20 21.78 -25.71
CA GLN A 51 -18.07 21.69 -24.54
C GLN A 51 -17.32 21.10 -23.34
N ALA A 52 -16.51 20.08 -23.59
CA ALA A 52 -15.70 19.48 -22.53
C ALA A 52 -14.71 20.43 -21.87
N ILE A 53 -14.18 21.39 -22.63
CA ILE A 53 -13.29 22.42 -22.09
C ILE A 53 -14.08 23.37 -21.18
N HIS A 54 -15.29 23.77 -21.63
CA HIS A 54 -16.17 24.57 -20.79
C HIS A 54 -16.49 23.85 -19.48
N ASP A 55 -16.80 22.55 -19.59
CA ASP A 55 -17.11 21.72 -18.43
C ASP A 55 -15.91 21.58 -17.48
N TYR A 56 -14.70 21.46 -18.04
CA TYR A 56 -13.50 21.48 -17.23
C TYR A 56 -13.42 22.76 -16.41
N ALA A 57 -13.62 23.92 -17.04
CA ALA A 57 -13.63 25.18 -16.31
C ALA A 57 -14.58 25.09 -15.11
N GLU A 58 -15.74 24.48 -15.31
CA GLU A 58 -16.78 24.46 -14.28
C GLU A 58 -16.52 23.46 -13.17
N GLN A 59 -15.42 22.70 -13.24
CA GLN A 59 -14.91 21.98 -12.06
C GLN A 59 -14.53 22.95 -10.92
N LEU A 60 -14.13 24.17 -11.28
CA LEU A 60 -13.71 25.22 -10.33
C LEU A 60 -12.35 25.03 -9.64
N VAL A 61 -11.82 23.81 -9.66
CA VAL A 61 -10.53 23.46 -9.05
C VAL A 61 -9.73 22.68 -10.10
N TYR A 62 -8.44 23.04 -10.29
CA TYR A 62 -7.65 22.52 -11.43
C TYR A 62 -6.39 21.80 -10.94
N GLY A 63 -6.59 20.89 -9.99
CA GLY A 63 -5.47 20.15 -9.38
C GLY A 63 -5.05 18.91 -10.17
N TYR A 64 -4.14 18.12 -9.59
CA TYR A 64 -3.61 16.94 -10.25
C TYR A 64 -4.68 15.89 -10.49
N THR A 65 -4.74 15.39 -11.72
CA THR A 65 -5.70 14.35 -12.08
C THR A 65 -4.93 13.18 -12.68
N TYR A 66 -5.57 12.00 -12.75
CA TYR A 66 -4.94 10.77 -13.24
C TYR A 66 -5.73 10.28 -14.45
N ALA A 67 -5.12 9.38 -15.22
CA ALA A 67 -5.77 8.74 -16.39
C ALA A 67 -6.83 7.76 -15.91
N SER A 68 -8.08 8.07 -16.19
CA SER A 68 -9.18 7.27 -15.70
C SER A 68 -9.40 5.95 -16.45
N ASP A 69 -10.12 5.05 -15.81
CA ASP A 69 -10.53 3.82 -16.47
C ASP A 69 -11.38 4.11 -17.70
N GLU A 70 -12.18 5.18 -17.67
CA GLU A 70 -13.01 5.56 -18.79
C GLU A 70 -12.14 6.03 -19.97
N LEU A 71 -11.08 6.78 -19.66
CA LEU A 71 -10.16 7.18 -20.74
C LEU A 71 -9.43 5.96 -21.34
N LEU A 72 -8.93 5.08 -20.47
CA LEU A 72 -8.30 3.85 -20.91
C LEU A 72 -9.25 3.04 -21.79
N GLN A 73 -10.49 2.91 -21.36
CA GLN A 73 -11.49 2.17 -22.15
C GLN A 73 -11.74 2.82 -23.50
N ALA A 74 -11.75 4.15 -23.54
CA ALA A 74 -11.95 4.89 -24.79
C ALA A 74 -10.85 4.59 -25.80
N VAL A 75 -9.60 4.55 -25.33
CA VAL A 75 -8.49 4.21 -26.21
C VAL A 75 -8.60 2.75 -26.69
N LEU A 76 -8.86 1.85 -25.76
CA LEU A 76 -9.06 0.44 -26.08
C LEU A 76 -10.15 0.30 -27.14
N ASP A 77 -11.27 0.98 -26.92
CA ASP A 77 -12.42 0.87 -27.81
C ASP A 77 -12.17 1.48 -29.19
N TRP A 78 -11.43 2.60 -29.23
CA TRP A 78 -11.08 3.23 -30.50
C TRP A 78 -10.19 2.32 -31.35
N GLU A 79 -9.17 1.75 -30.71
CA GLU A 79 -8.23 0.89 -31.40
C GLU A 79 -8.93 -0.36 -31.93
N LYS A 80 -9.83 -0.93 -31.13
CA LYS A 80 -10.55 -2.13 -31.54
C LYS A 80 -11.53 -1.80 -32.67
N SER A 81 -12.31 -0.76 -32.47
CA SER A 81 -13.35 -0.39 -33.43
C SER A 81 -12.82 0.13 -34.75
N GLU A 82 -11.80 0.99 -34.69
CA GLU A 82 -11.30 1.63 -35.89
C GLU A 82 -10.18 0.86 -36.58
N HIS A 83 -9.41 0.11 -35.82
CA HIS A 83 -8.16 -0.46 -36.32
C HIS A 83 -8.03 -1.95 -36.07
N GLN A 84 -9.09 -2.55 -35.52
CA GLN A 84 -9.15 -4.00 -35.32
C GLN A 84 -7.96 -4.48 -34.48
N TYR A 85 -7.54 -3.65 -33.52
CA TYR A 85 -6.38 -3.94 -32.69
C TYR A 85 -6.84 -4.06 -31.25
N SER A 86 -6.79 -5.29 -30.74
CA SER A 86 -7.27 -5.66 -29.42
C SER A 86 -6.11 -5.89 -28.48
N PHE A 87 -6.17 -5.26 -27.32
CA PHE A 87 -5.13 -5.44 -26.30
C PHE A 87 -5.75 -5.11 -24.94
N ASP A 88 -4.92 -5.10 -23.90
CA ASP A 88 -5.40 -4.88 -22.54
C ASP A 88 -5.14 -3.45 -22.09
N LYS A 89 -5.97 -2.97 -21.16
CA LYS A 89 -5.81 -1.61 -20.63
C LYS A 89 -4.41 -1.36 -20.07
N GLU A 90 -3.81 -2.41 -19.49
CA GLU A 90 -2.47 -2.28 -18.90
C GLU A 90 -1.36 -2.05 -19.94
N ASP A 91 -1.67 -2.24 -21.22
CA ASP A 91 -0.72 -2.04 -22.31
C ASP A 91 -0.62 -0.57 -22.76
N ILE A 92 -1.49 0.29 -22.25
CA ILE A 92 -1.57 1.70 -22.68
C ILE A 92 -0.69 2.52 -21.75
N VAL A 93 0.17 3.34 -22.34
CA VAL A 93 1.01 4.29 -21.59
C VAL A 93 0.74 5.68 -22.15
N PHE A 94 0.22 6.60 -21.33
CA PHE A 94 -0.02 7.95 -21.83
C PHE A 94 1.27 8.77 -21.78
N VAL A 95 1.44 9.60 -22.79
CA VAL A 95 2.60 10.49 -22.87
C VAL A 95 2.09 11.82 -23.42
N GLU A 96 2.65 12.96 -22.99
CA GLU A 96 2.10 14.24 -23.40
C GLU A 96 2.17 14.50 -24.92
N GLY A 97 3.04 13.78 -25.63
CA GLY A 97 3.03 13.78 -27.09
C GLY A 97 3.78 12.59 -27.70
N VAL A 98 3.58 12.42 -29.00
CA VAL A 98 4.26 11.37 -29.76
C VAL A 98 5.75 11.67 -29.96
N VAL A 99 6.10 12.92 -30.22
CA VAL A 99 7.51 13.28 -30.32
C VAL A 99 8.25 13.03 -28.97
N PRO A 100 7.69 13.48 -27.82
CA PRO A 100 8.17 13.01 -26.52
C PRO A 100 8.38 11.49 -26.44
N ALA A 101 7.38 10.71 -26.85
CA ALA A 101 7.46 9.26 -26.81
C ALA A 101 8.65 8.71 -27.64
N ILE A 102 8.93 9.34 -28.78
CA ILE A 102 10.03 8.94 -29.63
C ILE A 102 11.37 9.07 -28.91
N SER A 103 11.60 10.18 -28.22
CA SER A 103 12.85 10.34 -27.48
C SER A 103 12.94 9.34 -26.34
N ILE A 104 11.85 9.15 -25.62
CA ILE A 104 11.82 8.17 -24.55
C ILE A 104 12.19 6.78 -25.09
N ALA A 105 11.60 6.41 -26.22
CA ALA A 105 11.87 5.12 -26.87
C ALA A 105 13.36 4.98 -27.27
N ILE A 106 13.92 6.02 -27.87
CA ILE A 106 15.33 6.00 -28.24
C ILE A 106 16.21 5.80 -27.00
N GLN A 107 15.89 6.54 -25.94
CA GLN A 107 16.70 6.45 -24.70
C GLN A 107 16.52 5.10 -23.99
N ALA A 108 15.32 4.52 -24.08
CA ALA A 108 14.98 3.29 -23.37
C ALA A 108 15.55 2.06 -24.05
N PHE A 109 15.51 2.04 -25.38
CA PHE A 109 15.76 0.81 -26.14
C PHE A 109 17.14 0.72 -26.79
N THR A 110 17.92 1.79 -26.73
CA THR A 110 19.26 1.84 -27.32
C THR A 110 20.20 2.50 -26.33
N LYS A 111 21.50 2.31 -26.55
CA LYS A 111 22.55 3.03 -25.81
C LYS A 111 23.21 4.05 -26.73
N GLU A 112 23.87 5.04 -26.15
CA GLU A 112 24.62 6.00 -26.93
C GLU A 112 25.54 5.30 -27.90
N GLY A 113 25.59 5.82 -29.12
CA GLY A 113 26.42 5.26 -30.17
C GLY A 113 25.78 4.19 -31.02
N GLU A 114 24.70 3.58 -30.54
CA GLU A 114 24.00 2.53 -31.29
C GLU A 114 23.19 3.17 -32.41
N ALA A 115 22.89 2.35 -33.41
CA ALA A 115 22.27 2.84 -34.64
C ALA A 115 20.74 2.76 -34.60
N VAL A 116 20.11 3.83 -35.06
CA VAL A 116 18.65 3.93 -35.19
C VAL A 116 18.36 4.21 -36.64
N LEU A 117 17.43 3.44 -37.21
CA LEU A 117 17.10 3.56 -38.62
C LEU A 117 15.75 4.28 -38.82
N ILE A 118 15.72 5.13 -39.83
CA ILE A 118 14.49 5.78 -40.32
C ILE A 118 14.43 5.62 -41.85
N ASN A 119 13.23 5.73 -42.42
CA ASN A 119 13.04 5.77 -43.87
C ASN A 119 12.95 7.23 -44.26
N SER A 120 13.93 7.70 -45.01
CA SER A 120 14.00 9.10 -45.40
C SER A 120 13.42 9.27 -46.81
N PRO A 121 12.81 10.45 -47.09
CA PRO A 121 12.65 11.59 -46.21
C PRO A 121 11.49 11.37 -45.25
N VAL A 122 11.56 11.97 -44.05
CA VAL A 122 10.55 11.75 -43.03
C VAL A 122 10.55 12.93 -42.06
N TYR A 123 9.41 13.11 -41.39
CA TYR A 123 9.15 14.12 -40.37
C TYR A 123 10.41 14.48 -39.59
N PRO A 124 10.83 15.76 -39.61
CA PRO A 124 12.19 16.08 -39.15
C PRO A 124 12.56 15.70 -37.71
N PRO A 125 11.60 15.75 -36.76
CA PRO A 125 11.95 15.26 -35.43
C PRO A 125 12.45 13.82 -35.32
N PHE A 126 12.17 12.98 -36.30
CA PHE A 126 12.79 11.64 -36.35
C PHE A 126 14.34 11.73 -36.37
N ALA A 127 14.88 12.34 -37.42
CA ALA A 127 16.33 12.53 -37.53
C ALA A 127 16.89 13.33 -36.36
N ARG A 128 16.22 14.42 -35.99
CA ARG A 128 16.68 15.25 -34.87
C ARG A 128 16.80 14.46 -33.57
N SER A 129 15.76 13.69 -33.25
CA SER A 129 15.72 12.99 -31.95
C SER A 129 16.85 11.95 -31.86
N VAL A 130 17.15 11.30 -32.97
CA VAL A 130 18.27 10.36 -33.02
C VAL A 130 19.62 11.07 -32.79
N ARG A 131 19.87 12.10 -33.59
CA ARG A 131 21.14 12.82 -33.52
C ARG A 131 21.39 13.52 -32.19
N LEU A 132 20.38 14.21 -31.65
CA LEU A 132 20.55 14.94 -30.39
C LEU A 132 20.78 13.98 -29.23
N ASN A 133 20.29 12.75 -29.38
CA ASN A 133 20.55 11.69 -28.40
C ASN A 133 21.87 10.93 -28.57
N ASN A 134 22.70 11.38 -29.51
CA ASN A 134 23.99 10.75 -29.73
C ASN A 134 23.85 9.28 -30.09
N ARG A 135 22.81 8.95 -30.85
CA ARG A 135 22.74 7.67 -31.52
C ARG A 135 23.15 7.89 -32.96
N LYS A 136 23.57 6.82 -33.61
CA LYS A 136 23.99 6.90 -35.01
C LYS A 136 22.75 6.81 -35.87
N LEU A 137 22.54 7.79 -36.73
CA LEU A 137 21.38 7.77 -37.64
C LEU A 137 21.66 7.00 -38.93
N VAL A 138 20.82 6.03 -39.23
CA VAL A 138 20.86 5.33 -40.52
C VAL A 138 19.63 5.74 -41.29
N SER A 139 19.82 6.46 -42.40
CA SER A 139 18.69 6.89 -43.24
C SER A 139 18.54 5.92 -44.40
N ASN A 140 17.47 5.12 -44.36
CA ASN A 140 17.16 4.24 -45.45
C ASN A 140 16.31 5.00 -46.46
N SER A 141 16.89 5.32 -47.61
CA SER A 141 16.24 6.20 -48.57
C SER A 141 15.10 5.45 -49.26
N LEU A 142 13.90 6.03 -49.19
CA LEU A 142 12.75 5.51 -49.95
C LEU A 142 12.93 5.74 -51.45
N LYS A 143 12.48 4.76 -52.23
CA LYS A 143 12.41 4.88 -53.67
C LYS A 143 11.10 5.59 -54.00
N GLU A 144 11.04 6.17 -55.19
CA GLU A 144 9.79 6.73 -55.70
CA GLU A 144 9.76 6.69 -55.69
C GLU A 144 9.52 6.05 -57.03
N GLU A 145 8.37 5.40 -57.13
CA GLU A 145 7.96 4.61 -58.28
C GLU A 145 6.48 4.85 -58.53
N ASN A 146 6.12 5.22 -59.77
CA ASN A 146 4.70 5.41 -60.10
C ASN A 146 3.99 6.38 -59.13
N GLY A 147 4.69 7.44 -58.73
CA GLY A 147 4.15 8.50 -57.87
C GLY A 147 3.98 8.15 -56.40
N LEU A 148 4.62 7.06 -55.96
CA LEU A 148 4.48 6.60 -54.57
C LEU A 148 5.84 6.25 -54.00
N PHE A 149 6.01 6.48 -52.70
CA PHE A 149 7.19 6.00 -52.01
C PHE A 149 7.10 4.48 -51.87
N GLN A 150 8.24 3.82 -52.03
CA GLN A 150 8.36 2.39 -51.75
C GLN A 150 9.68 2.11 -51.05
N ILE A 151 9.67 1.04 -50.27
CA ILE A 151 10.87 0.58 -49.57
C ILE A 151 11.70 -0.34 -50.48
N ASP A 152 13.00 -0.08 -50.55
CA ASP A 152 13.96 -0.96 -51.19
C ASP A 152 14.43 -1.95 -50.12
N PHE A 153 13.83 -3.14 -50.14
CA PHE A 153 14.05 -4.11 -49.06
C PHE A 153 15.45 -4.72 -49.02
N GLU A 154 16.08 -4.82 -50.20
CA GLU A 154 17.47 -5.28 -50.26
C GLU A 154 18.39 -4.26 -49.57
N GLN A 155 18.21 -2.99 -49.88
CA GLN A 155 19.04 -1.97 -49.26
C GLN A 155 18.66 -1.76 -47.78
N LEU A 156 17.39 -1.93 -47.45
CA LEU A 156 16.95 -1.87 -46.05
C LEU A 156 17.67 -2.94 -45.24
N GLU A 157 17.72 -4.17 -45.73
CA GLU A 157 18.47 -5.20 -45.00
C GLU A 157 19.95 -4.84 -44.88
N ASN A 158 20.54 -4.40 -45.99
CA ASN A 158 21.93 -3.94 -45.99
C ASN A 158 22.19 -2.86 -44.96
N ASP A 159 21.27 -1.88 -44.90
CA ASP A 159 21.37 -0.79 -43.93
C ASP A 159 21.31 -1.33 -42.50
N ILE A 160 20.43 -2.31 -42.25
CA ILE A 160 20.28 -2.89 -40.91
C ILE A 160 21.56 -3.65 -40.53
N VAL A 161 22.05 -4.48 -41.45
CA VAL A 161 23.18 -5.36 -41.15
C VAL A 161 24.49 -4.59 -41.07
N GLU A 162 24.72 -3.69 -42.01
CA GLU A 162 25.99 -2.96 -42.07
C GLU A 162 26.21 -2.02 -40.89
N ASN A 163 25.11 -1.52 -40.32
CA ASN A 163 25.17 -0.58 -39.21
C ASN A 163 24.79 -1.16 -37.85
N ASP A 164 24.47 -2.45 -37.79
CA ASP A 164 24.02 -3.08 -36.54
C ASP A 164 22.85 -2.32 -35.91
N VAL A 165 21.85 -2.05 -36.73
CA VAL A 165 20.69 -1.25 -36.29
C VAL A 165 19.98 -1.94 -35.12
N LYS A 166 19.69 -1.18 -34.07
CA LYS A 166 19.04 -1.69 -32.89
C LYS A 166 17.57 -1.30 -32.79
N LEU A 167 17.21 -0.19 -33.44
CA LEU A 167 15.89 0.41 -33.35
C LEU A 167 15.49 0.99 -34.70
N TYR A 168 14.24 0.74 -35.11
CA TYR A 168 13.68 1.25 -36.34
C TYR A 168 12.47 2.12 -35.97
N LEU A 169 12.54 3.41 -36.31
CA LEU A 169 11.43 4.35 -36.20
C LEU A 169 10.67 4.36 -37.53
N LEU A 170 9.52 3.71 -37.51
CA LEU A 170 8.67 3.57 -38.69
C LEU A 170 7.57 4.62 -38.60
N CYS A 171 7.26 5.25 -39.73
CA CYS A 171 6.18 6.22 -39.83
C CYS A 171 5.08 5.56 -40.67
N ASN A 172 3.92 5.31 -40.06
CA ASN A 172 2.81 4.53 -40.68
CA ASN A 172 2.81 4.66 -40.77
C ASN A 172 1.44 5.14 -40.33
N PRO A 173 0.80 5.96 -41.20
CA PRO A 173 1.17 6.41 -42.54
C PRO A 173 2.43 7.26 -42.54
N HIS A 174 3.15 7.23 -43.65
CA HIS A 174 4.42 7.93 -43.76
C HIS A 174 4.20 9.40 -44.10
N ASN A 175 4.86 10.27 -43.32
CA ASN A 175 4.83 11.72 -43.46
C ASN A 175 6.27 12.14 -43.72
N PRO A 176 6.56 12.78 -44.87
CA PRO A 176 5.68 13.28 -45.90
C PRO A 176 5.33 12.25 -46.97
N GLY A 177 4.52 12.67 -47.94
CA GLY A 177 4.07 11.78 -48.99
C GLY A 177 2.70 11.20 -48.70
N GLY A 178 2.44 10.85 -47.44
CA GLY A 178 1.13 10.26 -47.10
C GLY A 178 0.97 8.82 -47.54
N ARG A 179 2.04 8.04 -47.36
CA ARG A 179 2.07 6.66 -47.82
C ARG A 179 1.45 5.74 -46.79
N VAL A 180 0.44 4.97 -47.22
CA VAL A 180 -0.32 4.07 -46.33
C VAL A 180 0.15 2.66 -46.64
N TRP A 181 1.12 2.17 -45.86
CA TRP A 181 1.83 0.94 -46.17
C TRP A 181 0.87 -0.26 -46.13
N GLU A 182 0.98 -1.13 -47.14
CA GLU A 182 0.17 -2.35 -47.16
C GLU A 182 0.64 -3.34 -46.11
N ARG A 183 -0.25 -4.21 -45.72
CA ARG A 183 0.09 -5.25 -44.78
C ARG A 183 1.33 -6.06 -45.26
N GLU A 184 1.42 -6.34 -46.57
CA GLU A 184 2.53 -7.12 -47.12
C GLU A 184 3.87 -6.41 -46.96
N VAL A 185 3.85 -5.08 -47.03
CA VAL A 185 5.07 -4.27 -46.81
C VAL A 185 5.46 -4.35 -45.33
N LEU A 186 4.50 -4.15 -44.44
CA LEU A 186 4.75 -4.19 -43.01
C LEU A 186 5.24 -5.59 -42.57
N GLU A 187 4.70 -6.62 -43.20
CA GLU A 187 5.13 -7.98 -42.86
C GLU A 187 6.61 -8.20 -43.20
N GLN A 188 7.04 -7.70 -44.35
CA GLN A 188 8.44 -7.79 -44.75
C GLN A 188 9.38 -7.02 -43.78
N ILE A 189 8.94 -5.83 -43.39
CA ILE A 189 9.66 -5.04 -42.37
C ILE A 189 9.79 -5.84 -41.07
N GLY A 190 8.66 -6.36 -40.58
CA GLY A 190 8.68 -7.11 -39.33
C GLY A 190 9.58 -8.33 -39.38
N HIS A 191 9.54 -9.07 -40.48
CA HIS A 191 10.43 -10.22 -40.63
C HIS A 191 11.91 -9.83 -40.57
N LEU A 192 12.26 -8.69 -41.18
CA LEU A 192 13.62 -8.20 -41.07
C LEU A 192 14.00 -7.87 -39.64
N CYS A 193 13.07 -7.27 -38.88
CA CYS A 193 13.32 -6.96 -37.47
C CYS A 193 13.52 -8.21 -36.64
N GLN A 194 12.74 -9.25 -36.97
CA GLN A 194 12.88 -10.53 -36.29
C GLN A 194 14.24 -11.16 -36.59
N LYS A 195 14.63 -11.12 -37.86
CA LYS A 195 15.90 -11.73 -38.30
C LYS A 195 17.10 -11.06 -37.65
N HIS A 196 17.05 -9.72 -37.56
CA HIS A 196 18.25 -8.95 -37.19
C HIS A 196 18.16 -8.34 -35.81
N HIS A 197 17.16 -8.75 -35.04
CA HIS A 197 17.00 -8.40 -33.63
C HIS A 197 16.83 -6.88 -33.41
N VAL A 198 15.91 -6.32 -34.17
CA VAL A 198 15.61 -4.89 -34.16
C VAL A 198 14.29 -4.64 -33.44
N ILE A 199 14.26 -3.63 -32.57
CA ILE A 199 13.05 -3.15 -31.95
C ILE A 199 12.42 -2.12 -32.89
N LEU A 200 11.09 -2.17 -33.01
CA LEU A 200 10.40 -1.28 -33.96
C LEU A 200 9.39 -0.43 -33.24
N VAL A 201 9.45 0.87 -33.50
CA VAL A 201 8.47 1.82 -32.99
C VAL A 201 7.67 2.32 -34.20
N SER A 202 6.37 2.01 -34.20
CA SER A 202 5.47 2.40 -35.29
C SER A 202 4.70 3.67 -34.88
N ASP A 203 5.09 4.79 -35.49
CA ASP A 203 4.45 6.09 -35.27
C ASP A 203 3.21 6.16 -36.16
N GLU A 204 2.07 5.91 -35.55
CA GLU A 204 0.79 5.83 -36.25
C GLU A 204 -0.12 7.01 -35.94
N ILE A 205 0.48 8.18 -35.74
CA ILE A 205 -0.29 9.35 -35.39
C ILE A 205 -1.31 9.76 -36.48
N HIS A 206 -1.03 9.47 -37.75
CA HIS A 206 -1.94 9.80 -38.84
C HIS A 206 -2.92 8.67 -39.20
N GLN A 207 -3.07 7.69 -38.30
CA GLN A 207 -3.73 6.43 -38.65
C GLN A 207 -5.20 6.58 -38.99
N ASP A 208 -5.86 7.63 -38.48
CA ASP A 208 -7.31 7.82 -38.74
C ASP A 208 -7.58 8.62 -40.01
N LEU A 209 -6.50 9.01 -40.70
CA LEU A 209 -6.59 9.94 -41.82
C LEU A 209 -6.21 9.29 -43.15
N THR A 210 -6.54 8.00 -43.28
CA THR A 210 -6.30 7.32 -44.56
C THR A 210 -7.51 7.54 -45.47
N LEU A 211 -7.25 7.70 -46.75
CA LEU A 211 -8.22 8.27 -47.67
C LEU A 211 -8.33 7.44 -48.95
N PHE A 212 -9.33 7.75 -49.77
CA PHE A 212 -9.46 7.13 -51.11
C PHE A 212 -9.48 5.60 -51.10
N GLY A 213 -10.05 5.01 -50.07
CA GLY A 213 -10.10 3.56 -49.96
C GLY A 213 -8.93 2.91 -49.27
N HIS A 214 -7.88 3.69 -48.97
CA HIS A 214 -6.69 3.13 -48.36
C HIS A 214 -6.97 2.89 -46.88
N GLU A 215 -6.56 1.72 -46.42
CA GLU A 215 -6.81 1.30 -45.04
C GLU A 215 -5.51 1.25 -44.26
N HIS A 216 -5.54 1.86 -43.08
CA HIS A 216 -4.43 1.77 -42.15
C HIS A 216 -4.31 0.36 -41.63
N VAL A 217 -3.09 -0.17 -41.62
CA VAL A 217 -2.84 -1.45 -40.99
C VAL A 217 -1.92 -1.22 -39.77
N SER A 218 -2.47 -1.36 -38.57
CA SER A 218 -1.67 -1.13 -37.36
C SER A 218 -0.65 -2.25 -37.23
N PHE A 219 0.56 -1.91 -36.80
CA PHE A 219 1.70 -2.77 -37.03
C PHE A 219 1.55 -4.15 -36.38
N ASN A 220 1.09 -4.19 -35.14
CA ASN A 220 1.00 -5.43 -34.41
C ASN A 220 -0.19 -6.29 -34.84
N THR A 221 -1.06 -5.74 -35.67
CA THR A 221 -2.14 -6.55 -36.28
C THR A 221 -1.63 -7.38 -37.47
N VAL A 222 -0.39 -7.13 -37.92
CA VAL A 222 0.14 -7.81 -39.11
C VAL A 222 0.44 -9.28 -38.80
N SER A 223 0.90 -9.55 -37.58
CA SER A 223 1.30 -10.88 -37.16
C SER A 223 1.26 -10.93 -35.65
N PRO A 224 0.72 -12.02 -35.05
CA PRO A 224 0.56 -12.03 -33.60
C PRO A 224 1.87 -11.97 -32.79
N ASP A 225 3.00 -12.27 -33.40
CA ASP A 225 4.30 -12.25 -32.75
CA ASP A 225 4.26 -12.22 -32.66
C ASP A 225 4.98 -10.88 -32.84
N PHE A 226 4.38 -9.96 -33.60
CA PHE A 226 5.10 -8.68 -33.84
C PHE A 226 5.23 -7.86 -32.54
N LYS A 227 4.29 -8.06 -31.61
CA LYS A 227 4.35 -7.39 -30.31
C LYS A 227 5.60 -7.77 -29.52
N ASP A 228 6.27 -8.85 -29.89
CA ASP A 228 7.52 -9.24 -29.21
C ASP A 228 8.65 -8.19 -29.39
N PHE A 229 8.60 -7.40 -30.48
CA PHE A 229 9.65 -6.43 -30.79
C PHE A 229 9.11 -5.04 -31.17
N ALA A 230 7.80 -4.89 -31.31
CA ALA A 230 7.24 -3.64 -31.86
C ALA A 230 6.23 -3.01 -30.91
N LEU A 231 6.23 -1.67 -30.87
CA LEU A 231 5.20 -0.94 -30.15
C LEU A 231 4.59 0.13 -31.06
N VAL A 232 3.39 0.58 -30.71
CA VAL A 232 2.65 1.51 -31.54
C VAL A 232 2.48 2.79 -30.78
N LEU A 233 2.72 3.92 -31.45
CA LEU A 233 2.43 5.23 -30.90
C LEU A 233 1.27 5.83 -31.68
N SER A 234 0.28 6.39 -30.98
CA SER A 234 -0.72 7.23 -31.67
C SER A 234 -1.34 8.25 -30.74
N SER A 235 -2.40 8.90 -31.23
CA SER A 235 -2.98 10.03 -30.52
C SER A 235 -4.32 10.38 -31.14
N ALA A 236 -5.10 11.14 -30.39
CA ALA A 236 -6.31 11.79 -30.95
C ALA A 236 -5.98 13.15 -31.58
N THR A 237 -4.76 13.65 -31.35
CA THR A 237 -4.50 15.05 -31.68
C THR A 237 -4.51 15.42 -33.16
N LYS A 238 -3.90 14.59 -34.01
CA LYS A 238 -3.91 14.88 -35.45
C LYS A 238 -5.29 14.64 -36.04
N THR A 239 -5.92 13.55 -35.63
CA THR A 239 -7.25 13.20 -36.11
C THR A 239 -8.26 14.33 -35.88
N PHE A 240 -8.21 14.96 -34.70
CA PHE A 240 -9.27 15.85 -34.25
C PHE A 240 -8.83 17.30 -34.07
N ASN A 241 -7.60 17.61 -34.49
CA ASN A 241 -7.09 18.99 -34.49
C ASN A 241 -6.97 19.56 -33.07
N ILE A 242 -6.41 18.76 -32.17
CA ILE A 242 -6.30 19.14 -30.76
C ILE A 242 -4.85 19.02 -30.23
N ALA A 243 -3.89 19.35 -31.07
CA ALA A 243 -2.44 19.22 -30.76
C ALA A 243 -1.99 20.01 -29.54
N GLY A 244 -2.66 21.14 -29.28
CA GLY A 244 -2.36 21.96 -28.10
C GLY A 244 -2.86 21.41 -26.77
N THR A 245 -3.64 20.34 -26.79
CA THR A 245 -4.09 19.71 -25.53
C THR A 245 -3.08 18.72 -24.92
N LYS A 246 -2.11 18.27 -25.71
CA LYS A 246 -0.92 17.53 -25.23
C LYS A 246 -1.26 16.20 -24.54
N ASN A 247 -1.76 15.26 -25.32
CA ASN A 247 -1.84 13.89 -24.84
C ASN A 247 -1.74 12.95 -26.02
N SER A 248 -1.22 11.77 -25.76
CA SER A 248 -0.96 10.75 -26.75
C SER A 248 -0.73 9.44 -25.99
N TYR A 249 -0.52 8.35 -26.72
CA TYR A 249 -0.27 7.09 -26.04
C TYR A 249 0.63 6.17 -26.83
N ALA A 250 1.26 5.26 -26.09
CA ALA A 250 1.99 4.12 -26.63
C ALA A 250 1.16 2.90 -26.26
N ILE A 251 1.02 1.98 -27.21
CA ILE A 251 0.53 0.64 -26.90
C ILE A 251 1.69 -0.32 -26.93
N ILE A 252 2.00 -0.89 -25.76
CA ILE A 252 3.19 -1.73 -25.58
C ILE A 252 2.80 -3.04 -24.92
N GLU A 253 2.48 -4.04 -25.75
CA GLU A 253 1.97 -5.30 -25.23
C GLU A 253 3.03 -6.17 -24.59
N ASN A 254 4.27 -6.07 -25.08
CA ASN A 254 5.35 -6.88 -24.53
C ASN A 254 5.71 -6.34 -23.15
N PRO A 255 5.67 -7.20 -22.12
CA PRO A 255 5.92 -6.72 -20.76
C PRO A 255 7.30 -6.09 -20.56
N THR A 256 8.34 -6.65 -21.20
CA THR A 256 9.69 -6.13 -21.06
C THR A 256 9.83 -4.75 -21.71
N LEU A 257 9.37 -4.61 -22.95
CA LEU A 257 9.42 -3.32 -23.63
C LEU A 257 8.59 -2.31 -22.88
N CYS A 258 7.44 -2.72 -22.35
CA CYS A 258 6.58 -1.80 -21.67
C CYS A 258 7.26 -1.26 -20.42
N ALA A 259 7.84 -2.16 -19.64
CA ALA A 259 8.57 -1.78 -18.41
C ALA A 259 9.74 -0.86 -18.73
N GLN A 260 10.47 -1.15 -19.80
CA GLN A 260 11.63 -0.38 -20.16
CA GLN A 260 11.64 -0.39 -20.27
C GLN A 260 11.24 1.03 -20.59
N PHE A 261 10.14 1.14 -21.34
CA PHE A 261 9.63 2.45 -21.73
C PHE A 261 9.15 3.25 -20.51
N LYS A 262 8.35 2.62 -19.68
CA LYS A 262 7.79 3.31 -18.53
C LYS A 262 8.91 3.72 -17.60
N HIS A 263 9.93 2.87 -17.48
CA HIS A 263 11.06 3.21 -16.61
C HIS A 263 11.75 4.46 -17.11
N GLN A 264 12.07 4.50 -18.39
CA GLN A 264 12.74 5.67 -18.97
C GLN A 264 11.86 6.92 -18.82
N GLN A 265 10.57 6.75 -19.05
CA GLN A 265 9.62 7.84 -18.92
C GLN A 265 9.68 8.46 -17.52
N LEU A 266 9.77 7.62 -16.49
CA LEU A 266 9.91 8.07 -15.11
C LEU A 266 11.30 8.66 -14.78
N VAL A 267 12.35 8.03 -15.29
CA VAL A 267 13.71 8.59 -15.18
C VAL A 267 13.70 10.05 -15.69
N ASN A 268 12.94 10.29 -16.75
CA ASN A 268 12.86 11.61 -17.38
C ASN A 268 11.81 12.53 -16.76
N ASN A 269 11.07 12.03 -15.74
CA ASN A 269 9.94 12.72 -15.13
C ASN A 269 8.99 13.22 -16.22
N HIS A 270 8.76 12.36 -17.21
CA HIS A 270 7.96 12.70 -18.37
C HIS A 270 6.67 11.83 -18.36
N HIS A 271 6.22 11.50 -17.15
CA HIS A 271 5.15 10.54 -16.91
C HIS A 271 3.76 11.14 -16.63
N GLU A 272 3.68 12.46 -16.46
CA GLU A 272 2.40 13.10 -16.20
C GLU A 272 1.84 13.87 -17.42
N VAL A 273 0.52 14.00 -17.45
CA VAL A 273 -0.23 14.65 -18.52
C VAL A 273 -1.19 15.62 -17.84
N SER A 274 -1.53 16.71 -18.55
CA SER A 274 -2.43 17.71 -18.04
C SER A 274 -3.86 17.18 -18.01
N SER A 275 -4.66 17.79 -17.16
CA SER A 275 -6.05 17.37 -16.99
C SER A 275 -6.83 17.46 -18.28
N LEU A 276 -6.66 18.55 -19.02
CA LEU A 276 -7.40 18.70 -20.28
C LEU A 276 -6.86 17.76 -21.34
N GLY A 277 -5.56 17.46 -21.30
CA GLY A 277 -5.00 16.41 -22.12
C GLY A 277 -5.81 15.12 -22.02
N TYR A 278 -6.06 14.66 -20.81
CA TYR A 278 -6.87 13.46 -20.63
C TYR A 278 -8.31 13.65 -21.12
N ILE A 279 -8.94 14.76 -20.72
CA ILE A 279 -10.35 15.02 -21.05
C ILE A 279 -10.56 15.10 -22.55
N ALA A 280 -9.67 15.82 -23.25
CA ALA A 280 -9.90 16.09 -24.66
C ALA A 280 -9.80 14.79 -25.46
N THR A 281 -8.86 13.91 -25.10
CA THR A 281 -8.68 12.63 -25.84
C THR A 281 -9.90 11.73 -25.64
N GLU A 282 -10.34 11.60 -24.39
CA GLU A 282 -11.53 10.78 -24.13
C GLU A 282 -12.75 11.30 -24.90
N THR A 283 -12.96 12.61 -24.85
CA THR A 283 -14.12 13.23 -25.48
C THR A 283 -14.07 13.03 -27.01
N ALA A 284 -12.90 13.28 -27.58
CA ALA A 284 -12.70 13.13 -29.03
C ALA A 284 -13.04 11.71 -29.49
N TYR A 285 -12.50 10.71 -28.80
CA TYR A 285 -12.77 9.31 -29.17
C TYR A 285 -14.22 8.92 -28.94
N ARG A 286 -14.86 9.48 -27.92
CA ARG A 286 -16.26 9.14 -27.59
CA ARG A 286 -16.25 9.10 -27.61
C ARG A 286 -17.23 9.66 -28.66
N TYR A 287 -17.02 10.90 -29.08
CA TYR A 287 -18.00 11.60 -29.91
C TYR A 287 -17.58 11.90 -31.33
N GLY A 288 -16.32 11.60 -31.68
CA GLY A 288 -15.70 12.15 -32.89
C GLY A 288 -15.94 11.44 -34.22
N LYS A 289 -16.49 10.24 -34.20
CA LYS A 289 -16.60 9.47 -35.45
C LYS A 289 -17.39 10.17 -36.56
N PRO A 290 -18.59 10.69 -36.26
CA PRO A 290 -19.31 11.40 -37.36
C PRO A 290 -18.56 12.61 -37.93
N TRP A 291 -17.89 13.37 -37.05
CA TRP A 291 -17.09 14.48 -37.47
C TRP A 291 -15.91 14.02 -38.38
N LEU A 292 -15.28 12.92 -38.01
CA LEU A 292 -14.18 12.36 -38.76
C LEU A 292 -14.63 11.93 -40.16
N VAL A 293 -15.79 11.29 -40.23
CA VAL A 293 -16.38 10.88 -41.52
C VAL A 293 -16.57 12.11 -42.43
N ALA A 294 -17.11 13.17 -41.85
CA ALA A 294 -17.34 14.41 -42.57
C ALA A 294 -16.02 15.06 -42.99
N LEU A 295 -15.06 15.08 -42.07
CA LEU A 295 -13.72 15.58 -42.37
C LEU A 295 -13.10 14.87 -43.57
N LYS A 296 -13.11 13.55 -43.56
CA LYS A 296 -12.41 12.79 -44.60
C LYS A 296 -12.98 13.08 -46.00
N ALA A 297 -14.29 13.31 -46.08
CA ALA A 297 -14.91 13.68 -47.36
C ALA A 297 -14.40 15.03 -47.88
N VAL A 298 -14.27 15.98 -46.97
CA VAL A 298 -13.74 17.31 -47.27
C VAL A 298 -12.27 17.23 -47.70
N LEU A 299 -11.46 16.46 -46.98
CA LEU A 299 -10.06 16.29 -47.33
C LEU A 299 -9.91 15.67 -48.71
N GLU A 300 -10.72 14.66 -49.01
CA GLU A 300 -10.65 14.04 -50.35
C GLU A 300 -10.98 15.05 -51.47
N GLU A 301 -12.06 15.81 -51.29
CA GLU A 301 -12.41 16.85 -52.26
C GLU A 301 -11.27 17.86 -52.45
N ASN A 302 -10.66 18.28 -51.34
CA ASN A 302 -9.55 19.24 -51.40
C ASN A 302 -8.32 18.69 -52.13
N ILE A 303 -7.99 17.43 -51.86
CA ILE A 303 -6.83 16.80 -52.51
C ILE A 303 -7.10 16.65 -54.00
N GLN A 304 -8.28 16.15 -54.35
CA GLN A 304 -8.64 15.96 -55.77
C GLN A 304 -8.59 17.30 -56.50
N PHE A 305 -9.10 18.35 -55.86
CA PHE A 305 -9.07 19.67 -56.47
C PHE A 305 -7.64 20.07 -56.74
N ALA A 306 -6.77 19.91 -55.75
CA ALA A 306 -5.38 20.35 -55.86
C ALA A 306 -4.66 19.62 -56.98
N VAL A 307 -4.83 18.30 -57.05
CA VAL A 307 -4.16 17.48 -58.04
C VAL A 307 -4.61 17.94 -59.43
N GLU A 308 -5.91 18.17 -59.60
CA GLU A 308 -6.42 18.55 -60.93
C GLU A 308 -6.01 19.96 -61.31
N TYR A 309 -6.07 20.88 -60.34
CA TYR A 309 -5.67 22.27 -60.56
C TYR A 309 -4.19 22.39 -60.94
N PHE A 310 -3.33 21.67 -60.23
CA PHE A 310 -1.91 21.67 -60.55
C PHE A 310 -1.66 21.02 -61.91
N ALA A 311 -2.40 19.96 -62.24
CA ALA A 311 -2.25 19.32 -63.56
C ALA A 311 -2.55 20.30 -64.68
N GLN A 312 -3.57 21.13 -64.47
CA GLN A 312 -4.01 22.09 -65.47
C GLN A 312 -3.13 23.31 -65.53
N GLU A 313 -2.73 23.83 -64.37
CA GLU A 313 -2.05 25.13 -64.30
C GLU A 313 -0.53 25.06 -64.18
N ALA A 314 0.00 23.90 -63.76
CA ALA A 314 1.44 23.69 -63.60
C ALA A 314 1.78 22.22 -63.87
N PRO A 315 1.59 21.76 -65.12
CA PRO A 315 1.90 20.38 -65.51
C PRO A 315 3.33 19.93 -65.18
N ARG A 316 4.29 20.85 -65.10
CA ARG A 316 5.66 20.49 -64.76
C ARG A 316 5.86 20.16 -63.27
N LEU A 317 4.92 20.61 -62.45
CA LEU A 317 5.00 20.34 -61.00
C LEU A 317 4.58 18.88 -60.76
N LYS A 318 5.43 18.12 -60.07
CA LYS A 318 5.11 16.73 -59.78
C LYS A 318 4.48 16.60 -58.42
N VAL A 319 3.24 16.11 -58.41
CA VAL A 319 2.40 16.01 -57.23
C VAL A 319 2.24 14.55 -56.82
N MET A 320 2.68 14.24 -55.60
CA MET A 320 2.49 12.90 -55.03
C MET A 320 1.12 12.91 -54.37
N LYS A 321 0.19 12.11 -54.87
CA LYS A 321 -1.14 12.08 -54.31
C LYS A 321 -1.08 11.30 -52.98
N PRO A 322 -1.47 11.95 -51.89
CA PRO A 322 -1.47 11.21 -50.62
C PRO A 322 -2.45 10.04 -50.62
N GLN A 323 -2.03 8.92 -50.03
CA GLN A 323 -2.95 7.86 -49.65
C GLN A 323 -3.60 8.12 -48.29
N GLY A 324 -2.96 8.96 -47.49
CA GLY A 324 -3.43 9.33 -46.17
C GLY A 324 -2.72 10.57 -45.72
N THR A 325 -3.11 11.07 -44.54
CA THR A 325 -2.73 12.41 -44.07
C THR A 325 -3.41 13.50 -44.91
N TYR A 326 -3.35 14.75 -44.43
CA TYR A 326 -3.93 15.88 -45.15
C TYR A 326 -2.88 16.80 -45.76
N LEU A 327 -1.74 16.17 -46.06
CA LEU A 327 -0.52 16.85 -46.46
C LEU A 327 -0.04 16.33 -47.83
N ILE A 328 0.25 17.26 -48.73
CA ILE A 328 0.64 16.92 -50.09
C ILE A 328 2.11 17.27 -50.35
N TRP A 329 2.89 16.29 -50.81
CA TRP A 329 4.31 16.42 -51.12
C TRP A 329 4.49 16.81 -52.58
N LEU A 330 5.04 18.00 -52.78
CA LEU A 330 5.22 18.63 -54.10
C LEU A 330 6.68 18.67 -54.48
N ASP A 331 6.97 18.30 -55.72
CA ASP A 331 8.32 18.20 -56.25
C ASP A 331 8.50 19.21 -57.37
N PHE A 332 9.33 20.22 -57.11
CA PHE A 332 9.60 21.31 -58.07
C PHE A 332 10.90 21.07 -58.85
N SER A 333 11.38 19.83 -58.87
CA SER A 333 12.68 19.50 -59.48
C SER A 333 12.79 19.81 -60.96
N ASP A 334 11.68 19.88 -61.69
CA ASP A 334 11.74 20.20 -63.12
C ASP A 334 11.97 21.69 -63.40
N TYR A 335 11.89 22.53 -62.36
CA TYR A 335 12.10 23.96 -62.50
C TYR A 335 13.56 24.35 -62.27
N GLY A 336 14.00 25.42 -62.94
CA GLY A 336 15.36 25.91 -62.80
C GLY A 336 15.54 26.74 -61.55
N LEU A 337 15.48 26.06 -60.41
CA LEU A 337 15.54 26.67 -59.10
C LEU A 337 16.52 25.88 -58.25
N THR A 338 17.08 26.55 -57.26
CA THR A 338 17.80 25.89 -56.18
C THR A 338 16.79 25.72 -55.05
N ASP A 339 17.17 24.93 -54.06
CA ASP A 339 16.32 24.71 -52.90
C ASP A 339 16.03 26.04 -52.19
N ASP A 340 17.05 26.87 -52.04
CA ASP A 340 16.85 28.18 -51.42
C ASP A 340 15.99 29.12 -52.27
N ALA A 341 16.15 29.10 -53.60
CA ALA A 341 15.37 29.95 -54.48
C ALA A 341 13.90 29.54 -54.52
N LEU A 342 13.65 28.24 -54.42
CA LEU A 342 12.29 27.74 -54.28
C LEU A 342 11.62 28.30 -53.03
N PHE A 343 12.34 28.24 -51.90
CA PHE A 343 11.80 28.72 -50.63
C PHE A 343 11.43 30.21 -50.73
N THR A 344 12.36 31.01 -51.21
CA THR A 344 12.10 32.44 -51.28
CA THR A 344 12.16 32.46 -51.36
C THR A 344 11.00 32.75 -52.31
N LEU A 345 10.92 32.00 -53.40
CA LEU A 345 9.86 32.20 -54.37
C LEU A 345 8.47 31.97 -53.72
N LEU A 346 8.32 30.86 -53.01
CA LEU A 346 7.03 30.54 -52.42
C LEU A 346 6.69 31.51 -51.30
N HIS A 347 7.66 31.77 -50.44
CA HIS A 347 7.40 32.54 -49.23
C HIS A 347 7.26 34.03 -49.50
N ASP A 348 8.16 34.58 -50.34
CA ASP A 348 8.23 36.04 -50.52
C ASP A 348 7.47 36.55 -51.72
N GLN A 349 7.39 35.76 -52.77
CA GLN A 349 6.71 36.17 -53.98
C GLN A 349 5.29 35.64 -54.00
N ALA A 350 5.10 34.34 -53.77
CA ALA A 350 3.77 33.75 -53.76
C ALA A 350 3.02 34.00 -52.43
N LYS A 351 3.75 34.37 -51.38
CA LYS A 351 3.20 34.68 -50.06
C LYS A 351 2.42 33.47 -49.52
N VAL A 352 3.01 32.29 -49.66
CA VAL A 352 2.49 31.06 -49.07
C VAL A 352 3.59 30.36 -48.27
N ILE A 353 3.24 29.90 -47.07
CA ILE A 353 4.17 29.22 -46.17
C ILE A 353 3.89 27.70 -46.26
N LEU A 354 4.80 27.01 -46.95
CA LEU A 354 4.80 25.55 -47.07
C LEU A 354 6.07 25.04 -46.37
N ASN A 355 6.02 23.83 -45.82
CA ASN A 355 7.24 23.27 -45.25
C ASN A 355 8.29 23.06 -46.35
N ARG A 356 9.54 23.43 -46.05
CA ARG A 356 10.65 23.20 -46.96
C ARG A 356 10.94 21.71 -46.99
N GLY A 357 10.85 21.12 -48.18
CA GLY A 357 11.11 19.71 -48.34
C GLY A 357 12.47 19.28 -47.80
N SER A 358 13.47 20.15 -47.93
CA SER A 358 14.82 19.80 -47.50
C SER A 358 14.92 19.60 -45.97
N ASP A 359 13.94 20.10 -45.22
CA ASP A 359 13.83 19.82 -43.78
C ASP A 359 13.75 18.32 -43.48
N TYR A 360 13.22 17.56 -44.44
CA TYR A 360 12.83 16.14 -44.26
C TYR A 360 13.97 15.17 -44.65
N GLY A 361 15.07 15.74 -45.14
CA GLY A 361 16.20 14.96 -45.63
C GLY A 361 16.56 15.36 -47.03
N SER A 362 17.66 14.81 -47.52
CA SER A 362 18.21 15.20 -48.83
C SER A 362 17.25 14.87 -49.96
N GLU A 363 16.45 13.84 -49.78
CA GLU A 363 15.43 13.48 -50.75
C GLU A 363 14.38 14.57 -50.96
N GLY A 364 14.26 15.48 -50.00
CA GLY A 364 13.31 16.58 -50.03
C GLY A 364 13.80 17.82 -50.75
N GLU A 365 15.04 17.80 -51.24
CA GLU A 365 15.55 18.89 -52.07
CA GLU A 365 15.55 18.88 -52.09
C GLU A 365 14.55 19.24 -53.19
N LEU A 366 14.29 20.54 -53.33
CA LEU A 366 13.38 21.06 -54.36
C LEU A 366 11.93 20.58 -54.19
N HIS A 367 11.59 20.09 -52.99
CA HIS A 367 10.20 19.82 -52.64
C HIS A 367 9.64 20.84 -51.65
N ALA A 368 8.31 20.83 -51.53
CA ALA A 368 7.62 21.51 -50.43
C ALA A 368 6.40 20.69 -50.05
N ARG A 369 5.92 20.92 -48.85
CA ARG A 369 4.78 20.17 -48.35
C ARG A 369 3.62 21.12 -48.05
N LEU A 370 2.47 20.76 -48.61
CA LEU A 370 1.24 21.55 -48.58
C LEU A 370 0.14 20.94 -47.71
N ASN A 371 -0.37 21.73 -46.76
CA ASN A 371 -1.43 21.34 -45.86
C ASN A 371 -2.80 21.76 -46.43
N ILE A 372 -3.62 20.78 -46.81
CA ILE A 372 -4.94 21.08 -47.37
C ILE A 372 -6.12 20.92 -46.41
N ALA A 373 -5.85 20.85 -45.10
CA ALA A 373 -6.91 20.73 -44.10
C ALA A 373 -7.38 22.15 -43.71
N ALA A 374 -8.04 22.77 -44.68
CA ALA A 374 -8.66 24.07 -44.55
C ALA A 374 -9.86 24.14 -45.46
N PRO A 375 -10.73 25.15 -45.25
CA PRO A 375 -11.85 25.31 -46.17
C PRO A 375 -11.46 25.34 -47.64
N LYS A 376 -12.33 24.80 -48.50
CA LYS A 376 -12.05 24.69 -49.94
CA LYS A 376 -12.01 24.68 -49.92
C LYS A 376 -11.60 26.02 -50.54
N SER A 377 -12.28 27.09 -50.17
CA SER A 377 -11.96 28.43 -50.71
C SER A 377 -10.53 28.84 -50.40
N LEU A 378 -10.05 28.50 -49.20
CA LEU A 378 -8.67 28.76 -48.81
C LEU A 378 -7.72 27.87 -49.61
N VAL A 379 -8.02 26.58 -49.70
CA VAL A 379 -7.21 25.68 -50.52
C VAL A 379 -7.13 26.20 -51.98
N GLU A 380 -8.23 26.70 -52.54
CA GLU A 380 -8.19 27.22 -53.91
C GLU A 380 -7.21 28.41 -54.03
N GLU A 381 -7.22 29.27 -53.02
CA GLU A 381 -6.36 30.45 -53.01
C GLU A 381 -4.89 30.05 -52.90
N ILE A 382 -4.62 29.11 -52.00
CA ILE A 382 -3.25 28.64 -51.80
C ILE A 382 -2.68 28.00 -53.08
N CYS A 383 -3.46 27.14 -53.73
CA CYS A 383 -3.02 26.49 -54.97
C CYS A 383 -2.77 27.54 -56.08
N LYS A 384 -3.64 28.54 -56.14
CA LYS A 384 -3.50 29.61 -57.11
C LYS A 384 -2.17 30.34 -56.89
N ARG A 385 -1.83 30.59 -55.64
CA ARG A 385 -0.56 31.24 -55.32
C ARG A 385 0.65 30.40 -55.68
N ILE A 386 0.58 29.09 -55.44
CA ILE A 386 1.68 28.15 -55.72
C ILE A 386 2.01 28.12 -57.21
N VAL A 387 1.01 28.22 -58.07
CA VAL A 387 1.23 28.19 -59.53
C VAL A 387 1.53 29.55 -60.13
N CYS A 388 1.29 30.61 -59.36
CA CYS A 388 1.31 31.98 -59.87
C CYS A 388 2.69 32.44 -60.35
N CYS A 389 3.74 31.99 -59.65
CA CYS A 389 5.04 32.60 -59.84
CA CYS A 389 5.09 32.56 -59.73
C CYS A 389 6.15 31.56 -60.23
N LEU A 390 5.74 30.39 -60.73
CA LEU A 390 6.73 29.36 -61.12
C LEU A 390 7.46 29.75 -62.41
N PRO A 391 8.81 29.62 -62.46
CA PRO A 391 9.59 30.14 -63.60
C PRO A 391 9.53 29.29 -64.86
N LYS A 392 9.62 29.95 -66.02
CA LYS A 392 9.71 29.26 -67.30
C LYS A 392 11.01 28.48 -67.39
N SER B 6 -19.39 38.77 -3.68
CA SER B 6 -18.70 39.94 -3.08
C SER B 6 -17.41 39.57 -2.33
N LYS B 7 -17.12 38.28 -2.19
CA LYS B 7 -15.86 37.83 -1.60
C LYS B 7 -15.41 36.53 -2.28
N TYR B 8 -14.11 36.24 -2.19
CA TYR B 8 -13.62 34.96 -2.65
C TYR B 8 -14.11 33.89 -1.69
N ASN B 9 -14.37 32.71 -2.23
CA ASN B 9 -14.90 31.59 -1.46
C ASN B 9 -13.78 30.71 -0.89
N PHE B 10 -13.59 30.75 0.43
CA PHE B 10 -12.71 29.80 1.15
C PHE B 10 -13.52 29.03 2.20
N GLN B 11 -14.84 29.10 2.08
CA GLN B 11 -15.76 28.51 3.04
C GLN B 11 -16.31 27.15 2.62
N THR B 12 -16.50 26.96 1.31
CA THR B 12 -16.97 25.69 0.77
C THR B 12 -16.04 25.21 -0.33
N ALA B 13 -15.92 23.89 -0.42
CA ALA B 13 -15.04 23.22 -1.37
C ALA B 13 -15.85 22.54 -2.42
N PRO B 14 -15.53 22.81 -3.69
CA PRO B 14 -16.17 22.12 -4.78
C PRO B 14 -16.02 20.60 -4.65
N ASN B 15 -17.07 19.88 -5.01
CA ASN B 15 -17.01 18.44 -5.03
C ASN B 15 -16.10 17.97 -6.17
N ARG B 16 -15.15 17.12 -5.82
CA ARG B 16 -14.12 16.66 -6.75
C ARG B 16 -14.33 15.21 -7.17
N LEU B 17 -15.32 14.54 -6.58
CA LEU B 17 -15.35 13.09 -6.67
C LEU B 17 -15.50 12.52 -8.09
N SER B 18 -16.15 13.22 -9.01
CA SER B 18 -16.34 12.66 -10.37
C SER B 18 -15.25 13.08 -11.36
N HIS B 19 -14.22 13.76 -10.88
CA HIS B 19 -13.26 14.42 -11.74
C HIS B 19 -11.86 13.80 -11.75
N HIS B 20 -11.73 12.57 -11.24
CA HIS B 20 -10.51 11.79 -11.35
C HIS B 20 -9.28 12.51 -10.78
N THR B 21 -9.46 13.05 -9.59
CA THR B 21 -8.36 13.70 -8.88
C THR B 21 -7.51 12.69 -8.11
N TYR B 22 -6.21 12.93 -8.05
CA TYR B 22 -5.38 12.16 -7.15
C TYR B 22 -5.85 12.28 -5.71
N LYS B 23 -6.15 13.51 -5.30
CA LYS B 23 -6.40 13.79 -3.89
C LYS B 23 -7.55 12.93 -3.35
N TRP B 24 -8.63 12.82 -4.13
CA TRP B 24 -9.84 12.12 -3.70
C TRP B 24 -9.99 10.71 -4.27
N LYS B 25 -8.97 10.20 -4.94
CA LYS B 25 -9.03 8.87 -5.55
C LYS B 25 -9.46 7.76 -4.59
N GLU B 26 -8.82 7.64 -3.42
CA GLU B 26 -9.22 6.59 -2.47
C GLU B 26 -10.63 6.72 -1.95
N THR B 27 -11.06 7.97 -1.75
CA THR B 27 -12.40 8.27 -1.23
C THR B 27 -13.48 7.87 -2.24
N GLU B 28 -13.14 7.90 -3.53
CA GLU B 28 -14.08 7.39 -4.55
C GLU B 28 -14.50 5.95 -4.26
N THR B 29 -13.56 5.14 -3.79
CA THR B 29 -13.80 3.74 -3.44
C THR B 29 -14.27 3.60 -1.97
N ASP B 30 -13.60 4.28 -1.05
CA ASP B 30 -13.97 4.23 0.37
C ASP B 30 -14.44 5.60 0.85
N PRO B 31 -15.77 5.80 0.89
CA PRO B 31 -16.29 7.12 1.22
C PRO B 31 -16.04 7.57 2.67
N GLN B 32 -15.54 6.69 3.54
CA GLN B 32 -15.23 7.08 4.93
C GLN B 32 -13.93 7.92 5.04
N LEU B 33 -13.04 7.77 4.07
CA LEU B 33 -11.71 8.40 4.11
C LEU B 33 -11.73 9.87 3.76
N LEU B 34 -11.00 10.67 4.54
CA LEU B 34 -10.87 12.09 4.26
C LEU B 34 -9.42 12.37 3.89
N PRO B 35 -9.20 12.91 2.68
CA PRO B 35 -7.83 13.17 2.23
C PRO B 35 -7.26 14.50 2.72
N ALA B 36 -5.99 14.47 3.12
CA ALA B 36 -5.26 15.68 3.48
C ALA B 36 -3.77 15.48 3.23
N TRP B 37 -3.45 15.04 2.02
CA TRP B 37 -2.11 14.58 1.71
C TRP B 37 -1.47 15.43 0.61
N ILE B 38 -1.63 15.04 -0.65
CA ILE B 38 -1.07 15.74 -1.78
C ILE B 38 -1.39 17.22 -1.79
N ALA B 39 -0.41 18.03 -2.21
CA ALA B 39 -0.53 19.49 -2.24
C ALA B 39 -1.33 20.04 -3.45
N ASP B 40 -2.62 19.73 -3.43
CA ASP B 40 -3.68 20.42 -4.13
C ASP B 40 -4.52 21.05 -3.02
N MET B 41 -5.10 22.21 -3.24
CA MET B 41 -6.02 22.78 -2.25
C MET B 41 -7.43 22.33 -2.55
N ASP B 42 -8.30 22.33 -1.54
CA ASP B 42 -9.71 22.06 -1.76
C ASP B 42 -10.46 23.33 -2.25
N PHE B 43 -9.81 24.49 -2.18
CA PHE B 43 -10.43 25.76 -2.48
C PHE B 43 -10.67 26.00 -3.98
N GLU B 44 -11.81 26.60 -4.30
CA GLU B 44 -12.05 27.14 -5.64
C GLU B 44 -10.88 28.02 -6.09
N VAL B 45 -10.50 27.85 -7.35
CA VAL B 45 -9.48 28.70 -7.95
C VAL B 45 -10.03 30.12 -8.23
N MET B 46 -9.13 31.10 -8.26
CA MET B 46 -9.48 32.48 -8.59
CA MET B 46 -9.51 32.48 -8.57
C MET B 46 -10.37 32.50 -9.82
N PRO B 47 -11.41 33.36 -9.82
CA PRO B 47 -12.40 33.31 -10.90
C PRO B 47 -11.89 33.62 -12.31
N GLU B 48 -10.80 34.39 -12.38
CA GLU B 48 -10.26 34.80 -13.68
C GLU B 48 -9.65 33.60 -14.43
N VAL B 49 -9.10 32.64 -13.70
CA VAL B 49 -8.57 31.42 -14.35
C VAL B 49 -9.73 30.64 -14.96
N LYS B 50 -10.82 30.48 -14.21
CA LYS B 50 -12.01 29.80 -14.73
C LYS B 50 -12.46 30.46 -16.04
N GLN B 51 -12.51 31.77 -16.04
CA GLN B 51 -12.92 32.51 -17.24
C GLN B 51 -11.93 32.33 -18.41
N ALA B 52 -10.63 32.31 -18.10
CA ALA B 52 -9.62 32.04 -19.14
C ALA B 52 -9.80 30.66 -19.80
N ILE B 53 -10.24 29.68 -19.04
CA ILE B 53 -10.48 28.33 -19.59
C ILE B 53 -11.68 28.38 -20.53
N HIS B 54 -12.78 29.02 -20.11
CA HIS B 54 -13.92 29.27 -21.01
C HIS B 54 -13.48 30.02 -22.28
N ASP B 55 -12.67 31.05 -22.12
CA ASP B 55 -12.16 31.80 -23.27
C ASP B 55 -11.30 30.93 -24.21
N TYR B 56 -10.53 30.01 -23.64
CA TYR B 56 -9.76 29.06 -24.45
C TYR B 56 -10.70 28.19 -25.27
N ALA B 57 -11.73 27.64 -24.62
CA ALA B 57 -12.77 26.87 -25.33
C ALA B 57 -13.28 27.65 -26.55
N GLU B 58 -13.50 28.95 -26.37
CA GLU B 58 -14.10 29.79 -27.42
C GLU B 58 -13.14 30.19 -28.55
N GLN B 59 -11.89 29.73 -28.48
CA GLN B 59 -10.99 29.84 -29.62
C GLN B 59 -11.43 28.88 -30.74
N LEU B 60 -12.18 27.84 -30.38
CA LEU B 60 -12.75 26.87 -31.32
C LEU B 60 -11.75 25.90 -31.98
N VAL B 61 -10.46 26.19 -31.94
CA VAL B 61 -9.44 25.33 -32.56
C VAL B 61 -8.35 25.23 -31.52
N TYR B 62 -7.84 24.01 -31.29
CA TYR B 62 -6.96 23.74 -30.13
C TYR B 62 -5.61 23.20 -30.61
N GLY B 63 -4.98 23.97 -31.50
CA GLY B 63 -3.72 23.58 -32.13
C GLY B 63 -2.47 23.98 -31.38
N TYR B 64 -1.34 23.78 -32.02
CA TYR B 64 -0.06 24.07 -31.38
C TYR B 64 0.08 25.58 -31.09
N THR B 65 0.50 25.91 -29.87
CA THR B 65 0.79 27.30 -29.49
C THR B 65 2.17 27.40 -28.81
N TYR B 66 2.67 28.62 -28.67
CA TYR B 66 3.97 28.85 -28.04
C TYR B 66 3.81 29.89 -26.93
N ALA B 67 4.86 30.05 -26.13
CA ALA B 67 4.83 30.99 -24.99
C ALA B 67 4.89 32.42 -25.51
N SER B 68 3.86 33.20 -25.23
CA SER B 68 3.74 34.57 -25.74
C SER B 68 4.62 35.56 -24.97
N ASP B 69 4.86 36.72 -25.58
CA ASP B 69 5.54 37.82 -24.89
C ASP B 69 4.73 38.31 -23.69
N GLU B 70 3.40 38.22 -23.76
CA GLU B 70 2.54 38.64 -22.64
C GLU B 70 2.72 37.71 -21.45
N LEU B 71 2.86 36.41 -21.72
CA LEU B 71 3.10 35.43 -20.64
C LEU B 71 4.50 35.70 -20.04
N LEU B 72 5.51 35.87 -20.89
CA LEU B 72 6.86 36.12 -20.42
C LEU B 72 6.89 37.37 -19.57
N GLN B 73 6.21 38.41 -20.02
CA GLN B 73 6.14 39.66 -19.24
C GLN B 73 5.44 39.50 -17.90
N ALA B 74 4.38 38.69 -17.85
CA ALA B 74 3.66 38.39 -16.63
C ALA B 74 4.57 37.72 -15.58
N VAL B 75 5.44 36.81 -16.04
CA VAL B 75 6.37 36.13 -15.14
C VAL B 75 7.42 37.11 -14.65
N LEU B 76 7.98 37.87 -15.57
CA LEU B 76 8.93 38.92 -15.22
C LEU B 76 8.32 39.86 -14.18
N ASP B 77 7.08 40.30 -14.42
CA ASP B 77 6.42 41.30 -13.56
C ASP B 77 6.15 40.72 -12.19
N TRP B 78 5.74 39.45 -12.16
CA TRP B 78 5.47 38.79 -10.88
C TRP B 78 6.75 38.65 -10.04
N GLU B 79 7.82 38.21 -10.68
CA GLU B 79 9.09 38.00 -10.02
C GLU B 79 9.65 39.32 -9.48
N LYS B 80 9.49 40.40 -10.24
CA LYS B 80 9.98 41.69 -9.76
C LYS B 80 9.14 42.24 -8.63
N SER B 81 7.82 42.24 -8.80
CA SER B 81 6.92 42.85 -7.83
C SER B 81 6.79 42.03 -6.55
N GLU B 82 6.78 40.70 -6.67
CA GLU B 82 6.59 39.87 -5.49
C GLU B 82 7.90 39.46 -4.82
N HIS B 83 8.99 39.32 -5.57
CA HIS B 83 10.22 38.75 -5.03
C HIS B 83 11.47 39.56 -5.30
N GLN B 84 11.29 40.76 -5.87
CA GLN B 84 12.38 41.70 -6.09
C GLN B 84 13.49 41.06 -6.89
N TYR B 85 13.10 40.25 -7.88
CA TYR B 85 14.06 39.51 -8.69
C TYR B 85 13.87 39.99 -10.12
N SER B 86 14.85 40.75 -10.59
CA SER B 86 14.83 41.34 -11.93
C SER B 86 15.73 40.57 -12.88
N PHE B 87 15.18 40.18 -14.03
CA PHE B 87 15.94 39.47 -15.06
C PHE B 87 15.29 39.76 -16.41
N ASP B 88 15.79 39.14 -17.47
CA ASP B 88 15.28 39.40 -18.81
C ASP B 88 14.35 38.30 -19.27
N LYS B 89 13.42 38.63 -20.17
CA LYS B 89 12.52 37.60 -20.75
C LYS B 89 13.23 36.38 -21.31
N GLU B 90 14.41 36.59 -21.91
CA GLU B 90 15.20 35.49 -22.48
C GLU B 90 15.71 34.49 -21.45
N ASP B 91 15.67 34.87 -20.16
CA ASP B 91 16.15 34.02 -19.09
C ASP B 91 15.11 33.00 -18.66
N ILE B 92 13.87 33.14 -19.14
CA ILE B 92 12.76 32.26 -18.73
C ILE B 92 12.70 31.05 -19.67
N VAL B 93 12.60 29.87 -19.07
CA VAL B 93 12.40 28.63 -19.83
C VAL B 93 11.18 27.94 -19.26
N PHE B 94 10.13 27.81 -20.07
CA PHE B 94 8.95 27.10 -19.58
C PHE B 94 9.16 25.59 -19.69
N VAL B 95 8.61 24.88 -18.72
CA VAL B 95 8.68 23.42 -18.64
C VAL B 95 7.32 23.00 -18.08
N GLU B 96 6.79 21.86 -18.54
CA GLU B 96 5.44 21.45 -18.14
C GLU B 96 5.29 21.24 -16.61
N GLY B 97 6.40 21.06 -15.91
CA GLY B 97 6.38 21.02 -14.45
C GLY B 97 7.77 21.17 -13.84
N VAL B 98 7.76 21.45 -12.54
CA VAL B 98 8.99 21.59 -11.78
C VAL B 98 9.72 20.25 -11.64
N VAL B 99 8.96 19.18 -11.39
CA VAL B 99 9.57 17.86 -11.28
C VAL B 99 10.24 17.45 -12.60
N PRO B 100 9.54 17.61 -13.74
CA PRO B 100 10.24 17.54 -15.03
C PRO B 100 11.58 18.32 -15.08
N ALA B 101 11.54 19.58 -14.67
CA ALA B 101 12.73 20.46 -14.72
C ALA B 101 13.87 19.89 -13.88
N ILE B 102 13.53 19.26 -12.76
CA ILE B 102 14.55 18.66 -11.89
C ILE B 102 15.31 17.54 -12.62
N SER B 103 14.59 16.65 -13.30
CA SER B 103 15.28 15.62 -14.06
C SER B 103 16.11 16.20 -15.18
N ILE B 104 15.56 17.19 -15.88
CA ILE B 104 16.30 17.83 -16.96
C ILE B 104 17.60 18.42 -16.43
N ALA B 105 17.51 19.10 -15.29
CA ALA B 105 18.70 19.69 -14.65
C ALA B 105 19.75 18.66 -14.24
N ILE B 106 19.33 17.55 -13.64
CA ILE B 106 20.25 16.47 -13.28
C ILE B 106 20.96 15.94 -14.55
N GLN B 107 20.19 15.68 -15.58
CA GLN B 107 20.75 15.17 -16.82
C GLN B 107 21.68 16.17 -17.51
N ALA B 108 21.35 17.47 -17.42
CA ALA B 108 22.09 18.52 -18.14
C ALA B 108 23.39 18.89 -17.43
N PHE B 109 23.37 18.90 -16.10
CA PHE B 109 24.47 19.49 -15.31
C PHE B 109 25.41 18.48 -14.65
N THR B 110 25.05 17.20 -14.71
CA THR B 110 25.90 16.14 -14.18
C THR B 110 26.02 14.98 -15.17
N LYS B 111 27.01 14.12 -14.93
CA LYS B 111 27.21 12.89 -15.68
C LYS B 111 26.81 11.72 -14.82
N GLU B 112 26.44 10.60 -15.44
CA GLU B 112 26.16 9.40 -14.67
C GLU B 112 27.28 9.10 -13.66
N GLY B 113 26.88 8.74 -12.45
CA GLY B 113 27.82 8.40 -11.38
C GLY B 113 28.26 9.56 -10.52
N GLU B 114 28.08 10.80 -11.00
CA GLU B 114 28.42 11.98 -10.22
C GLU B 114 27.40 12.21 -9.11
N ALA B 115 27.82 12.96 -8.10
CA ALA B 115 27.05 13.12 -6.87
C ALA B 115 26.14 14.36 -6.92
N VAL B 116 24.91 14.16 -6.47
CA VAL B 116 23.92 15.21 -6.32
C VAL B 116 23.49 15.21 -4.85
N LEU B 117 23.49 16.40 -4.25
CA LEU B 117 23.12 16.60 -2.86
C LEU B 117 21.70 17.17 -2.70
N ILE B 118 21.00 16.64 -1.71
CA ILE B 118 19.75 17.18 -1.23
C ILE B 118 19.84 17.36 0.31
N ASN B 119 18.98 18.21 0.86
CA ASN B 119 18.81 18.30 2.32
C ASN B 119 17.62 17.42 2.68
N SER B 120 17.87 16.30 3.36
CA SER B 120 16.80 15.37 3.78
C SER B 120 16.29 15.72 5.19
N PRO B 121 15.01 15.45 5.49
CA PRO B 121 14.00 14.86 4.60
C PRO B 121 13.46 15.90 3.64
N VAL B 122 13.11 15.48 2.42
CA VAL B 122 12.61 16.40 1.42
C VAL B 122 11.70 15.68 0.44
N TYR B 123 10.86 16.47 -0.21
CA TYR B 123 9.90 16.02 -1.24
C TYR B 123 10.44 14.83 -2.04
N PRO B 124 9.71 13.69 -2.06
CA PRO B 124 10.35 12.45 -2.54
C PRO B 124 10.88 12.40 -3.97
N PRO B 125 10.23 13.08 -4.93
CA PRO B 125 10.85 13.17 -6.24
C PRO B 125 12.32 13.68 -6.30
N PHE B 126 12.79 14.41 -5.29
CA PHE B 126 14.22 14.79 -5.20
C PHE B 126 15.12 13.55 -5.21
N ALA B 127 15.00 12.72 -4.18
CA ALA B 127 15.80 11.52 -4.07
C ALA B 127 15.56 10.58 -5.24
N ARG B 128 14.31 10.45 -5.67
CA ARG B 128 13.99 9.53 -6.75
C ARG B 128 14.68 9.96 -8.06
N SER B 129 14.62 11.23 -8.38
CA SER B 129 15.14 11.72 -9.67
C SER B 129 16.67 11.50 -9.72
N VAL B 130 17.34 11.70 -8.60
CA VAL B 130 18.76 11.41 -8.53
C VAL B 130 19.07 9.93 -8.76
N ARG B 131 18.38 9.07 -8.02
CA ARG B 131 18.65 7.65 -8.03
CA ARG B 131 18.70 7.65 -8.06
C ARG B 131 18.30 7.02 -9.38
N LEU B 132 17.14 7.39 -9.93
CA LEU B 132 16.69 6.80 -11.20
C LEU B 132 17.58 7.25 -12.35
N ASN B 133 18.23 8.40 -12.18
CA ASN B 133 19.19 8.90 -13.15
C ASN B 133 20.61 8.33 -12.98
N ASN B 134 20.78 7.35 -12.11
CA ASN B 134 22.09 6.75 -11.87
C ASN B 134 23.14 7.80 -11.50
N ARG B 135 22.73 8.79 -10.73
CA ARG B 135 23.66 9.68 -10.04
C ARG B 135 23.77 9.20 -8.58
N LYS B 136 24.87 9.55 -7.93
CA LYS B 136 25.06 9.21 -6.52
C LYS B 136 24.29 10.20 -5.64
N LEU B 137 23.43 9.70 -4.76
CA LEU B 137 22.64 10.59 -3.89
C LEU B 137 23.37 10.86 -2.59
N VAL B 138 23.60 12.13 -2.30
CA VAL B 138 24.15 12.56 -1.02
C VAL B 138 23.03 13.25 -0.26
N SER B 139 22.57 12.63 0.83
CA SER B 139 21.51 13.21 1.67
C SER B 139 22.17 13.93 2.86
N ASN B 140 22.12 15.27 2.82
CA ASN B 140 22.58 16.10 3.92
C ASN B 140 21.42 16.23 4.92
N SER B 141 21.56 15.59 6.06
CA SER B 141 20.45 15.50 7.01
C SER B 141 20.27 16.81 7.75
N LEU B 142 19.06 17.37 7.67
CA LEU B 142 18.70 18.58 8.41
C LEU B 142 18.67 18.28 9.91
N LYS B 143 19.14 19.23 10.70
CA LYS B 143 18.96 19.18 12.15
C LYS B 143 17.55 19.68 12.47
N GLU B 144 17.04 19.34 13.66
CA GLU B 144 15.83 19.95 14.15
CA GLU B 144 15.81 19.92 14.16
C GLU B 144 16.15 20.55 15.51
N GLU B 145 15.96 21.86 15.62
CA GLU B 145 16.28 22.62 16.81
C GLU B 145 15.13 23.56 17.12
N ASN B 146 14.53 23.43 18.31
CA ASN B 146 13.48 24.34 18.75
CA ASN B 146 13.48 24.36 18.74
C ASN B 146 12.32 24.41 17.74
N GLY B 147 11.93 23.24 17.24
CA GLY B 147 10.77 23.13 16.34
C GLY B 147 11.01 23.51 14.90
N LEU B 148 12.26 23.73 14.50
CA LEU B 148 12.58 24.16 13.13
C LEU B 148 13.74 23.38 12.55
N PHE B 149 13.66 23.08 11.25
CA PHE B 149 14.79 22.53 10.54
C PHE B 149 15.92 23.57 10.42
N GLN B 150 17.15 23.09 10.52
CA GLN B 150 18.34 23.92 10.35
C GLN B 150 19.40 23.10 9.66
N ILE B 151 20.23 23.79 8.88
CA ILE B 151 21.33 23.15 8.18
C ILE B 151 22.54 23.07 9.11
N ASP B 152 23.18 21.90 9.14
CA ASP B 152 24.50 21.71 9.77
C ASP B 152 25.55 22.05 8.72
N PHE B 153 26.07 23.27 8.75
CA PHE B 153 27.01 23.74 7.71
C PHE B 153 28.36 23.02 7.71
N GLU B 154 28.80 22.56 8.88
CA GLU B 154 30.03 21.80 8.97
CA GLU B 154 30.03 21.77 9.00
C GLU B 154 29.85 20.49 8.19
N GLN B 155 28.77 19.76 8.48
CA GLN B 155 28.50 18.50 7.79
C GLN B 155 28.16 18.69 6.32
N LEU B 156 27.43 19.76 6.00
CA LEU B 156 27.13 20.10 4.61
C LEU B 156 28.42 20.24 3.81
N GLU B 157 29.39 20.99 4.33
CA GLU B 157 30.67 21.09 3.63
C GLU B 157 31.37 19.74 3.52
N ASN B 158 31.37 18.96 4.60
CA ASN B 158 31.94 17.62 4.56
C ASN B 158 31.30 16.76 3.46
N ASP B 159 29.98 16.82 3.39
CA ASP B 159 29.19 16.07 2.39
C ASP B 159 29.56 16.48 0.97
N ILE B 160 29.76 17.78 0.77
CA ILE B 160 30.13 18.29 -0.56
C ILE B 160 31.55 17.80 -0.94
N VAL B 161 32.49 17.95 -0.02
CA VAL B 161 33.90 17.62 -0.31
C VAL B 161 34.14 16.12 -0.38
N GLU B 162 33.61 15.37 0.58
CA GLU B 162 33.84 13.94 0.64
C GLU B 162 33.25 13.19 -0.55
N ASN B 163 32.22 13.75 -1.18
CA ASN B 163 31.55 13.06 -2.29
C ASN B 163 31.74 13.76 -3.63
N ASP B 164 32.55 14.79 -3.68
CA ASP B 164 32.74 15.60 -4.90
C ASP B 164 31.39 15.96 -5.53
N VAL B 165 30.52 16.60 -4.73
CA VAL B 165 29.17 16.95 -5.18
C VAL B 165 29.24 17.95 -6.34
N LYS B 166 28.49 17.69 -7.41
CA LYS B 166 28.47 18.54 -8.60
C LYS B 166 27.20 19.41 -8.69
N LEU B 167 26.13 18.94 -8.04
CA LEU B 167 24.81 19.56 -8.13
C LEU B 167 24.11 19.48 -6.77
N TYR B 168 23.50 20.59 -6.37
CA TYR B 168 22.77 20.73 -5.10
C TYR B 168 21.35 21.11 -5.48
N LEU B 169 20.41 20.21 -5.16
CA LEU B 169 18.99 20.50 -5.28
C LEU B 169 18.47 21.10 -3.98
N LEU B 170 18.21 22.39 -4.01
CA LEU B 170 17.75 23.10 -2.83
C LEU B 170 16.23 23.27 -2.88
N CYS B 171 15.59 23.09 -1.73
CA CYS B 171 14.15 23.32 -1.60
C CYS B 171 13.92 24.56 -0.73
N ASN B 172 13.37 25.63 -1.34
CA ASN B 172 13.12 26.87 -0.62
CA ASN B 172 13.24 26.96 -0.72
C ASN B 172 11.90 27.66 -1.10
N PRO B 173 10.86 27.66 -0.26
CA PRO B 173 10.74 27.04 1.09
C PRO B 173 10.90 25.53 1.05
N HIS B 174 11.35 24.94 2.16
CA HIS B 174 11.63 23.50 2.22
C HIS B 174 10.35 22.70 2.55
N ASN B 175 10.07 21.71 1.71
CA ASN B 175 8.94 20.79 1.85
C ASN B 175 9.53 19.39 2.10
N PRO B 176 9.21 18.75 3.23
CA PRO B 176 8.23 19.12 4.25
C PRO B 176 8.80 20.01 5.34
N GLY B 177 7.95 20.40 6.28
CA GLY B 177 8.39 21.27 7.38
C GLY B 177 8.01 22.71 7.14
N GLY B 178 8.17 23.18 5.91
CA GLY B 178 7.75 24.51 5.52
C GLY B 178 8.73 25.57 6.00
N ARG B 179 10.01 25.28 5.83
CA ARG B 179 11.06 26.13 6.37
C ARG B 179 11.41 27.21 5.34
N VAL B 180 11.34 28.47 5.78
CA VAL B 180 11.59 29.62 4.92
C VAL B 180 12.99 30.10 5.27
N TRP B 181 13.97 29.68 4.48
CA TRP B 181 15.36 29.95 4.80
C TRP B 181 15.67 31.44 4.80
N GLU B 182 16.42 31.87 5.81
CA GLU B 182 16.86 33.24 5.92
C GLU B 182 17.91 33.57 4.86
N ARG B 183 17.95 34.82 4.48
CA ARG B 183 18.96 35.34 3.57
C ARG B 183 20.35 34.85 3.95
N GLU B 184 20.70 34.88 5.23
CA GLU B 184 22.06 34.53 5.66
C GLU B 184 22.37 33.04 5.53
N VAL B 185 21.36 32.19 5.68
CA VAL B 185 21.51 30.78 5.43
C VAL B 185 21.77 30.53 3.93
N LEU B 186 20.98 31.18 3.09
CA LEU B 186 21.14 31.05 1.63
C LEU B 186 22.51 31.55 1.18
N GLU B 187 22.96 32.63 1.80
CA GLU B 187 24.31 33.18 1.54
CA GLU B 187 24.28 33.17 1.52
C GLU B 187 25.39 32.13 1.77
N GLN B 188 25.32 31.44 2.91
CA GLN B 188 26.32 30.46 3.28
CA GLN B 188 26.33 30.45 3.28
C GLN B 188 26.30 29.24 2.35
N ILE B 189 25.09 28.83 1.97
CA ILE B 189 24.94 27.78 0.95
C ILE B 189 25.61 28.20 -0.35
N GLY B 190 25.29 29.39 -0.85
CA GLY B 190 25.87 29.87 -2.10
C GLY B 190 27.38 29.95 -2.07
N HIS B 191 27.93 30.37 -0.94
CA HIS B 191 29.39 30.48 -0.81
C HIS B 191 30.08 29.12 -0.84
N LEU B 192 29.49 28.10 -0.22
CA LEU B 192 29.98 26.73 -0.34
C LEU B 192 29.97 26.24 -1.79
N CYS B 193 28.93 26.60 -2.52
CA CYS B 193 28.81 26.21 -3.93
C CYS B 193 29.87 26.89 -4.76
N GLN B 194 30.13 28.16 -4.48
CA GLN B 194 31.23 28.86 -5.17
C GLN B 194 32.60 28.26 -4.86
N LYS B 195 32.86 28.00 -3.59
CA LYS B 195 34.15 27.40 -3.19
C LYS B 195 34.42 26.02 -3.79
N HIS B 196 33.37 25.20 -3.89
CA HIS B 196 33.53 23.80 -4.28
C HIS B 196 33.02 23.49 -5.70
N HIS B 197 32.65 24.53 -6.44
CA HIS B 197 32.27 24.43 -7.84
C HIS B 197 31.05 23.54 -8.01
N VAL B 198 30.03 23.87 -7.23
CA VAL B 198 28.76 23.16 -7.28
C VAL B 198 27.72 24.01 -8.00
N ILE B 199 26.91 23.37 -8.85
CA ILE B 199 25.77 24.01 -9.47
C ILE B 199 24.59 23.85 -8.54
N LEU B 200 23.78 24.88 -8.40
CA LEU B 200 22.63 24.81 -7.50
C LEU B 200 21.33 25.07 -8.24
N VAL B 201 20.36 24.18 -8.00
CA VAL B 201 19.01 24.38 -8.47
C VAL B 201 18.12 24.67 -7.26
N SER B 202 17.53 25.86 -7.26
CA SER B 202 16.65 26.31 -6.18
C SER B 202 15.19 26.12 -6.58
N ASP B 203 14.56 25.12 -5.94
CA ASP B 203 13.14 24.79 -6.19
C ASP B 203 12.27 25.66 -5.30
N GLU B 204 11.75 26.72 -5.90
CA GLU B 204 11.02 27.74 -5.16
C GLU B 204 9.54 27.67 -5.52
N ILE B 205 9.02 26.45 -5.73
CA ILE B 205 7.61 26.34 -6.12
C ILE B 205 6.64 26.89 -5.05
N HIS B 206 7.04 26.82 -3.78
CA HIS B 206 6.19 27.33 -2.69
C HIS B 206 6.48 28.79 -2.29
N GLN B 207 7.22 29.51 -3.12
CA GLN B 207 7.71 30.85 -2.78
C GLN B 207 6.62 31.89 -2.44
N ASP B 208 5.41 31.73 -2.99
CA ASP B 208 4.35 32.68 -2.72
C ASP B 208 3.56 32.34 -1.46
N LEU B 209 3.91 31.25 -0.80
CA LEU B 209 3.11 30.74 0.33
C LEU B 209 3.84 30.84 1.67
N THR B 210 4.65 31.88 1.83
CA THR B 210 5.29 32.13 3.10
C THR B 210 4.31 32.86 4.02
N LEU B 211 4.33 32.51 5.31
CA LEU B 211 3.25 32.91 6.22
C LEU B 211 3.80 33.52 7.50
N PHE B 212 2.93 34.12 8.31
CA PHE B 212 3.31 34.60 9.67
C PHE B 212 4.47 35.58 9.65
N GLY B 213 4.51 36.39 8.60
CA GLY B 213 5.54 37.40 8.44
C GLY B 213 6.88 36.93 7.89
N HIS B 214 6.99 35.64 7.56
CA HIS B 214 8.23 35.12 7.00
C HIS B 214 8.26 35.50 5.52
N GLU B 215 9.42 35.97 5.08
CA GLU B 215 9.57 36.49 3.72
C GLU B 215 10.43 35.54 2.89
N HIS B 216 9.95 35.20 1.70
CA HIS B 216 10.75 34.42 0.75
C HIS B 216 11.95 35.24 0.27
N VAL B 217 13.13 34.62 0.26
CA VAL B 217 14.32 35.20 -0.36
C VAL B 217 14.73 34.30 -1.54
N SER B 218 14.47 34.80 -2.75
CA SER B 218 14.80 34.07 -3.96
C SER B 218 16.31 34.00 -4.13
N PHE B 219 16.78 32.83 -4.54
CA PHE B 219 18.19 32.50 -4.34
C PHE B 219 19.13 33.49 -5.01
N ASN B 220 18.84 33.85 -6.25
CA ASN B 220 19.75 34.74 -6.98
C ASN B 220 19.67 36.22 -6.59
N THR B 221 18.71 36.56 -5.74
CA THR B 221 18.65 37.90 -5.12
C THR B 221 19.63 38.04 -3.96
N VAL B 222 20.24 36.93 -3.50
CA VAL B 222 21.08 36.96 -2.31
C VAL B 222 22.42 37.62 -2.64
N SER B 223 22.91 37.40 -3.85
CA SER B 223 24.18 37.99 -4.30
C SER B 223 24.17 38.03 -5.81
N PRO B 224 24.67 39.13 -6.41
CA PRO B 224 24.64 39.24 -7.88
C PRO B 224 25.46 38.17 -8.59
N ASP B 225 26.40 37.53 -7.89
CA ASP B 225 27.29 36.47 -8.39
CA ASP B 225 27.19 36.52 -8.60
C ASP B 225 26.59 35.11 -8.49
N PHE B 226 25.51 34.94 -7.73
CA PHE B 226 24.95 33.59 -7.56
C PHE B 226 24.42 33.01 -8.88
N LYS B 227 23.98 33.88 -9.78
CA LYS B 227 23.50 33.44 -11.11
C LYS B 227 24.56 32.70 -11.91
N ASP B 228 25.83 32.87 -11.57
CA ASP B 228 26.92 32.15 -12.23
C ASP B 228 26.87 30.64 -12.02
N PHE B 229 26.23 30.18 -10.93
CA PHE B 229 26.14 28.75 -10.66
C PHE B 229 24.74 28.28 -10.30
N ALA B 230 23.78 29.20 -10.15
CA ALA B 230 22.44 28.83 -9.62
C ALA B 230 21.30 29.23 -10.53
N LEU B 231 20.29 28.36 -10.56
CA LEU B 231 19.07 28.68 -11.29
C LEU B 231 17.87 28.49 -10.37
N VAL B 232 16.75 29.09 -10.73
CA VAL B 232 15.56 29.09 -9.86
C VAL B 232 14.46 28.40 -10.63
N LEU B 233 13.76 27.48 -9.98
CA LEU B 233 12.55 26.90 -10.56
C LEU B 233 11.33 27.39 -9.79
N SER B 234 10.28 27.79 -10.48
CA SER B 234 9.03 28.08 -9.81
C SER B 234 7.88 27.92 -10.75
N SER B 235 6.71 28.31 -10.27
CA SER B 235 5.46 28.05 -10.98
C SER B 235 4.35 28.85 -10.33
N ALA B 236 3.28 29.02 -11.09
CA ALA B 236 2.00 29.49 -10.58
C ALA B 236 1.14 28.38 -9.94
N THR B 237 1.49 27.11 -10.15
CA THR B 237 0.59 26.00 -9.82
C THR B 237 0.30 25.78 -8.35
N LYS B 238 1.32 25.85 -7.49
CA LYS B 238 1.07 25.66 -6.05
C LYS B 238 0.38 26.88 -5.47
N THR B 239 0.84 28.06 -5.88
CA THR B 239 0.27 29.31 -5.38
C THR B 239 -1.24 29.40 -5.64
N PHE B 240 -1.66 28.98 -6.84
CA PHE B 240 -3.01 29.22 -7.30
C PHE B 240 -3.88 27.98 -7.51
N ASN B 241 -3.40 26.82 -7.07
CA ASN B 241 -4.18 25.58 -7.10
C ASN B 241 -4.51 25.14 -8.53
N ILE B 242 -3.52 25.21 -9.42
CA ILE B 242 -3.71 24.88 -10.83
C ILE B 242 -2.69 23.82 -11.34
N ALA B 243 -2.35 22.85 -10.46
CA ALA B 243 -1.35 21.81 -10.78
C ALA B 243 -1.66 20.99 -12.04
N GLY B 244 -2.95 20.77 -12.31
CA GLY B 244 -3.38 20.01 -13.47
C GLY B 244 -3.23 20.74 -14.81
N THR B 245 -2.93 22.04 -14.78
CA THR B 245 -2.72 22.82 -16.01
C THR B 245 -1.32 22.64 -16.61
N LYS B 246 -0.36 22.14 -15.81
CA LYS B 246 0.96 21.73 -16.30
C LYS B 246 1.78 22.82 -16.99
N ASN B 247 2.18 23.81 -16.21
CA ASN B 247 3.20 24.74 -16.67
C ASN B 247 3.99 25.24 -15.46
N SER B 248 5.24 25.62 -15.72
CA SER B 248 6.20 26.08 -14.71
C SER B 248 7.37 26.68 -15.47
N TYR B 249 8.35 27.20 -14.75
CA TYR B 249 9.47 27.81 -15.45
C TYR B 249 10.76 27.69 -14.67
N ALA B 250 11.87 27.81 -15.40
CA ALA B 250 13.19 27.96 -14.83
C ALA B 250 13.60 29.34 -15.21
N ILE B 251 14.19 30.05 -14.26
CA ILE B 251 14.92 31.29 -14.55
C ILE B 251 16.42 31.00 -14.54
N ILE B 252 17.03 31.10 -15.72
CA ILE B 252 18.44 30.75 -15.90
C ILE B 252 19.16 31.92 -16.54
N GLU B 253 19.73 32.78 -15.70
CA GLU B 253 20.36 33.99 -16.20
C GLU B 253 21.71 33.72 -16.81
N ASN B 254 22.42 32.72 -16.32
CA ASN B 254 23.71 32.37 -16.91
C ASN B 254 23.55 31.75 -18.30
N PRO B 255 24.21 32.33 -19.32
CA PRO B 255 24.02 31.82 -20.69
C PRO B 255 24.40 30.35 -20.86
N THR B 256 25.50 29.92 -20.24
CA THR B 256 25.96 28.56 -20.40
C THR B 256 24.97 27.61 -19.75
N LEU B 257 24.60 27.89 -18.50
CA LEU B 257 23.64 27.01 -17.81
C LEU B 257 22.31 26.96 -18.57
N CYS B 258 21.90 28.10 -19.09
CA CYS B 258 20.62 28.19 -19.80
C CYS B 258 20.66 27.34 -21.07
N ALA B 259 21.73 27.47 -21.84
CA ALA B 259 21.89 26.65 -23.04
C ALA B 259 21.92 25.15 -22.74
N GLN B 260 22.64 24.78 -21.67
CA GLN B 260 22.78 23.39 -21.19
CA GLN B 260 22.77 23.38 -21.27
C GLN B 260 21.41 22.80 -20.89
N PHE B 261 20.63 23.56 -20.13
CA PHE B 261 19.29 23.13 -19.72
C PHE B 261 18.38 22.99 -20.93
N LYS B 262 18.34 24.02 -21.77
CA LYS B 262 17.47 24.01 -22.97
C LYS B 262 17.90 22.92 -23.94
N HIS B 263 19.21 22.66 -24.03
CA HIS B 263 19.69 21.57 -24.87
C HIS B 263 19.14 20.23 -24.40
N GLN B 264 19.30 19.96 -23.13
CA GLN B 264 18.81 18.69 -22.57
C GLN B 264 17.30 18.58 -22.69
N GLN B 265 16.61 19.69 -22.50
CA GLN B 265 15.15 19.70 -22.62
C GLN B 265 14.75 19.27 -24.01
N LEU B 266 15.48 19.78 -25.01
CA LEU B 266 15.22 19.40 -26.40
C LEU B 266 15.65 17.94 -26.75
N VAL B 267 16.79 17.50 -26.23
CA VAL B 267 17.23 16.11 -26.37
C VAL B 267 16.13 15.17 -25.90
N ASN B 268 15.49 15.53 -24.79
CA ASN B 268 14.41 14.74 -24.19
C ASN B 268 13.02 14.97 -24.82
N ASN B 269 12.96 15.85 -25.84
CA ASN B 269 11.69 16.31 -26.42
C ASN B 269 10.67 16.74 -25.34
N HIS B 270 11.16 17.51 -24.37
CA HIS B 270 10.38 17.92 -23.21
C HIS B 270 10.24 19.46 -23.22
N HIS B 271 10.25 20.01 -24.42
CA HIS B 271 10.31 21.44 -24.66
C HIS B 271 8.95 22.10 -24.90
N GLU B 272 7.87 21.33 -25.08
CA GLU B 272 6.60 21.97 -25.37
C GLU B 272 5.66 21.90 -24.17
N VAL B 273 4.72 22.84 -24.12
CA VAL B 273 3.77 22.94 -23.03
C VAL B 273 2.41 23.08 -23.66
N SER B 274 1.37 22.63 -22.97
CA SER B 274 0.01 22.74 -23.51
C SER B 274 -0.47 24.18 -23.55
N SER B 275 -1.45 24.43 -24.40
CA SER B 275 -1.94 25.79 -24.58
C SER B 275 -2.55 26.35 -23.30
N LEU B 276 -3.31 25.53 -22.58
CA LEU B 276 -3.94 25.98 -21.35
C LEU B 276 -2.89 26.19 -20.26
N GLY B 277 -1.82 25.40 -20.30
CA GLY B 277 -0.66 25.62 -19.42
C GLY B 277 -0.16 27.05 -19.49
N TYR B 278 0.06 27.53 -20.69
CA TYR B 278 0.48 28.91 -20.89
C TYR B 278 -0.55 29.91 -20.41
N ILE B 279 -1.79 29.69 -20.82
CA ILE B 279 -2.89 30.59 -20.50
C ILE B 279 -3.14 30.72 -18.99
N ALA B 280 -3.19 29.59 -18.29
CA ALA B 280 -3.56 29.63 -16.86
C ALA B 280 -2.47 30.34 -16.02
N THR B 281 -1.21 30.13 -16.37
CA THR B 281 -0.12 30.80 -15.65
C THR B 281 -0.16 32.33 -15.86
N GLU B 282 -0.28 32.78 -17.11
CA GLU B 282 -0.39 34.20 -17.37
C GLU B 282 -1.54 34.82 -16.60
N THR B 283 -2.69 34.16 -16.63
CA THR B 283 -3.90 34.70 -16.02
C THR B 283 -3.72 34.75 -14.51
N ALA B 284 -3.18 33.68 -13.95
CA ALA B 284 -3.01 33.59 -12.50
C ALA B 284 -2.14 34.74 -12.00
N TYR B 285 -1.02 34.96 -12.67
CA TYR B 285 -0.11 36.04 -12.29
C TYR B 285 -0.71 37.44 -12.50
N ARG B 286 -1.50 37.59 -13.57
CA ARG B 286 -2.09 38.90 -13.88
C ARG B 286 -3.14 39.32 -12.85
N TYR B 287 -3.93 38.38 -12.35
CA TYR B 287 -5.12 38.69 -11.56
C TYR B 287 -5.13 38.15 -10.12
N GLY B 288 -4.13 37.36 -9.77
CA GLY B 288 -4.16 36.53 -8.57
C GLY B 288 -3.78 37.15 -7.25
N LYS B 289 -3.13 38.31 -7.28
CA LYS B 289 -2.60 38.84 -6.02
C LYS B 289 -3.66 38.99 -4.92
N PRO B 290 -4.82 39.61 -5.21
CA PRO B 290 -5.85 39.76 -4.14
C PRO B 290 -6.36 38.43 -3.62
N TRP B 291 -6.48 37.45 -4.52
CA TRP B 291 -6.89 36.13 -4.10
C TRP B 291 -5.85 35.51 -3.17
N LEU B 292 -4.57 35.66 -3.50
CA LEU B 292 -3.47 35.12 -2.69
C LEU B 292 -3.44 35.77 -1.30
N VAL B 293 -3.60 37.10 -1.26
CA VAL B 293 -3.71 37.82 0.02
C VAL B 293 -4.80 37.19 0.93
N ALA B 294 -5.96 36.93 0.35
CA ALA B 294 -7.07 36.37 1.10
C ALA B 294 -6.78 34.94 1.53
N LEU B 295 -6.17 34.15 0.64
CA LEU B 295 -5.80 32.76 0.95
C LEU B 295 -4.88 32.69 2.17
N LYS B 296 -3.88 33.54 2.19
CA LYS B 296 -2.89 33.47 3.25
C LYS B 296 -3.50 33.65 4.64
N ALA B 297 -4.50 34.53 4.74
CA ALA B 297 -5.20 34.74 6.01
C ALA B 297 -5.92 33.46 6.46
N VAL B 298 -6.60 32.79 5.53
CA VAL B 298 -7.25 31.50 5.79
C VAL B 298 -6.26 30.43 6.21
N LEU B 299 -5.12 30.34 5.51
CA LEU B 299 -4.09 29.35 5.84
C LEU B 299 -3.54 29.54 7.24
N GLU B 300 -3.27 30.80 7.61
CA GLU B 300 -2.73 31.09 8.95
C GLU B 300 -3.73 30.68 10.01
N GLU B 301 -5.00 31.00 9.79
CA GLU B 301 -6.06 30.59 10.71
C GLU B 301 -6.15 29.07 10.88
N ASN B 302 -6.05 28.34 9.76
CA ASN B 302 -6.12 26.88 9.79
C ASN B 302 -4.92 26.30 10.56
N ILE B 303 -3.73 26.85 10.29
CA ILE B 303 -2.50 26.38 10.94
C ILE B 303 -2.57 26.64 12.46
N GLN B 304 -2.99 27.84 12.83
CA GLN B 304 -3.12 28.21 14.23
C GLN B 304 -4.14 27.32 14.94
N PHE B 305 -5.25 27.04 14.27
CA PHE B 305 -6.23 26.11 14.82
C PHE B 305 -5.63 24.73 15.09
N ALA B 306 -4.90 24.18 14.10
CA ALA B 306 -4.34 22.84 14.19
C ALA B 306 -3.34 22.75 15.33
N VAL B 307 -2.44 23.71 15.41
CA VAL B 307 -1.42 23.72 16.46
C VAL B 307 -2.07 23.73 17.85
N GLU B 308 -3.03 24.62 18.05
CA GLU B 308 -3.74 24.74 19.33
C GLU B 308 -4.54 23.50 19.66
N TYR B 309 -5.23 22.97 18.66
CA TYR B 309 -6.04 21.77 18.88
C TYR B 309 -5.19 20.58 19.25
N PHE B 310 -4.12 20.33 18.50
CA PHE B 310 -3.20 19.24 18.80
C PHE B 310 -2.54 19.44 20.17
N ALA B 311 -2.22 20.68 20.51
CA ALA B 311 -1.60 21.00 21.82
C ALA B 311 -2.48 20.50 22.97
N GLN B 312 -3.80 20.66 22.84
CA GLN B 312 -4.74 20.23 23.89
C GLN B 312 -5.08 18.75 23.84
N GLU B 313 -5.39 18.25 22.65
CA GLU B 313 -5.94 16.90 22.49
C GLU B 313 -4.89 15.82 22.31
N ALA B 314 -3.68 16.22 21.91
CA ALA B 314 -2.57 15.30 21.73
C ALA B 314 -1.24 16.00 22.04
N PRO B 315 -1.04 16.37 23.31
CA PRO B 315 0.17 17.07 23.72
C PRO B 315 1.47 16.33 23.42
N ARG B 316 1.42 15.00 23.32
CA ARG B 316 2.60 14.21 22.99
C ARG B 316 3.01 14.28 21.51
N LEU B 317 2.07 14.74 20.66
CA LEU B 317 2.31 14.93 19.23
C LEU B 317 3.13 16.18 19.03
N LYS B 318 4.26 16.05 18.35
CA LYS B 318 5.14 17.19 18.15
C LYS B 318 4.81 17.81 16.79
N VAL B 319 4.46 19.08 16.79
CA VAL B 319 3.96 19.71 15.57
C VAL B 319 4.95 20.77 15.18
N MET B 320 5.51 20.63 13.97
CA MET B 320 6.38 21.66 13.42
C MET B 320 5.50 22.71 12.75
N LYS B 321 5.55 23.94 13.27
CA LYS B 321 4.72 25.00 12.72
C LYS B 321 5.36 25.50 11.43
N PRO B 322 4.62 25.44 10.31
CA PRO B 322 5.21 25.94 9.05
C PRO B 322 5.48 27.43 9.07
N GLN B 323 6.61 27.82 8.49
CA GLN B 323 6.86 29.22 8.18
C GLN B 323 6.30 29.54 6.79
N GLY B 324 6.07 28.50 5.99
CA GLY B 324 5.47 28.67 4.70
C GLY B 324 4.99 27.31 4.21
N THR B 325 4.36 27.32 3.04
CA THR B 325 3.58 26.16 2.56
C THR B 325 2.33 26.00 3.43
N TYR B 326 1.38 25.23 2.93
CA TYR B 326 0.16 24.92 3.63
C TYR B 326 0.13 23.48 4.17
N LEU B 327 1.33 22.99 4.46
CA LEU B 327 1.51 21.60 4.86
C LEU B 327 2.22 21.53 6.21
N ILE B 328 1.68 20.70 7.10
CA ILE B 328 2.19 20.59 8.47
C ILE B 328 2.86 19.22 8.72
N TRP B 329 4.11 19.27 9.19
CA TRP B 329 4.92 18.11 9.49
C TRP B 329 4.72 17.69 10.95
N LEU B 330 4.12 16.51 11.11
CA LEU B 330 3.72 15.96 12.43
C LEU B 330 4.65 14.84 12.80
N ASP B 331 5.12 14.84 14.05
CA ASP B 331 6.06 13.87 14.55
C ASP B 331 5.41 13.06 15.68
N PHE B 332 5.18 11.79 15.41
CA PHE B 332 4.54 10.85 16.34
C PHE B 332 5.55 9.97 17.10
N SER B 333 6.83 10.37 17.13
CA SER B 333 7.86 9.47 17.66
CA SER B 333 7.93 9.54 17.69
C SER B 333 7.78 9.23 19.18
N ASP B 334 7.05 10.06 19.92
CA ASP B 334 6.87 9.80 21.37
C ASP B 334 5.87 8.69 21.64
N TYR B 335 5.12 8.29 20.61
CA TYR B 335 4.15 7.21 20.75
C TYR B 335 4.79 5.83 20.54
N GLY B 336 4.25 4.82 21.23
CA GLY B 336 4.70 3.43 21.08
C GLY B 336 4.14 2.85 19.79
N LEU B 337 4.70 3.34 18.69
CA LEU B 337 4.31 2.97 17.35
C LEU B 337 5.56 2.75 16.51
N THR B 338 5.43 1.87 15.52
CA THR B 338 6.35 1.81 14.41
C THR B 338 5.80 2.67 13.27
N ASP B 339 6.64 2.85 12.26
CA ASP B 339 6.27 3.64 11.09
C ASP B 339 5.06 3.02 10.40
N ASP B 340 5.09 1.69 10.27
CA ASP B 340 3.98 0.98 9.67
C ASP B 340 2.72 1.00 10.53
N ALA B 341 2.83 0.85 11.85
CA ALA B 341 1.67 0.93 12.73
C ALA B 341 1.01 2.32 12.75
N LEU B 342 1.82 3.36 12.62
CA LEU B 342 1.32 4.73 12.51
C LEU B 342 0.46 4.87 11.23
N PHE B 343 0.97 4.35 10.12
CA PHE B 343 0.24 4.45 8.85
C PHE B 343 -1.12 3.75 8.95
N THR B 344 -1.10 2.52 9.48
CA THR B 344 -2.33 1.76 9.66
C THR B 344 -3.31 2.45 10.57
N LEU B 345 -2.80 2.98 11.69
CA LEU B 345 -3.64 3.74 12.61
C LEU B 345 -4.36 4.91 11.94
N LEU B 346 -3.59 5.76 11.26
CA LEU B 346 -4.16 6.93 10.63
C LEU B 346 -5.10 6.57 9.49
N HIS B 347 -4.69 5.64 8.65
CA HIS B 347 -5.44 5.32 7.45
C HIS B 347 -6.68 4.47 7.74
N ASP B 348 -6.48 3.41 8.52
CA ASP B 348 -7.55 2.44 8.77
C ASP B 348 -8.41 2.74 9.99
N GLN B 349 -7.82 3.28 11.05
CA GLN B 349 -8.61 3.59 12.25
C GLN B 349 -9.15 5.01 12.23
N ALA B 350 -8.25 5.99 12.06
CA ALA B 350 -8.65 7.40 11.98
C ALA B 350 -9.39 7.75 10.69
N LYS B 351 -9.14 6.99 9.62
CA LYS B 351 -9.78 7.21 8.32
C LYS B 351 -9.37 8.55 7.72
N VAL B 352 -8.09 8.88 7.85
CA VAL B 352 -7.51 10.09 7.23
C VAL B 352 -6.31 9.69 6.39
N ILE B 353 -6.15 10.35 5.25
CA ILE B 353 -5.04 10.10 4.35
C ILE B 353 -4.05 11.25 4.48
N LEU B 354 -2.93 10.97 5.14
CA LEU B 354 -1.81 11.91 5.28
C LEU B 354 -0.59 11.29 4.63
N ASN B 355 0.30 12.11 4.08
CA ASN B 355 1.54 11.57 3.52
C ASN B 355 2.36 10.88 4.58
N ARG B 356 2.84 9.68 4.29
CA ARG B 356 3.75 8.98 5.19
C ARG B 356 5.10 9.69 5.26
N GLY B 357 5.49 10.10 6.46
CA GLY B 357 6.77 10.79 6.63
C GLY B 357 7.99 10.06 6.09
N SER B 358 7.98 8.73 6.18
CA SER B 358 9.08 7.91 5.74
C SER B 358 9.34 8.00 4.23
N ASP B 359 8.33 8.43 3.45
CA ASP B 359 8.49 8.72 2.03
C ASP B 359 9.59 9.75 1.75
N TYR B 360 9.80 10.66 2.71
CA TYR B 360 10.66 11.84 2.55
C TYR B 360 12.12 11.57 2.98
N GLY B 361 12.38 10.37 3.47
CA GLY B 361 13.71 10.01 3.95
C GLY B 361 13.65 9.42 5.34
N SER B 362 14.78 8.93 5.82
CA SER B 362 14.85 8.29 7.14
C SER B 362 14.46 9.23 8.28
N GLU B 363 14.66 10.53 8.11
CA GLU B 363 14.32 11.52 9.14
C GLU B 363 12.81 11.64 9.33
N GLY B 364 12.05 11.13 8.34
CA GLY B 364 10.60 11.15 8.37
C GLY B 364 9.95 9.96 9.03
N GLU B 365 10.76 9.02 9.50
CA GLU B 365 10.21 7.90 10.27
C GLU B 365 9.33 8.43 11.39
N LEU B 366 8.17 7.77 11.56
CA LEU B 366 7.18 8.13 12.58
CA LEU B 366 7.16 8.13 12.56
C LEU B 366 6.58 9.55 12.40
N HIS B 367 6.71 10.12 11.21
CA HIS B 367 6.10 11.38 10.86
C HIS B 367 4.92 11.16 9.87
N ALA B 368 4.05 12.16 9.78
CA ALA B 368 3.07 12.29 8.70
C ALA B 368 2.97 13.75 8.32
N ARG B 369 2.52 14.01 7.10
CA ARG B 369 2.32 15.38 6.65
C ARG B 369 0.87 15.69 6.35
N LEU B 370 0.40 16.80 6.93
CA LEU B 370 -1.01 17.20 6.92
C LEU B 370 -1.23 18.46 6.08
N ASN B 371 -2.15 18.37 5.12
CA ASN B 371 -2.50 19.46 4.24
C ASN B 371 -3.70 20.26 4.79
N ILE B 372 -3.48 21.51 5.17
CA ILE B 372 -4.58 22.33 5.72
C ILE B 372 -5.19 23.35 4.76
N ALA B 373 -4.90 23.23 3.46
CA ALA B 373 -5.50 24.13 2.46
C ALA B 373 -6.89 23.61 2.08
N ALA B 374 -7.80 23.72 3.04
CA ALA B 374 -9.20 23.30 2.87
C ALA B 374 -10.05 24.15 3.82
N PRO B 375 -11.37 24.19 3.60
CA PRO B 375 -12.18 24.98 4.52
C PRO B 375 -11.96 24.58 5.98
N LYS B 376 -12.07 25.54 6.88
CA LYS B 376 -11.78 25.32 8.29
C LYS B 376 -12.62 24.18 8.87
N SER B 377 -13.86 24.03 8.41
CA SER B 377 -14.71 22.96 8.92
C SER B 377 -14.11 21.58 8.63
N LEU B 378 -13.53 21.43 7.45
CA LEU B 378 -12.89 20.18 7.06
C LEU B 378 -11.60 19.99 7.84
N VAL B 379 -10.82 21.05 8.00
CA VAL B 379 -9.62 20.97 8.82
C VAL B 379 -9.95 20.51 10.26
N GLU B 380 -11.00 21.08 10.83
CA GLU B 380 -11.46 20.71 12.17
C GLU B 380 -11.77 19.22 12.26
N GLU B 381 -12.49 18.70 11.26
CA GLU B 381 -12.83 17.28 11.21
C GLU B 381 -11.59 16.39 11.11
N ILE B 382 -10.69 16.74 10.21
CA ILE B 382 -9.46 15.99 10.02
C ILE B 382 -8.61 15.96 11.29
N CYS B 383 -8.49 17.10 11.95
CA CYS B 383 -7.71 17.15 13.21
C CYS B 383 -8.33 16.30 14.31
N LYS B 384 -9.66 16.36 14.42
CA LYS B 384 -10.38 15.51 15.36
C LYS B 384 -10.07 14.03 15.09
N ARG B 385 -10.07 13.61 13.82
CA ARG B 385 -9.78 12.22 13.47
C ARG B 385 -8.37 11.81 13.86
N ILE B 386 -7.41 12.69 13.61
CA ILE B 386 -6.01 12.41 13.88
C ILE B 386 -5.77 12.08 15.37
N VAL B 387 -6.48 12.77 16.26
CA VAL B 387 -6.30 12.58 17.71
C VAL B 387 -7.25 11.53 18.33
N CYS B 388 -8.16 10.97 17.55
CA CYS B 388 -9.18 10.10 18.11
CA CYS B 388 -9.19 10.03 18.03
C CYS B 388 -8.60 8.82 18.71
N CYS B 389 -7.59 8.27 18.04
CA CYS B 389 -7.22 6.89 18.30
CA CYS B 389 -7.20 6.89 18.16
C CYS B 389 -5.71 6.75 18.56
N LEU B 390 -5.06 7.81 19.07
CA LEU B 390 -3.62 7.73 19.40
C LEU B 390 -3.38 7.00 20.73
N PRO B 391 -2.40 6.07 20.78
CA PRO B 391 -2.27 5.15 21.92
C PRO B 391 -1.65 5.76 23.17
N LYS B 392 -2.09 5.29 24.34
CA LYS B 392 -1.42 5.65 25.60
C LYS B 392 -0.01 5.08 25.70
N TYR C 8 5.55 -38.54 -1.37
CA TYR C 8 5.02 -37.18 -1.01
C TYR C 8 5.02 -36.24 -2.20
N ASN C 9 4.02 -35.36 -2.25
CA ASN C 9 3.85 -34.43 -3.35
C ASN C 9 4.59 -33.11 -3.11
N PHE C 10 5.68 -32.91 -3.86
CA PHE C 10 6.36 -31.61 -3.91
C PHE C 10 6.35 -31.02 -5.33
N GLN C 11 5.52 -31.60 -6.19
CA GLN C 11 5.52 -31.29 -7.62
C GLN C 11 4.38 -30.35 -8.01
N THR C 12 3.26 -30.44 -7.29
CA THR C 12 2.12 -29.57 -7.57
C THR C 12 1.66 -28.91 -6.29
N ALA C 13 1.11 -27.70 -6.40
CA ALA C 13 0.74 -26.89 -5.25
C ALA C 13 -0.78 -26.89 -5.11
N PRO C 14 -1.31 -27.25 -3.93
CA PRO C 14 -2.76 -27.17 -3.75
C PRO C 14 -3.32 -25.76 -3.99
N ASN C 15 -4.51 -25.69 -4.57
CA ASN C 15 -5.19 -24.42 -4.77
C ASN C 15 -5.66 -23.85 -3.43
N ARG C 16 -5.18 -22.64 -3.11
CA ARG C 16 -5.48 -21.95 -1.85
C ARG C 16 -6.51 -20.82 -1.96
N LEU C 17 -6.97 -20.54 -3.18
N LEU C 17 -7.12 -20.67 -3.14
CA LEU C 17 -7.95 -19.49 -3.37
CA LEU C 17 -7.85 -19.45 -3.49
C LEU C 17 -9.26 -20.04 -2.82
C LEU C 17 -9.17 -19.19 -2.76
N SER C 18 -10.03 -19.19 -2.15
N SER C 18 -9.88 -20.22 -2.31
CA SER C 18 -11.26 -19.63 -1.50
CA SER C 18 -11.15 -19.99 -1.59
C SER C 18 -11.03 -20.02 -0.02
C SER C 18 -11.00 -19.94 -0.06
N HIS C 19 -9.77 -20.13 0.41
CA HIS C 19 -9.50 -20.56 1.78
C HIS C 19 -8.99 -19.48 2.69
N HIS C 20 -9.10 -18.22 2.25
CA HIS C 20 -8.81 -17.06 3.07
C HIS C 20 -7.38 -17.09 3.61
N THR C 21 -6.45 -17.49 2.76
CA THR C 21 -5.04 -17.46 3.13
C THR C 21 -4.49 -16.05 2.96
N TYR C 22 -3.60 -15.65 3.85
CA TYR C 22 -2.87 -14.43 3.64
C TYR C 22 -2.07 -14.48 2.35
N LYS C 23 -1.40 -15.60 2.12
CA LYS C 23 -0.44 -15.68 1.01
C LYS C 23 -1.07 -15.37 -0.35
N TRP C 24 -2.28 -15.92 -0.59
CA TRP C 24 -2.96 -15.80 -1.90
C TRP C 24 -4.03 -14.72 -1.96
N LYS C 25 -4.10 -13.88 -0.92
CA LYS C 25 -5.19 -12.91 -0.81
C LYS C 25 -5.23 -11.94 -1.97
N GLU C 26 -4.08 -11.39 -2.36
CA GLU C 26 -4.08 -10.42 -3.45
C GLU C 26 -4.48 -11.04 -4.78
N THR C 27 -4.02 -12.27 -4.97
CA THR C 27 -4.25 -12.99 -6.22
C THR C 27 -5.75 -13.25 -6.43
N GLU C 28 -6.50 -13.32 -5.35
CA GLU C 28 -7.96 -13.45 -5.42
C GLU C 28 -8.62 -12.26 -6.08
N THR C 29 -8.00 -11.09 -5.96
CA THR C 29 -8.45 -9.88 -6.66
C THR C 29 -7.74 -9.70 -8.01
N ASP C 30 -6.42 -9.86 -8.03
CA ASP C 30 -5.60 -9.72 -9.25
C ASP C 30 -5.01 -11.07 -9.61
N PRO C 31 -5.71 -11.82 -10.48
CA PRO C 31 -5.28 -13.18 -10.80
C PRO C 31 -3.91 -13.32 -11.46
N GLN C 32 -3.31 -12.22 -11.93
CA GLN C 32 -1.98 -12.27 -12.52
C GLN C 32 -0.88 -12.39 -11.50
N LEU C 33 -1.13 -11.96 -10.27
CA LEU C 33 -0.10 -11.90 -9.24
C LEU C 33 0.31 -13.29 -8.74
N LEU C 34 1.62 -13.56 -8.67
CA LEU C 34 2.12 -14.76 -8.01
C LEU C 34 2.78 -14.41 -6.70
N PRO C 35 2.30 -14.98 -5.58
CA PRO C 35 2.88 -14.68 -4.27
C PRO C 35 4.11 -15.53 -3.94
N ALA C 36 5.10 -14.89 -3.38
CA ALA C 36 6.28 -15.58 -2.91
C ALA C 36 6.86 -14.78 -1.76
N TRP C 37 5.98 -14.47 -0.81
CA TRP C 37 6.33 -13.55 0.26
C TRP C 37 6.30 -14.24 1.65
N ILE C 38 5.14 -14.20 2.31
CA ILE C 38 4.95 -14.77 3.64
C ILE C 38 5.41 -16.23 3.70
N ALA C 39 5.99 -16.62 4.84
CA ALA C 39 6.52 -17.95 5.04
C ALA C 39 5.45 -18.98 5.38
N ASP C 40 4.60 -19.26 4.40
CA ASP C 40 3.83 -20.51 4.31
C ASP C 40 4.41 -21.18 3.07
N MET C 41 4.33 -22.51 3.01
CA MET C 41 4.76 -23.23 1.80
C MET C 41 3.57 -23.53 0.91
N ASP C 42 3.83 -23.64 -0.39
CA ASP C 42 2.78 -24.08 -1.31
C ASP C 42 2.95 -25.58 -1.60
N PHE C 43 3.20 -26.33 -0.53
CA PHE C 43 3.28 -27.79 -0.57
C PHE C 43 2.19 -28.39 0.32
N GLU C 44 1.58 -29.49 -0.13
CA GLU C 44 0.74 -30.30 0.74
C GLU C 44 1.49 -30.64 2.02
N VAL C 45 0.78 -30.55 3.14
CA VAL C 45 1.30 -30.97 4.43
C VAL C 45 1.42 -32.50 4.51
N MET C 46 2.37 -32.97 5.32
CA MET C 46 2.55 -34.41 5.57
C MET C 46 1.21 -35.10 5.87
N PRO C 47 0.98 -36.29 5.27
CA PRO C 47 -0.35 -36.88 5.29
C PRO C 47 -0.87 -37.24 6.70
N GLU C 48 0.05 -37.47 7.64
CA GLU C 48 -0.34 -37.88 9.00
C GLU C 48 -1.04 -36.73 9.73
N VAL C 49 -0.63 -35.49 9.45
CA VAL C 49 -1.33 -34.32 10.01
C VAL C 49 -2.75 -34.19 9.41
N LYS C 50 -2.92 -34.36 8.10
CA LYS C 50 -4.25 -34.33 7.48
C LYS C 50 -5.15 -35.36 8.16
N GLN C 51 -4.58 -36.55 8.37
CA GLN C 51 -5.34 -37.62 8.98
C GLN C 51 -5.70 -37.29 10.43
N ALA C 52 -4.77 -36.65 11.14
CA ALA C 52 -5.03 -36.24 12.52
C ALA C 52 -6.20 -35.22 12.62
N ILE C 53 -6.35 -34.38 11.62
CA ILE C 53 -7.47 -33.43 11.60
C ILE C 53 -8.81 -34.17 11.40
N HIS C 54 -8.82 -35.14 10.49
CA HIS C 54 -9.99 -35.98 10.31
C HIS C 54 -10.33 -36.72 11.60
N ASP C 55 -9.30 -37.24 12.27
CA ASP C 55 -9.48 -37.97 13.53
C ASP C 55 -10.03 -37.04 14.62
N TYR C 56 -9.55 -35.79 14.65
CA TYR C 56 -10.12 -34.79 15.58
C TYR C 56 -11.62 -34.62 15.35
N ALA C 57 -12.02 -34.43 14.09
CA ALA C 57 -13.44 -34.34 13.73
C ALA C 57 -14.24 -35.52 14.31
N GLU C 58 -13.66 -36.71 14.23
CA GLU C 58 -14.35 -37.91 14.69
C GLU C 58 -14.36 -38.13 16.21
N GLN C 59 -13.76 -37.21 16.97
CA GLN C 59 -14.01 -37.14 18.41
C GLN C 59 -15.46 -36.72 18.71
N LEU C 60 -16.11 -36.03 17.78
CA LEU C 60 -17.53 -35.62 17.85
C LEU C 60 -17.83 -34.46 18.80
N VAL C 61 -16.92 -34.16 19.72
CA VAL C 61 -17.10 -33.08 20.71
C VAL C 61 -15.80 -32.29 20.72
N TYR C 62 -15.87 -30.96 20.78
CA TYR C 62 -14.70 -30.09 20.58
C TYR C 62 -14.48 -29.12 21.75
N GLY C 63 -14.44 -29.67 22.96
CA GLY C 63 -14.32 -28.88 24.17
C GLY C 63 -12.88 -28.63 24.56
N TYR C 64 -12.70 -28.08 25.74
CA TYR C 64 -11.37 -27.73 26.20
C TYR C 64 -10.49 -28.98 26.36
N THR C 65 -9.27 -28.88 25.85
CA THR C 65 -8.24 -29.91 26.01
C THR C 65 -6.97 -29.31 26.56
N TYR C 66 -6.07 -30.17 27.06
CA TYR C 66 -4.82 -29.76 27.68
C TYR C 66 -3.66 -30.45 26.94
N ALA C 67 -2.44 -29.97 27.18
CA ALA C 67 -1.25 -30.53 26.57
C ALA C 67 -0.94 -31.88 27.20
N SER C 68 -1.01 -32.92 26.39
CA SER C 68 -0.84 -34.29 26.87
C SER C 68 0.63 -34.64 27.14
N ASP C 69 0.84 -35.66 27.98
CA ASP C 69 2.18 -36.23 28.17
C ASP C 69 2.80 -36.69 26.84
N GLU C 70 1.98 -37.21 25.94
CA GLU C 70 2.44 -37.63 24.63
C GLU C 70 2.99 -36.47 23.80
N LEU C 71 2.30 -35.33 23.84
CA LEU C 71 2.78 -34.10 23.17
C LEU C 71 4.07 -33.63 23.80
N LEU C 72 4.13 -33.60 25.13
CA LEU C 72 5.36 -33.19 25.83
C LEU C 72 6.53 -34.11 25.48
N GLN C 73 6.28 -35.41 25.45
CA GLN C 73 7.32 -36.38 25.04
C GLN C 73 7.77 -36.15 23.60
N ALA C 74 6.85 -35.85 22.70
CA ALA C 74 7.18 -35.62 21.29
C ALA C 74 8.15 -34.44 21.14
N VAL C 75 7.92 -33.37 21.90
CA VAL C 75 8.78 -32.20 21.88
C VAL C 75 10.14 -32.56 22.47
N LEU C 76 10.13 -33.24 23.62
CA LEU C 76 11.38 -33.67 24.23
C LEU C 76 12.19 -34.52 23.27
N ASP C 77 11.53 -35.50 22.64
CA ASP C 77 12.22 -36.44 21.74
C ASP C 77 12.75 -35.74 20.48
N TRP C 78 11.96 -34.82 19.93
CA TRP C 78 12.41 -34.05 18.78
C TRP C 78 13.67 -33.24 19.13
N GLU C 79 13.62 -32.54 20.24
CA GLU C 79 14.71 -31.65 20.61
C GLU C 79 15.99 -32.44 20.89
N LYS C 80 15.82 -33.61 21.48
CA LYS C 80 16.98 -34.46 21.78
C LYS C 80 17.52 -35.06 20.49
N SER C 81 16.66 -35.66 19.70
CA SER C 81 17.11 -36.40 18.51
C SER C 81 17.59 -35.49 17.38
N GLU C 82 16.93 -34.35 17.22
CA GLU C 82 17.26 -33.43 16.12
C GLU C 82 18.28 -32.38 16.51
N HIS C 83 18.31 -31.97 17.78
CA HIS C 83 19.10 -30.85 18.18
C HIS C 83 20.00 -31.07 19.36
N GLN C 84 20.06 -32.31 19.86
CA GLN C 84 20.95 -32.68 20.95
C GLN C 84 20.71 -31.87 22.22
N TYR C 85 19.42 -31.54 22.48
CA TYR C 85 19.05 -30.59 23.51
C TYR C 85 18.14 -31.36 24.45
N SER C 86 18.68 -31.70 25.60
CA SER C 86 17.92 -32.51 26.55
C SER C 86 17.52 -31.65 27.74
N PHE C 87 16.26 -31.80 28.15
CA PHE C 87 15.71 -31.00 29.25
C PHE C 87 14.51 -31.79 29.82
N ASP C 88 13.81 -31.21 30.79
CA ASP C 88 12.68 -31.88 31.46
C ASP C 88 11.36 -31.45 30.85
N LYS C 89 10.36 -32.34 30.89
CA LYS C 89 8.99 -31.99 30.46
C LYS C 89 8.49 -30.68 31.06
N GLU C 90 8.81 -30.40 32.31
CA GLU C 90 8.30 -29.18 32.96
C GLU C 90 8.96 -27.88 32.48
N ASP C 91 9.97 -28.01 31.62
CA ASP C 91 10.64 -26.83 31.05
C ASP C 91 9.95 -26.36 29.78
N ILE C 92 8.98 -27.11 29.31
CA ILE C 92 8.25 -26.78 28.11
C ILE C 92 7.06 -25.88 28.48
N VAL C 93 6.93 -24.75 27.80
CA VAL C 93 5.76 -23.88 27.92
C VAL C 93 5.12 -23.68 26.55
N PHE C 94 3.90 -24.19 26.36
CA PHE C 94 3.22 -24.00 25.08
C PHE C 94 2.59 -22.63 25.02
N VAL C 95 2.68 -22.03 23.82
CA VAL C 95 2.13 -20.71 23.53
C VAL C 95 1.55 -20.78 22.13
N GLU C 96 0.45 -20.06 21.88
CA GLU C 96 -0.22 -20.21 20.57
C GLU C 96 0.66 -19.81 19.36
N GLY C 97 1.69 -19.02 19.61
CA GLY C 97 2.67 -18.65 18.59
C GLY C 97 3.95 -18.10 19.16
N VAL C 98 4.96 -18.08 18.31
CA VAL C 98 6.29 -17.54 18.63
C VAL C 98 6.23 -16.02 18.79
N VAL C 99 5.55 -15.35 17.87
CA VAL C 99 5.34 -13.90 17.98
C VAL C 99 4.63 -13.52 19.31
N PRO C 100 3.51 -14.18 19.66
CA PRO C 100 2.95 -14.09 21.03
C PRO C 100 3.99 -14.21 22.14
N ALA C 101 4.80 -15.27 22.07
CA ALA C 101 5.85 -15.51 23.06
C ALA C 101 6.86 -14.38 23.16
N ILE C 102 7.23 -13.77 22.02
CA ILE C 102 8.14 -12.63 22.03
C ILE C 102 7.58 -11.44 22.83
N SER C 103 6.31 -11.12 22.64
CA SER C 103 5.68 -10.04 23.40
C SER C 103 5.62 -10.39 24.89
N ILE C 104 5.23 -11.62 25.20
CA ILE C 104 5.21 -12.09 26.59
C ILE C 104 6.60 -11.95 27.24
N ALA C 105 7.63 -12.39 26.52
CA ALA C 105 9.00 -12.27 26.99
C ALA C 105 9.42 -10.81 27.24
N ILE C 106 9.12 -9.91 26.30
CA ILE C 106 9.45 -8.49 26.49
C ILE C 106 8.79 -7.95 27.76
N GLN C 107 7.51 -8.25 27.91
CA GLN C 107 6.75 -7.79 29.06
C GLN C 107 7.22 -8.42 30.37
N ALA C 108 7.60 -9.69 30.33
CA ALA C 108 8.02 -10.43 31.53
C ALA C 108 9.40 -10.01 32.02
N PHE C 109 10.33 -9.81 31.09
CA PHE C 109 11.76 -9.68 31.43
C PHE C 109 12.32 -8.26 31.44
N THR C 110 11.52 -7.31 30.99
CA THR C 110 11.92 -5.88 31.05
C THR C 110 10.78 -5.04 31.58
N LYS C 111 11.07 -3.80 31.96
CA LYS C 111 10.04 -2.85 32.28
C LYS C 111 10.02 -1.77 31.22
N GLU C 112 8.93 -1.02 31.19
CA GLU C 112 8.75 0.04 30.20
C GLU C 112 9.95 0.97 30.22
N GLY C 113 10.37 1.40 29.03
CA GLY C 113 11.51 2.29 28.88
C GLY C 113 12.87 1.62 28.86
N GLU C 114 12.96 0.35 29.27
CA GLU C 114 14.23 -0.36 29.23
C GLU C 114 14.59 -0.79 27.79
N ALA C 115 15.88 -1.01 27.56
CA ALA C 115 16.41 -1.31 26.22
C ALA C 115 16.35 -2.80 25.83
N VAL C 116 15.82 -3.06 24.64
CA VAL C 116 15.83 -4.39 24.02
C VAL C 116 16.62 -4.32 22.71
N LEU C 117 17.52 -5.27 22.56
CA LEU C 117 18.41 -5.32 21.40
C LEU C 117 17.98 -6.40 20.41
N ILE C 118 18.07 -6.06 19.13
CA ILE C 118 17.90 -6.99 18.02
C ILE C 118 19.10 -6.80 17.06
N ASN C 119 19.34 -7.80 16.21
CA ASN C 119 20.32 -7.69 15.13
C ASN C 119 19.55 -7.34 13.87
N SER C 120 19.69 -6.13 13.37
CA SER C 120 18.96 -5.70 12.16
C SER C 120 19.80 -5.94 10.90
N PRO C 121 19.15 -6.23 9.74
CA PRO C 121 17.71 -6.28 9.57
C PRO C 121 17.18 -7.64 10.04
N VAL C 122 15.93 -7.65 10.51
CA VAL C 122 15.33 -8.89 11.04
C VAL C 122 13.81 -8.82 10.93
N TYR C 123 13.20 -10.01 10.96
CA TYR C 123 11.75 -10.25 10.95
C TYR C 123 10.98 -9.10 11.64
N PRO C 124 10.08 -8.42 10.92
CA PRO C 124 9.58 -7.13 11.43
C PRO C 124 8.85 -7.15 12.79
N PRO C 125 8.13 -8.23 13.11
CA PRO C 125 7.58 -8.28 14.48
C PRO C 125 8.59 -8.14 15.63
N PHE C 126 9.88 -8.38 15.38
CA PHE C 126 10.90 -8.08 16.40
C PHE C 126 10.87 -6.58 16.80
N ALA C 127 11.16 -5.69 15.84
CA ALA C 127 11.14 -4.26 16.10
C ALA C 127 9.77 -3.79 16.57
N ARG C 128 8.72 -4.31 15.95
CA ARG C 128 7.38 -3.89 16.29
C ARG C 128 7.05 -4.20 17.74
N SER C 129 7.36 -5.42 18.16
CA SER C 129 7.02 -5.88 19.50
C SER C 129 7.73 -5.05 20.55
N VAL C 130 8.97 -4.67 20.28
CA VAL C 130 9.71 -3.82 21.22
C VAL C 130 9.04 -2.45 21.29
N ARG C 131 8.82 -1.83 20.13
CA ARG C 131 8.29 -0.47 20.05
CA ARG C 131 8.33 -0.45 20.11
C ARG C 131 6.90 -0.33 20.66
N LEU C 132 6.00 -1.24 20.27
CA LEU C 132 4.62 -1.14 20.75
C LEU C 132 4.53 -1.36 22.25
N ASN C 133 5.52 -2.06 22.81
CA ASN C 133 5.59 -2.28 24.26
C ASN C 133 6.30 -1.14 25.00
N ASN C 134 6.60 -0.04 24.31
CA ASN C 134 7.25 1.09 24.96
C ASN C 134 8.57 0.74 25.64
N ARG C 135 9.34 -0.18 25.04
CA ARG C 135 10.73 -0.42 25.38
C ARG C 135 11.53 0.32 24.33
N LYS C 136 12.77 0.62 24.69
CA LYS C 136 13.67 1.28 23.77
C LYS C 136 14.32 0.24 22.85
N LEU C 137 14.20 0.45 21.56
CA LEU C 137 14.78 -0.46 20.59
C LEU C 137 16.23 -0.07 20.28
N VAL C 138 17.11 -1.03 20.47
CA VAL C 138 18.51 -0.92 20.05
C VAL C 138 18.72 -1.88 18.89
N SER C 139 18.98 -1.32 17.71
CA SER C 139 19.17 -2.15 16.51
C SER C 139 20.68 -2.27 16.27
N ASN C 140 21.23 -3.44 16.58
CA ASN C 140 22.61 -3.74 16.29
C ASN C 140 22.72 -4.17 14.82
N SER C 141 23.26 -3.29 13.99
CA SER C 141 23.30 -3.55 12.56
C SER C 141 24.30 -4.66 12.21
N LEU C 142 23.81 -5.65 11.46
CA LEU C 142 24.64 -6.74 10.97
C LEU C 142 25.55 -6.24 9.86
N LYS C 143 26.79 -6.73 9.87
CA LYS C 143 27.71 -6.53 8.73
C LYS C 143 27.37 -7.52 7.63
N GLU C 144 27.73 -7.19 6.40
CA GLU C 144 27.67 -8.17 5.34
C GLU C 144 29.05 -8.31 4.75
N GLU C 145 29.55 -9.54 4.76
CA GLU C 145 30.92 -9.84 4.37
C GLU C 145 30.91 -11.09 3.51
N ASN C 146 31.36 -10.98 2.27
CA ASN C 146 31.44 -12.14 1.38
C ASN C 146 30.10 -12.89 1.24
N GLY C 147 29.01 -12.13 1.15
CA GLY C 147 27.69 -12.70 0.91
C GLY C 147 26.99 -13.27 2.13
N LEU C 148 27.53 -12.98 3.31
CA LEU C 148 26.91 -13.44 4.56
C LEU C 148 26.81 -12.34 5.57
N PHE C 149 25.74 -12.37 6.36
CA PHE C 149 25.62 -11.52 7.54
C PHE C 149 26.64 -11.95 8.60
N GLN C 150 27.24 -10.99 9.28
CA GLN C 150 28.14 -11.29 10.39
C GLN C 150 27.93 -10.27 11.49
N ILE C 151 28.16 -10.68 12.73
CA ILE C 151 28.01 -9.76 13.86
C ILE C 151 29.28 -8.93 14.08
N ASP C 152 29.10 -7.63 14.27
CA ASP C 152 30.21 -6.75 14.68
C ASP C 152 30.22 -6.79 16.21
N PHE C 153 31.11 -7.61 16.78
CA PHE C 153 31.10 -7.82 18.23
C PHE C 153 31.57 -6.62 19.02
N GLU C 154 32.43 -5.80 18.43
CA GLU C 154 32.80 -4.53 19.04
C GLU C 154 31.59 -3.60 19.17
N GLN C 155 30.87 -3.41 18.07
CA GLN C 155 29.72 -2.52 18.11
C GLN C 155 28.57 -3.12 18.92
N LEU C 156 28.44 -4.44 18.91
CA LEU C 156 27.42 -5.14 19.70
C LEU C 156 27.64 -4.84 21.18
N GLU C 157 28.87 -5.01 21.66
CA GLU C 157 29.18 -4.67 23.05
C GLU C 157 28.90 -3.19 23.35
N ASN C 158 29.34 -2.29 22.47
CA ASN C 158 29.01 -0.86 22.61
C ASN C 158 27.52 -0.63 22.72
N ASP C 159 26.75 -1.28 21.85
CA ASP C 159 25.30 -1.16 21.84
C ASP C 159 24.68 -1.59 23.19
N ILE C 160 25.22 -2.66 23.74
CA ILE C 160 24.74 -3.18 25.02
C ILE C 160 25.09 -2.24 26.17
N VAL C 161 26.35 -1.81 26.23
CA VAL C 161 26.80 -0.96 27.34
C VAL C 161 26.19 0.43 27.29
N GLU C 162 26.21 1.07 26.13
CA GLU C 162 25.75 2.46 25.98
C GLU C 162 24.26 2.65 26.22
N ASN C 163 23.47 1.59 26.01
CA ASN C 163 22.02 1.65 26.16
C ASN C 163 21.52 0.82 27.34
N ASP C 164 22.42 0.24 28.12
CA ASP C 164 22.05 -0.60 29.27
C ASP C 164 21.00 -1.66 28.87
N VAL C 165 21.29 -2.36 27.78
CA VAL C 165 20.39 -3.38 27.22
C VAL C 165 20.07 -4.45 28.28
N LYS C 166 18.80 -4.78 28.42
CA LYS C 166 18.36 -5.77 29.41
C LYS C 166 17.98 -7.09 28.76
N LEU C 167 17.65 -7.04 27.47
CA LEU C 167 17.12 -8.21 26.78
C LEU C 167 17.58 -8.20 25.33
N TYR C 168 17.98 -9.37 24.84
CA TYR C 168 18.49 -9.55 23.49
C TYR C 168 17.56 -10.57 22.82
N LEU C 169 16.90 -10.12 21.75
CA LEU C 169 16.07 -10.99 20.92
C LEU C 169 16.94 -11.49 19.78
N LEU C 170 17.33 -12.75 19.84
CA LEU C 170 18.21 -13.36 18.85
C LEU C 170 17.41 -14.18 17.87
N CYS C 171 17.76 -14.12 16.58
CA CYS C 171 17.07 -14.91 15.59
C CYS C 171 18.08 -15.96 15.06
N ASN C 172 17.79 -17.24 15.28
CA ASN C 172 18.75 -18.34 15.05
CA ASN C 172 18.72 -18.30 14.90
C ASN C 172 18.03 -19.60 14.51
N PRO C 173 18.03 -19.88 13.19
CA PRO C 173 18.60 -19.12 12.08
C PRO C 173 18.01 -17.72 11.89
N HIS C 174 18.82 -16.81 11.36
CA HIS C 174 18.44 -15.42 11.22
C HIS C 174 17.61 -15.22 9.97
N ASN C 175 16.44 -14.60 10.14
CA ASN C 175 15.49 -14.25 9.09
C ASN C 175 15.39 -12.73 9.07
N PRO C 176 15.73 -12.08 7.95
CA PRO C 176 16.03 -12.61 6.64
C PRO C 176 17.51 -12.92 6.46
N GLY C 177 17.84 -13.48 5.31
CA GLY C 177 19.22 -13.81 4.99
C GLY C 177 19.45 -15.28 5.17
N GLY C 178 18.87 -15.87 6.22
CA GLY C 178 18.97 -17.30 6.45
C GLY C 178 20.32 -17.73 7.02
N ARG C 179 20.84 -16.93 7.93
CA ARG C 179 22.17 -17.14 8.47
C ARG C 179 22.09 -18.16 9.63
N VAL C 180 22.92 -19.20 9.55
CA VAL C 180 22.91 -20.29 10.55
C VAL C 180 24.14 -20.05 11.40
N TRP C 181 23.99 -19.35 12.51
CA TRP C 181 25.15 -18.94 13.31
C TRP C 181 25.97 -20.12 13.81
N GLU C 182 27.29 -20.02 13.69
CA GLU C 182 28.16 -21.08 14.20
C GLU C 182 28.20 -21.09 15.71
N ARG C 183 28.48 -22.26 16.27
CA ARG C 183 28.67 -22.42 17.69
C ARG C 183 29.52 -21.32 18.32
N GLU C 184 30.63 -20.98 17.67
CA GLU C 184 31.58 -20.00 18.18
C GLU C 184 31.02 -18.58 18.24
N VAL C 185 30.16 -18.23 17.28
CA VAL C 185 29.46 -16.96 17.27
C VAL C 185 28.49 -16.88 18.46
N LEU C 186 27.69 -17.93 18.61
CA LEU C 186 26.73 -18.02 19.72
C LEU C 186 27.43 -17.97 21.07
N GLU C 187 28.58 -18.66 21.18
CA GLU C 187 29.36 -18.61 22.42
C GLU C 187 29.80 -17.18 22.75
N GLN C 188 30.24 -16.44 21.73
CA GLN C 188 30.67 -15.07 21.94
C GLN C 188 29.49 -14.17 22.35
N ILE C 189 28.32 -14.39 21.74
CA ILE C 189 27.10 -13.70 22.13
C ILE C 189 26.78 -14.01 23.59
N GLY C 190 26.78 -15.29 23.93
CA GLY C 190 26.43 -15.70 25.28
C GLY C 190 27.35 -15.08 26.31
N HIS C 191 28.65 -15.10 26.04
CA HIS C 191 29.61 -14.50 26.94
C HIS C 191 29.40 -13.01 27.21
N LEU C 192 29.02 -12.25 26.17
CA LEU C 192 28.65 -10.84 26.29
C LEU C 192 27.42 -10.65 27.19
N CYS C 193 26.44 -11.53 27.02
CA CYS C 193 25.24 -11.50 27.85
C CYS C 193 25.55 -11.78 29.33
N GLN C 194 26.45 -12.71 29.58
CA GLN C 194 26.90 -13.00 30.94
C GLN C 194 27.58 -11.79 31.53
N LYS C 195 28.50 -11.22 30.74
CA LYS C 195 29.32 -10.09 31.19
C LYS C 195 28.48 -8.87 31.55
N HIS C 196 27.43 -8.59 30.77
CA HIS C 196 26.63 -7.39 30.94
C HIS C 196 25.21 -7.64 31.47
N HIS C 197 24.98 -8.87 31.93
CA HIS C 197 23.75 -9.22 32.63
C HIS C 197 22.54 -8.98 31.75
N VAL C 198 22.59 -9.58 30.56
CA VAL C 198 21.51 -9.50 29.57
C VAL C 198 20.79 -10.84 29.50
N ILE C 199 19.46 -10.78 29.45
CA ILE C 199 18.63 -11.95 29.22
C ILE C 199 18.54 -12.14 27.71
N LEU C 200 18.59 -13.38 27.26
CA LEU C 200 18.50 -13.64 25.82
C LEU C 200 17.37 -14.59 25.48
N VAL C 201 16.64 -14.24 24.41
CA VAL C 201 15.59 -15.09 23.89
C VAL C 201 16.03 -15.47 22.49
N SER C 202 16.21 -16.77 22.28
CA SER C 202 16.61 -17.29 20.99
C SER C 202 15.41 -17.83 20.20
N ASP C 203 15.03 -17.10 19.15
CA ASP C 203 13.93 -17.49 18.28
C ASP C 203 14.45 -18.45 17.23
N GLU C 204 14.17 -19.72 17.45
CA GLU C 204 14.72 -20.81 16.65
C GLU C 204 13.61 -21.48 15.86
N ILE C 205 12.64 -20.67 15.42
CA ILE C 205 11.52 -21.25 14.68
C ILE C 205 11.95 -21.92 13.36
N HIS C 206 13.04 -21.43 12.75
CA HIS C 206 13.55 -22.04 11.51
C HIS C 206 14.61 -23.15 11.73
N GLN C 207 14.73 -23.65 12.95
CA GLN C 207 15.83 -24.53 13.31
C GLN C 207 15.92 -25.85 12.54
N ASP C 208 14.81 -26.36 12.06
CA ASP C 208 14.76 -27.63 11.30
C ASP C 208 15.03 -27.45 9.81
N LEU C 209 15.23 -26.20 9.39
CA LEU C 209 15.38 -25.86 7.98
C LEU C 209 16.77 -25.34 7.60
N THR C 210 17.81 -25.88 8.26
CA THR C 210 19.21 -25.53 7.93
C THR C 210 19.65 -26.48 6.81
N LEU C 211 20.40 -25.93 5.85
CA LEU C 211 20.62 -26.60 4.56
C LEU C 211 22.12 -26.60 4.20
N PHE C 212 22.45 -27.31 3.13
CA PHE C 212 23.82 -27.33 2.56
C PHE C 212 24.90 -27.68 3.59
N GLY C 213 24.54 -28.59 4.49
CA GLY C 213 25.47 -29.03 5.54
C GLY C 213 25.60 -28.13 6.74
N HIS C 214 24.87 -27.02 6.77
CA HIS C 214 24.88 -26.13 7.90
C HIS C 214 24.02 -26.75 8.98
N GLU C 215 24.56 -26.77 10.19
CA GLU C 215 23.93 -27.42 11.32
C GLU C 215 23.41 -26.37 12.28
N HIS C 216 22.15 -26.51 12.69
CA HIS C 216 21.58 -25.64 13.69
C HIS C 216 22.26 -25.93 15.03
N VAL C 217 22.68 -24.87 15.71
CA VAL C 217 23.16 -24.99 17.08
C VAL C 217 22.19 -24.28 18.00
N SER C 218 21.42 -25.05 18.76
CA SER C 218 20.44 -24.48 19.68
C SER C 218 21.15 -23.81 20.84
N PHE C 219 20.65 -22.64 21.24
CA PHE C 219 21.46 -21.71 22.02
C PHE C 219 22.00 -22.27 23.33
N ASN C 220 21.12 -22.92 24.09
CA ASN C 220 21.52 -23.43 25.40
C ASN C 220 22.38 -24.71 25.32
N THR C 221 22.49 -25.30 24.14
CA THR C 221 23.43 -26.43 23.94
C THR C 221 24.88 -25.94 23.81
N VAL C 222 25.07 -24.63 23.61
CA VAL C 222 26.40 -24.08 23.40
C VAL C 222 27.24 -24.19 24.68
N SER C 223 26.60 -23.95 25.82
CA SER C 223 27.29 -24.00 27.10
C SER C 223 26.25 -24.20 28.19
N PRO C 224 26.54 -25.05 29.17
CA PRO C 224 25.49 -25.39 30.15
C PRO C 224 25.12 -24.29 31.14
N ASP C 225 25.87 -23.19 31.17
CA ASP C 225 25.49 -22.05 31.98
C ASP C 225 24.58 -21.06 31.24
N PHE C 226 24.39 -21.25 29.94
CA PHE C 226 23.62 -20.30 29.15
C PHE C 226 22.14 -20.27 29.55
N LYS C 227 21.65 -21.41 30.04
CA LYS C 227 20.26 -21.47 30.52
C LYS C 227 19.98 -20.52 31.69
N ASP C 228 21.03 -20.08 32.37
CA ASP C 228 20.85 -19.14 33.46
C ASP C 228 20.33 -17.76 33.01
N PHE C 229 20.52 -17.42 31.74
CA PHE C 229 20.06 -16.13 31.20
C PHE C 229 19.29 -16.24 29.87
N ALA C 230 19.21 -17.44 29.29
CA ALA C 230 18.67 -17.62 27.95
C ALA C 230 17.58 -18.67 27.86
N LEU C 231 16.63 -18.43 26.99
CA LEU C 231 15.57 -19.40 26.70
C LEU C 231 15.42 -19.51 25.20
N VAL C 232 14.77 -20.59 24.79
CA VAL C 232 14.62 -20.94 23.39
C VAL C 232 13.14 -20.96 23.02
N LEU C 233 12.79 -20.34 21.89
CA LEU C 233 11.45 -20.43 21.32
C LEU C 233 11.55 -21.25 20.04
N SER C 234 10.63 -22.20 19.85
CA SER C 234 10.52 -22.86 18.56
C SER C 234 9.12 -23.38 18.34
N SER C 235 8.94 -24.17 17.29
CA SER C 235 7.63 -24.60 16.88
C SER C 235 7.78 -25.66 15.80
N ALA C 236 6.72 -26.42 15.58
CA ALA C 236 6.60 -27.28 14.42
C ALA C 236 6.03 -26.54 13.20
N THR C 237 5.56 -25.31 13.37
CA THR C 237 4.75 -24.68 12.30
C THR C 237 5.49 -24.33 11.01
N LYS C 238 6.69 -23.77 11.12
CA LYS C 238 7.48 -23.44 9.92
C LYS C 238 8.01 -24.71 9.27
N THR C 239 8.49 -25.64 10.10
CA THR C 239 9.05 -26.90 9.61
C THR C 239 8.05 -27.65 8.76
N PHE C 240 6.79 -27.67 9.21
CA PHE C 240 5.79 -28.54 8.63
C PHE C 240 4.60 -27.87 7.92
N ASN C 241 4.64 -26.55 7.79
CA ASN C 241 3.67 -25.79 7.02
C ASN C 241 2.27 -25.84 7.66
N ILE C 242 2.25 -25.66 8.99
CA ILE C 242 1.02 -25.73 9.76
C ILE C 242 0.82 -24.46 10.63
N ALA C 243 1.23 -23.32 10.09
CA ALA C 243 1.11 -22.01 10.79
C ALA C 243 -0.30 -21.67 11.28
N GLY C 244 -1.30 -22.12 10.54
CA GLY C 244 -2.69 -21.87 10.88
C GLY C 244 -3.26 -22.70 12.02
N THR C 245 -2.47 -23.65 12.53
CA THR C 245 -2.91 -24.51 13.65
C THR C 245 -2.56 -23.90 15.00
N LYS C 246 -1.68 -22.91 15.03
CA LYS C 246 -1.45 -22.07 16.21
C LYS C 246 -0.97 -22.83 17.48
N ASN C 247 0.28 -23.31 17.40
CA ASN C 247 0.96 -23.78 18.60
C ASN C 247 2.46 -23.65 18.39
N SER C 248 3.17 -23.49 19.51
CA SER C 248 4.59 -23.26 19.53
C SER C 248 4.99 -23.45 20.97
N TYR C 249 6.29 -23.34 21.28
CA TYR C 249 6.70 -23.51 22.67
C TYR C 249 7.95 -22.71 23.02
N ALA C 250 8.12 -22.46 24.31
CA ALA C 250 9.35 -21.97 24.88
C ALA C 250 9.91 -23.10 25.70
N ILE C 251 11.22 -23.28 25.60
CA ILE C 251 11.97 -24.10 26.55
C ILE C 251 12.72 -23.20 27.51
N ILE C 252 12.34 -23.30 28.79
CA ILE C 252 12.83 -22.40 29.81
C ILE C 252 13.28 -23.23 30.99
N GLU C 253 14.56 -23.59 30.96
CA GLU C 253 15.12 -24.44 32.01
C GLU C 253 15.37 -23.74 33.33
N ASN C 254 15.66 -22.44 33.28
CA ASN C 254 15.91 -21.71 34.50
C ASN C 254 14.59 -21.49 35.24
N PRO C 255 14.52 -21.96 36.50
CA PRO C 255 13.24 -21.81 37.20
C PRO C 255 12.72 -20.36 37.31
N THR C 256 13.61 -19.39 37.53
CA THR C 256 13.20 -18.00 37.67
C THR C 256 12.64 -17.45 36.34
N LEU C 257 13.36 -17.65 35.25
CA LEU C 257 12.89 -17.18 33.93
C LEU C 257 11.59 -17.86 33.57
N CYS C 258 11.47 -19.14 33.91
CA CYS C 258 10.29 -19.89 33.54
C CYS C 258 9.07 -19.36 34.28
N ALA C 259 9.23 -19.12 35.57
CA ALA C 259 8.13 -18.57 36.38
C ALA C 259 7.72 -17.17 35.90
N GLN C 260 8.71 -16.32 35.62
CA GLN C 260 8.50 -14.98 35.08
C GLN C 260 7.68 -15.00 33.78
N PHE C 261 8.09 -15.87 32.86
CA PHE C 261 7.41 -16.00 31.57
C PHE C 261 5.99 -16.51 31.75
N LYS C 262 5.83 -17.62 32.48
CA LYS C 262 4.50 -18.18 32.74
C LYS C 262 3.59 -17.20 33.47
N HIS C 263 4.16 -16.43 34.38
CA HIS C 263 3.37 -15.46 35.11
C HIS C 263 2.78 -14.41 34.17
N GLN C 264 3.61 -13.84 33.31
CA GLN C 264 3.17 -12.82 32.35
C GLN C 264 2.17 -13.42 31.36
N GLN C 265 2.43 -14.66 30.96
CA GLN C 265 1.49 -15.33 30.05
C GLN C 265 0.10 -15.42 30.68
N LEU C 266 0.03 -15.76 31.97
CA LEU C 266 -1.23 -15.80 32.69
C LEU C 266 -1.84 -14.40 32.96
N VAL C 267 -1.02 -13.43 33.33
CA VAL C 267 -1.46 -12.03 33.41
C VAL C 267 -2.19 -11.61 32.13
N ASN C 268 -1.67 -12.05 30.99
CA ASN C 268 -2.22 -11.72 29.67
C ASN C 268 -3.32 -12.67 29.19
N ASN C 269 -3.67 -13.66 30.02
CA ASN C 269 -4.63 -14.70 29.64
C ASN C 269 -4.27 -15.30 28.26
N HIS C 270 -2.96 -15.55 28.10
CA HIS C 270 -2.39 -16.03 26.84
C HIS C 270 -1.85 -17.45 27.01
N HIS C 271 -2.43 -18.19 27.95
CA HIS C 271 -1.91 -19.47 28.41
C HIS C 271 -2.58 -20.69 27.79
N GLU C 272 -3.60 -20.52 26.96
CA GLU C 272 -4.31 -21.69 26.41
C GLU C 272 -4.08 -21.80 24.90
N VAL C 273 -4.20 -23.02 24.40
CA VAL C 273 -3.94 -23.36 23.00
C VAL C 273 -5.12 -24.21 22.53
N SER C 274 -5.44 -24.11 21.26
CA SER C 274 -6.54 -24.89 20.69
C SER C 274 -6.21 -26.39 20.61
N SER C 275 -7.25 -27.19 20.59
CA SER C 275 -7.09 -28.65 20.54
C SER C 275 -6.29 -29.09 19.32
N LEU C 276 -6.58 -28.52 18.15
CA LEU C 276 -5.80 -28.87 16.96
C LEU C 276 -4.36 -28.37 17.03
N GLY C 277 -4.13 -27.24 17.71
CA GLY C 277 -2.78 -26.78 18.00
C GLY C 277 -1.94 -27.87 18.64
N TYR C 278 -2.48 -28.49 19.69
CA TYR C 278 -1.78 -29.56 20.37
C TYR C 278 -1.60 -30.77 19.47
N ILE C 279 -2.68 -31.17 18.81
CA ILE C 279 -2.67 -32.37 17.97
C ILE C 279 -1.71 -32.28 16.79
N ALA C 280 -1.74 -31.17 16.05
CA ALA C 280 -0.92 -31.03 14.85
C ALA C 280 0.58 -31.04 15.17
N THR C 281 0.98 -30.37 16.24
CA THR C 281 2.38 -30.38 16.69
C THR C 281 2.87 -31.78 17.11
N GLU C 282 2.07 -32.48 17.91
CA GLU C 282 2.47 -33.81 18.32
C GLU C 282 2.64 -34.71 17.10
N THR C 283 1.68 -34.65 16.20
CA THR C 283 1.65 -35.50 15.02
C THR C 283 2.85 -35.19 14.11
N ALA C 284 3.10 -33.90 13.90
CA ALA C 284 4.23 -33.48 13.07
C ALA C 284 5.56 -34.00 13.60
N TYR C 285 5.76 -33.85 14.91
CA TYR C 285 7.02 -34.22 15.51
C TYR C 285 7.18 -35.74 15.62
N ARG C 286 6.08 -36.45 15.85
CA ARG C 286 6.12 -37.91 15.96
C ARG C 286 6.39 -38.60 14.64
N TYR C 287 5.85 -38.07 13.55
CA TYR C 287 5.82 -38.77 12.26
C TYR C 287 6.41 -38.01 11.07
N GLY C 288 6.93 -36.81 11.31
CA GLY C 288 7.28 -35.93 10.20
C GLY C 288 8.70 -35.99 9.66
N LYS C 289 9.58 -36.77 10.28
CA LYS C 289 11.00 -36.73 9.86
C LYS C 289 11.20 -37.10 8.38
N PRO C 290 10.57 -38.18 7.91
CA PRO C 290 10.73 -38.50 6.47
C PRO C 290 10.29 -37.39 5.51
N TRP C 291 9.16 -36.77 5.84
CA TRP C 291 8.66 -35.69 5.03
C TRP C 291 9.66 -34.52 5.05
N LEU C 292 10.20 -34.20 6.22
CA LEU C 292 11.16 -33.12 6.37
C LEU C 292 12.41 -33.40 5.53
N VAL C 293 12.89 -34.64 5.58
CA VAL C 293 14.08 -35.03 4.81
C VAL C 293 13.83 -34.76 3.32
N ALA C 294 12.67 -35.17 2.83
CA ALA C 294 12.30 -34.99 1.43
C ALA C 294 12.17 -33.49 1.09
N LEU C 295 11.54 -32.75 2.00
CA LEU C 295 11.39 -31.30 1.83
C LEU C 295 12.74 -30.62 1.65
N LYS C 296 13.70 -30.95 2.51
CA LYS C 296 14.97 -30.24 2.52
C LYS C 296 15.73 -30.46 1.20
N ALA C 297 15.62 -31.64 0.62
CA ALA C 297 16.23 -31.89 -0.70
C ALA C 297 15.60 -30.99 -1.78
N VAL C 298 14.28 -30.85 -1.72
CA VAL C 298 13.52 -29.96 -2.64
C VAL C 298 13.91 -28.48 -2.46
N LEU C 299 13.99 -28.03 -1.21
CA LEU C 299 14.41 -26.66 -0.91
C LEU C 299 15.82 -26.35 -1.44
N GLU C 300 16.76 -27.26 -1.17
CA GLU C 300 18.13 -27.11 -1.67
C GLU C 300 18.16 -27.00 -3.21
N GLU C 301 17.37 -27.81 -3.90
CA GLU C 301 17.30 -27.73 -5.35
C GLU C 301 16.77 -26.37 -5.79
N ASN C 302 15.72 -25.90 -5.11
CA ASN C 302 15.08 -24.61 -5.47
C ASN C 302 15.97 -23.42 -5.21
N ILE C 303 16.70 -23.44 -4.09
CA ILE C 303 17.62 -22.37 -3.74
C ILE C 303 18.78 -22.30 -4.75
N GLN C 304 19.38 -23.45 -5.02
CA GLN C 304 20.49 -23.52 -5.96
C GLN C 304 20.02 -23.11 -7.35
N PHE C 305 18.82 -23.57 -7.75
CA PHE C 305 18.24 -23.10 -9.00
C PHE C 305 18.15 -21.55 -9.07
N ALA C 306 17.50 -20.95 -8.09
CA ALA C 306 17.33 -19.49 -8.06
C ALA C 306 18.65 -18.75 -8.06
N VAL C 307 19.60 -19.18 -7.22
CA VAL C 307 20.85 -18.45 -7.10
C VAL C 307 21.57 -18.44 -8.45
N GLU C 308 21.66 -19.59 -9.09
CA GLU C 308 22.38 -19.68 -10.35
C GLU C 308 21.59 -19.03 -11.50
N TYR C 309 20.26 -19.15 -11.48
CA TYR C 309 19.43 -18.51 -12.48
C TYR C 309 19.65 -17.00 -12.47
N PHE C 310 19.67 -16.41 -11.27
CA PHE C 310 19.93 -14.97 -11.18
C PHE C 310 21.36 -14.63 -11.60
N ALA C 311 22.31 -15.51 -11.30
CA ALA C 311 23.70 -15.35 -11.76
C ALA C 311 23.79 -15.31 -13.28
N GLN C 312 22.97 -16.13 -13.93
CA GLN C 312 22.95 -16.23 -15.38
C GLN C 312 22.23 -15.07 -16.05
N GLU C 313 21.11 -14.64 -15.46
CA GLU C 313 20.19 -13.72 -16.12
C GLU C 313 20.18 -12.29 -15.55
N ALA C 314 20.69 -12.11 -14.33
CA ALA C 314 20.73 -10.80 -13.69
C ALA C 314 21.96 -10.70 -12.81
N PRO C 315 23.15 -10.76 -13.44
CA PRO C 315 24.36 -10.72 -12.64
C PRO C 315 24.53 -9.51 -11.72
N ARG C 316 23.85 -8.40 -12.00
CA ARG C 316 23.93 -7.21 -11.17
C ARG C 316 23.13 -7.37 -9.87
N LEU C 317 22.23 -8.34 -9.86
CA LEU C 317 21.42 -8.61 -8.66
C LEU C 317 22.31 -9.37 -7.68
N LYS C 318 22.37 -8.88 -6.43
CA LYS C 318 23.20 -9.49 -5.42
C LYS C 318 22.32 -10.40 -4.59
N VAL C 319 22.68 -11.67 -4.54
CA VAL C 319 21.84 -12.70 -3.97
C VAL C 319 22.58 -13.33 -2.81
N MET C 320 21.98 -13.21 -1.62
CA MET C 320 22.50 -13.84 -0.43
C MET C 320 22.00 -15.29 -0.41
N LYS C 321 22.92 -16.24 -0.50
CA LYS C 321 22.54 -17.64 -0.48
C LYS C 321 22.22 -18.01 0.97
N PRO C 322 21.00 -18.50 1.22
CA PRO C 322 20.66 -18.92 2.58
C PRO C 322 21.43 -20.16 3.04
N GLN C 323 21.86 -20.13 4.28
CA GLN C 323 22.37 -21.31 4.98
C GLN C 323 21.22 -22.14 5.55
N GLY C 324 20.10 -21.47 5.78
CA GLY C 324 18.87 -22.09 6.28
C GLY C 324 17.67 -21.20 5.98
N THR C 325 16.47 -21.68 6.34
CA THR C 325 15.20 -21.11 5.91
C THR C 325 15.03 -21.32 4.42
N TYR C 326 13.79 -21.15 3.96
CA TYR C 326 13.45 -21.30 2.56
C TYR C 326 13.23 -19.96 1.86
N LEU C 327 13.92 -18.94 2.36
CA LEU C 327 13.68 -17.55 1.99
C LEU C 327 14.99 -16.94 1.56
N ILE C 328 14.99 -16.27 0.41
CA ILE C 328 16.18 -15.72 -0.17
C ILE C 328 16.14 -14.17 -0.17
N TRP C 329 17.18 -13.58 0.38
CA TRP C 329 17.35 -12.13 0.51
C TRP C 329 18.07 -11.56 -0.72
N LEU C 330 17.32 -10.78 -1.50
CA LEU C 330 17.79 -10.20 -2.75
C LEU C 330 18.09 -8.72 -2.60
N ASP C 331 19.24 -8.28 -3.12
CA ASP C 331 19.73 -6.90 -3.02
C ASP C 331 19.77 -6.28 -4.41
N PHE C 332 18.88 -5.32 -4.64
CA PHE C 332 18.78 -4.61 -5.92
C PHE C 332 19.51 -3.26 -5.92
N SER C 333 20.44 -3.06 -4.99
CA SER C 333 21.06 -1.75 -4.81
CA SER C 333 21.13 -1.78 -4.78
C SER C 333 21.96 -1.33 -5.98
N ASP C 334 22.38 -2.26 -6.82
CA ASP C 334 23.17 -1.87 -8.00
C ASP C 334 22.32 -1.25 -9.11
N TYR C 335 21.00 -1.36 -9.03
CA TYR C 335 20.09 -0.78 -10.01
C TYR C 335 19.74 0.66 -9.68
N GLY C 336 19.42 1.45 -10.71
CA GLY C 336 18.94 2.82 -10.55
C GLY C 336 17.48 2.85 -10.16
N LEU C 337 17.23 2.51 -8.91
CA LEU C 337 15.89 2.41 -8.34
C LEU C 337 15.91 2.96 -6.94
N THR C 338 14.75 3.43 -6.50
CA THR C 338 14.52 3.72 -5.10
C THR C 338 13.83 2.50 -4.49
N ASP C 339 13.69 2.53 -3.18
CA ASP C 339 12.94 1.48 -2.49
C ASP C 339 11.52 1.35 -3.01
N ASP C 340 10.84 2.49 -3.19
CA ASP C 340 9.47 2.50 -3.71
CA ASP C 340 9.47 2.50 -3.71
C ASP C 340 9.39 2.04 -5.17
N ALA C 341 10.32 2.52 -6.01
CA ALA C 341 10.30 2.13 -7.41
C ALA C 341 10.54 0.62 -7.60
N LEU C 342 11.34 0.02 -6.71
CA LEU C 342 11.59 -1.42 -6.74
C LEU C 342 10.30 -2.17 -6.43
N PHE C 343 9.61 -1.73 -5.39
CA PHE C 343 8.33 -2.35 -5.03
C PHE C 343 7.33 -2.29 -6.20
N THR C 344 7.17 -1.11 -6.81
CA THR C 344 6.25 -0.93 -7.93
CA THR C 344 6.17 -1.02 -7.87
C THR C 344 6.62 -1.83 -9.10
N LEU C 345 7.92 -1.89 -9.36
CA LEU C 345 8.44 -2.70 -10.45
C LEU C 345 8.08 -4.17 -10.25
N LEU C 346 8.37 -4.70 -9.07
CA LEU C 346 8.11 -6.14 -8.82
C LEU C 346 6.61 -6.45 -8.79
N HIS C 347 5.86 -5.63 -8.07
CA HIS C 347 4.44 -5.90 -7.86
C HIS C 347 3.61 -5.64 -9.10
N ASP C 348 3.80 -4.47 -9.71
CA ASP C 348 2.92 -4.01 -10.77
C ASP C 348 3.36 -4.38 -12.18
N GLN C 349 4.67 -4.46 -12.42
CA GLN C 349 5.16 -4.82 -13.74
CA GLN C 349 5.16 -4.83 -13.73
C GLN C 349 5.53 -6.30 -13.81
N ALA C 350 6.31 -6.78 -12.84
CA ALA C 350 6.69 -8.19 -12.81
C ALA C 350 5.54 -9.11 -12.33
N LYS C 351 4.60 -8.54 -11.59
CA LYS C 351 3.44 -9.27 -11.06
C LYS C 351 3.85 -10.39 -10.11
N VAL C 352 4.85 -10.10 -9.28
CA VAL C 352 5.25 -11.02 -8.19
C VAL C 352 5.18 -10.28 -6.85
N ILE C 353 4.74 -10.99 -5.81
CA ILE C 353 4.65 -10.45 -4.47
C ILE C 353 5.79 -11.00 -3.61
N LEU C 354 6.79 -10.16 -3.34
CA LEU C 354 7.90 -10.44 -2.46
C LEU C 354 7.83 -9.49 -1.26
N ASN C 355 8.32 -9.91 -0.10
CA ASN C 355 8.36 -8.97 1.02
C ASN C 355 9.27 -7.82 0.70
N ARG C 356 8.86 -6.62 1.05
CA ARG C 356 9.71 -5.43 0.89
C ARG C 356 10.81 -5.45 1.92
N GLY C 357 12.06 -5.42 1.44
CA GLY C 357 13.21 -5.48 2.33
C GLY C 357 13.18 -4.41 3.39
N SER C 358 12.65 -3.23 3.04
CA SER C 358 12.61 -2.10 3.97
C SER C 358 11.78 -2.39 5.24
N ASP C 359 10.86 -3.34 5.13
CA ASP C 359 10.08 -3.81 6.28
C ASP C 359 10.96 -4.30 7.44
N TYR C 360 12.14 -4.82 7.09
CA TYR C 360 13.05 -5.51 8.04
C TYR C 360 14.04 -4.57 8.71
N GLY C 361 14.04 -3.30 8.29
CA GLY C 361 14.95 -2.30 8.84
C GLY C 361 15.63 -1.52 7.73
N SER C 362 16.41 -0.50 8.11
CA SER C 362 17.08 0.35 7.13
C SER C 362 18.05 -0.42 6.23
N GLU C 363 18.64 -1.49 6.77
CA GLU C 363 19.57 -2.32 6.03
C GLU C 363 18.87 -3.06 4.88
N GLY C 364 17.55 -3.14 4.96
CA GLY C 364 16.75 -3.77 3.95
C GLY C 364 16.37 -2.87 2.78
N GLU C 365 16.79 -1.61 2.81
CA GLU C 365 16.51 -0.72 1.67
CA GLU C 365 16.47 -0.73 1.67
C GLU C 365 16.99 -1.35 0.37
N LEU C 366 16.15 -1.27 -0.67
CA LEU C 366 16.44 -1.82 -2.01
CA LEU C 366 16.43 -1.82 -2.01
C LEU C 366 16.60 -3.33 -2.03
N HIS C 367 16.07 -4.00 -1.00
CA HIS C 367 16.04 -5.46 -0.97
C HIS C 367 14.60 -5.99 -1.14
N ALA C 368 14.50 -7.29 -1.42
CA ALA C 368 13.21 -8.00 -1.40
C ALA C 368 13.51 -9.40 -0.95
N ARG C 369 12.52 -10.06 -0.37
CA ARG C 369 12.70 -11.42 0.12
C ARG C 369 11.82 -12.39 -0.63
N LEU C 370 12.44 -13.45 -1.11
CA LEU C 370 11.80 -14.44 -1.98
C LEU C 370 11.59 -15.81 -1.31
N ASN C 371 10.36 -16.29 -1.35
CA ASN C 371 9.98 -17.57 -0.75
C ASN C 371 10.03 -18.64 -1.83
N ILE C 372 10.99 -19.56 -1.73
CA ILE C 372 11.10 -20.65 -2.70
C ILE C 372 10.49 -22.00 -2.25
N ALA C 373 9.67 -21.98 -1.19
CA ALA C 373 8.96 -23.18 -0.77
C ALA C 373 7.70 -23.41 -1.59
N ALA C 374 7.90 -23.73 -2.86
CA ALA C 374 6.82 -24.01 -3.80
C ALA C 374 7.37 -25.00 -4.84
N PRO C 375 6.51 -25.62 -5.63
CA PRO C 375 7.02 -26.50 -6.69
C PRO C 375 8.02 -25.81 -7.62
N LYS C 376 8.99 -26.59 -8.11
CA LYS C 376 10.05 -26.00 -8.91
C LYS C 376 9.50 -25.18 -10.08
N SER C 377 8.40 -25.64 -10.66
CA SER C 377 7.80 -24.96 -11.81
C SER C 377 7.32 -23.54 -11.47
N LEU C 378 6.78 -23.39 -10.25
CA LEU C 378 6.36 -22.09 -9.76
C LEU C 378 7.56 -21.21 -9.49
N VAL C 379 8.58 -21.77 -8.85
CA VAL C 379 9.82 -21.06 -8.57
C VAL C 379 10.48 -20.59 -9.87
N GLU C 380 10.49 -21.46 -10.88
CA GLU C 380 11.01 -21.06 -12.20
C GLU C 380 10.28 -19.84 -12.79
N GLU C 381 8.95 -19.85 -12.73
CA GLU C 381 8.12 -18.75 -13.22
C GLU C 381 8.40 -17.46 -12.44
N ILE C 382 8.44 -17.56 -11.12
CA ILE C 382 8.67 -16.38 -10.28
C ILE C 382 10.03 -15.71 -10.57
N CYS C 383 11.09 -16.53 -10.66
CA CYS C 383 12.41 -16.01 -10.93
C CYS C 383 12.51 -15.38 -12.33
N LYS C 384 11.85 -16.01 -13.30
CA LYS C 384 11.76 -15.43 -14.64
C LYS C 384 11.09 -14.06 -14.59
N ARG C 385 10.00 -13.96 -13.84
CA ARG C 385 9.34 -12.64 -13.66
C ARG C 385 10.27 -11.60 -13.02
N ILE C 386 11.01 -12.00 -11.98
CA ILE C 386 11.91 -11.10 -11.27
C ILE C 386 12.95 -10.47 -12.22
N VAL C 387 13.42 -11.23 -13.20
CA VAL C 387 14.49 -10.75 -14.09
C VAL C 387 13.94 -10.10 -15.36
N CYS C 388 12.63 -10.18 -15.57
CA CYS C 388 12.01 -9.73 -16.80
C CYS C 388 12.13 -8.21 -17.03
N CYS C 389 11.92 -7.43 -15.96
CA CYS C 389 11.72 -5.99 -16.13
CA CYS C 389 11.67 -5.97 -16.02
C CYS C 389 12.77 -5.14 -15.35
N LEU C 390 13.94 -5.71 -15.02
CA LEU C 390 15.01 -4.96 -14.33
C LEU C 390 15.69 -3.91 -15.23
N PRO C 391 15.91 -2.69 -14.72
CA PRO C 391 16.39 -1.59 -15.58
C PRO C 391 17.89 -1.61 -15.91
N LYS C 392 18.24 -1.13 -17.11
CA LYS C 392 19.64 -0.97 -17.47
C LYS C 392 20.33 0.14 -16.69
N TYR D 8 -31.03 -35.13 16.01
CA TYR D 8 -29.77 -34.89 16.76
C TYR D 8 -29.70 -35.79 17.99
N ASN D 9 -28.50 -36.21 18.36
CA ASN D 9 -28.30 -37.09 19.50
C ASN D 9 -28.00 -36.35 20.81
N PHE D 10 -28.96 -36.37 21.72
CA PHE D 10 -28.76 -35.87 23.10
C PHE D 10 -28.92 -37.00 24.14
N GLN D 11 -28.96 -38.24 23.66
CA GLN D 11 -29.18 -39.42 24.51
C GLN D 11 -27.89 -40.14 24.90
N THR D 12 -26.86 -40.03 24.04
CA THR D 12 -25.62 -40.75 24.20
C THR D 12 -24.48 -39.76 24.30
N ALA D 13 -23.62 -39.92 25.29
CA ALA D 13 -22.43 -39.06 25.44
C ALA D 13 -21.24 -39.72 24.74
N PRO D 14 -20.60 -39.02 23.79
CA PRO D 14 -19.37 -39.59 23.20
C PRO D 14 -18.31 -39.83 24.26
N ASN D 15 -17.57 -40.94 24.13
CA ASN D 15 -16.45 -41.24 25.03
C ASN D 15 -15.36 -40.20 24.81
N ARG D 16 -14.92 -39.55 25.88
CA ARG D 16 -13.91 -38.51 25.82
C ARG D 16 -12.54 -38.92 26.37
N LEU D 17 -12.42 -40.17 26.81
N LEU D 17 -12.47 -40.12 26.93
CA LEU D 17 -11.31 -40.58 27.68
CA LEU D 17 -11.20 -40.66 27.41
C LEU D 17 -9.89 -40.54 27.07
C LEU D 17 -10.33 -40.92 26.19
N SER D 18 -9.75 -40.73 25.77
N SER D 18 -9.06 -40.58 26.30
CA SER D 18 -8.41 -40.75 25.14
CA SER D 18 -8.15 -40.70 25.17
C SER D 18 -8.00 -39.37 24.60
C SER D 18 -8.09 -39.40 24.38
N HIS D 19 -8.92 -38.41 24.71
CA HIS D 19 -8.89 -37.17 23.96
C HIS D 19 -8.34 -35.99 24.73
N HIS D 20 -7.77 -36.24 25.91
CA HIS D 20 -7.10 -35.20 26.70
C HIS D 20 -8.00 -34.00 26.97
N THR D 21 -9.26 -34.28 27.32
CA THR D 21 -10.17 -33.22 27.76
C THR D 21 -9.91 -32.86 29.21
N TYR D 22 -10.07 -31.58 29.56
CA TYR D 22 -10.09 -31.17 30.94
C TYR D 22 -11.19 -31.89 31.71
N LYS D 23 -12.37 -31.93 31.13
CA LYS D 23 -13.55 -32.40 31.85
C LYS D 23 -13.36 -33.83 32.38
N TRP D 24 -12.81 -34.71 31.55
CA TRP D 24 -12.64 -36.11 31.94
C TRP D 24 -11.23 -36.49 32.41
N LYS D 25 -10.36 -35.51 32.62
CA LYS D 25 -8.96 -35.77 33.01
C LYS D 25 -8.86 -36.64 34.25
N GLU D 26 -9.56 -36.29 35.32
CA GLU D 26 -9.46 -37.12 36.55
C GLU D 26 -9.95 -38.54 36.38
N THR D 27 -10.98 -38.70 35.55
CA THR D 27 -11.61 -40.00 35.34
C THR D 27 -10.67 -40.95 34.60
N GLU D 28 -9.72 -40.39 33.85
CA GLU D 28 -8.67 -41.18 33.22
C GLU D 28 -7.82 -41.93 34.25
N THR D 29 -7.68 -41.37 35.45
CA THR D 29 -6.89 -41.97 36.53
C THR D 29 -7.77 -42.67 37.58
N ASP D 30 -8.93 -42.08 37.88
CA ASP D 30 -9.91 -42.74 38.77
C ASP D 30 -11.21 -42.95 38.02
N PRO D 31 -11.39 -44.17 37.50
CA PRO D 31 -12.48 -44.41 36.58
C PRO D 31 -13.87 -44.27 37.15
N GLN D 32 -14.02 -44.24 38.47
CA GLN D 32 -15.34 -44.13 39.06
C GLN D 32 -15.90 -42.72 39.04
N LEU D 33 -15.02 -41.74 38.89
CA LEU D 33 -15.42 -40.33 39.01
C LEU D 33 -16.27 -39.91 37.82
N LEU D 34 -17.37 -39.21 38.11
CA LEU D 34 -18.20 -38.62 37.09
C LEU D 34 -18.04 -37.10 37.16
N PRO D 35 -17.56 -36.49 36.05
CA PRO D 35 -17.34 -35.05 36.02
C PRO D 35 -18.62 -34.28 35.69
N ALA D 36 -18.85 -33.18 36.39
CA ALA D 36 -19.96 -32.29 36.08
C ALA D 36 -19.60 -30.88 36.53
N TRP D 37 -18.43 -30.41 36.08
CA TRP D 37 -17.85 -29.19 36.57
C TRP D 37 -17.72 -28.18 35.42
N ILE D 38 -16.57 -28.19 34.75
CA ILE D 38 -16.23 -27.26 33.67
C ILE D 38 -17.31 -27.21 32.60
N ALA D 39 -17.57 -26.01 32.07
CA ALA D 39 -18.63 -25.79 31.07
C ALA D 39 -18.20 -26.22 29.65
N ASP D 40 -18.08 -27.53 29.50
CA ASP D 40 -18.15 -28.22 28.22
C ASP D 40 -19.38 -29.12 28.36
N MET D 41 -20.04 -29.38 27.25
CA MET D 41 -21.18 -30.32 27.26
C MET D 41 -20.74 -31.72 26.88
N ASP D 42 -21.48 -32.70 27.39
CA ASP D 42 -21.25 -34.10 27.00
C ASP D 42 -22.30 -34.52 25.96
N PHE D 43 -22.43 -33.68 24.94
CA PHE D 43 -23.28 -33.91 23.78
C PHE D 43 -22.40 -33.79 22.54
N GLU D 44 -22.65 -34.65 21.56
CA GLU D 44 -22.07 -34.46 20.21
C GLU D 44 -22.39 -33.08 19.67
N VAL D 45 -21.40 -32.46 19.05
CA VAL D 45 -21.57 -31.17 18.42
C VAL D 45 -22.43 -31.32 17.15
N MET D 46 -23.08 -30.23 16.73
CA MET D 46 -23.87 -30.22 15.50
CA MET D 46 -23.88 -30.25 15.51
C MET D 46 -23.07 -30.82 14.35
N PRO D 47 -23.73 -31.61 13.48
CA PRO D 47 -23.00 -32.34 12.43
C PRO D 47 -22.26 -31.48 11.42
N GLU D 48 -22.74 -30.25 11.20
CA GLU D 48 -22.12 -29.35 10.21
C GLU D 48 -20.70 -28.92 10.63
N VAL D 49 -20.50 -28.75 11.94
CA VAL D 49 -19.16 -28.41 12.43
C VAL D 49 -18.21 -29.59 12.24
N LYS D 50 -18.66 -30.79 12.56
CA LYS D 50 -17.87 -31.98 12.28
C LYS D 50 -17.45 -32.02 10.80
N GLN D 51 -18.37 -31.81 9.89
CA GLN D 51 -18.06 -31.84 8.46
C GLN D 51 -17.08 -30.74 8.06
N ALA D 52 -17.22 -29.56 8.67
CA ALA D 52 -16.31 -28.45 8.42
C ALA D 52 -14.86 -28.76 8.80
N ILE D 53 -14.67 -29.54 9.88
CA ILE D 53 -13.33 -29.98 10.31
C ILE D 53 -12.74 -30.94 9.26
N HIS D 54 -13.56 -31.87 8.78
CA HIS D 54 -13.17 -32.77 7.69
C HIS D 54 -12.78 -31.95 6.45
N ASP D 55 -13.60 -30.95 6.11
CA ASP D 55 -13.34 -30.08 4.96
C ASP D 55 -12.06 -29.27 5.12
N TYR D 56 -11.81 -28.80 6.34
CA TYR D 56 -10.52 -28.16 6.65
C TYR D 56 -9.35 -29.09 6.34
N ALA D 57 -9.39 -30.34 6.81
CA ALA D 57 -8.35 -31.32 6.52
C ALA D 57 -8.10 -31.40 5.00
N GLU D 58 -9.19 -31.41 4.24
CA GLU D 58 -9.11 -31.59 2.79
C GLU D 58 -8.63 -30.35 2.02
N GLN D 59 -8.36 -29.24 2.71
CA GLN D 59 -7.59 -28.13 2.14
C GLN D 59 -6.14 -28.53 1.85
N LEU D 60 -5.62 -29.52 2.57
CA LEU D 60 -4.27 -30.07 2.37
C LEU D 60 -3.10 -29.22 2.87
N VAL D 61 -3.31 -27.92 3.06
CA VAL D 61 -2.27 -27.00 3.48
C VAL D 61 -2.87 -26.19 4.63
N TYR D 62 -2.10 -26.00 5.72
CA TYR D 62 -2.70 -25.44 6.97
C TYR D 62 -1.92 -24.22 7.42
N GLY D 63 -1.77 -23.28 6.49
CA GLY D 63 -1.03 -22.05 6.77
C GLY D 63 -1.87 -20.90 7.33
N TYR D 64 -1.29 -19.71 7.34
CA TYR D 64 -1.93 -18.56 7.95
C TYR D 64 -3.19 -18.14 7.17
N THR D 65 -4.28 -17.93 7.91
CA THR D 65 -5.54 -17.46 7.34
C THR D 65 -6.07 -16.26 8.13
N TYR D 66 -7.01 -15.53 7.54
CA TYR D 66 -7.58 -14.34 8.19
C TYR D 66 -9.10 -14.48 8.27
N ALA D 67 -9.73 -13.62 9.07
CA ALA D 67 -11.19 -13.62 9.26
C ALA D 67 -11.87 -13.15 7.98
N SER D 68 -12.69 -14.01 7.41
CA SER D 68 -13.34 -13.76 6.14
C SER D 68 -14.57 -12.85 6.28
N ASP D 69 -14.97 -12.26 5.16
CA ASP D 69 -16.20 -11.48 5.15
C ASP D 69 -17.41 -12.36 5.50
N GLU D 70 -17.38 -13.63 5.11
CA GLU D 70 -18.48 -14.54 5.37
C GLU D 70 -18.61 -14.85 6.87
N LEU D 71 -17.47 -14.95 7.55
CA LEU D 71 -17.48 -15.11 9.00
C LEU D 71 -18.03 -13.84 9.67
N LEU D 72 -17.55 -12.68 9.24
CA LEU D 72 -18.02 -11.41 9.79
C LEU D 72 -19.54 -11.27 9.61
N GLN D 73 -20.01 -11.59 8.41
CA GLN D 73 -21.45 -11.58 8.11
C GLN D 73 -22.25 -12.59 8.96
N ALA D 74 -21.65 -13.75 9.26
CA ALA D 74 -22.31 -14.75 10.07
C ALA D 74 -22.54 -14.23 11.50
N VAL D 75 -21.54 -13.52 12.02
CA VAL D 75 -21.64 -12.94 13.35
C VAL D 75 -22.71 -11.84 13.38
N LEU D 76 -22.63 -10.94 12.39
CA LEU D 76 -23.60 -9.85 12.25
C LEU D 76 -25.03 -10.41 12.18
N ASP D 77 -25.21 -11.42 11.34
CA ASP D 77 -26.54 -12.05 11.16
C ASP D 77 -27.05 -12.73 12.43
N TRP D 78 -26.17 -13.42 13.14
CA TRP D 78 -26.56 -14.07 14.40
C TRP D 78 -27.01 -13.05 15.44
N GLU D 79 -26.21 -12.01 15.62
CA GLU D 79 -26.48 -10.98 16.61
C GLU D 79 -27.79 -10.24 16.33
N LYS D 80 -28.05 -9.94 15.05
CA LYS D 80 -29.30 -9.30 14.67
C LYS D 80 -30.49 -10.25 14.82
N SER D 81 -30.38 -11.46 14.28
CA SER D 81 -31.45 -12.43 14.29
C SER D 81 -31.82 -12.91 15.71
N GLU D 82 -30.80 -13.23 16.50
CA GLU D 82 -31.01 -13.83 17.81
C GLU D 82 -31.13 -12.82 18.96
N HIS D 83 -30.50 -11.66 18.82
CA HIS D 83 -30.45 -10.68 19.92
C HIS D 83 -30.86 -9.26 19.56
N GLN D 84 -31.39 -9.09 18.36
CA GLN D 84 -31.79 -7.78 17.85
C GLN D 84 -30.72 -6.72 18.05
N TYR D 85 -29.44 -7.11 17.92
CA TYR D 85 -28.34 -6.19 18.04
C TYR D 85 -27.74 -5.97 16.65
N SER D 86 -27.93 -4.76 16.12
CA SER D 86 -27.46 -4.35 14.79
C SER D 86 -26.23 -3.48 14.88
N PHE D 87 -25.16 -3.83 14.16
CA PHE D 87 -23.95 -3.02 14.15
C PHE D 87 -23.25 -3.29 12.82
N ASP D 88 -22.06 -2.74 12.62
CA ASP D 88 -21.34 -2.89 11.36
C ASP D 88 -20.24 -3.93 11.48
N LYS D 89 -19.84 -4.53 10.34
CA LYS D 89 -18.73 -5.50 10.33
C LYS D 89 -17.45 -4.96 10.97
N GLU D 90 -17.19 -3.67 10.77
CA GLU D 90 -15.99 -3.03 11.29
C GLU D 90 -15.97 -2.96 12.83
N ASP D 91 -17.12 -3.20 13.46
CA ASP D 91 -17.19 -3.22 14.93
C ASP D 91 -16.80 -4.57 15.56
N ILE D 92 -16.56 -5.59 14.74
CA ILE D 92 -16.26 -6.93 15.25
C ILE D 92 -14.73 -7.08 15.37
N VAL D 93 -14.28 -7.57 16.52
CA VAL D 93 -12.86 -7.84 16.76
C VAL D 93 -12.75 -9.28 17.21
N PHE D 94 -12.12 -10.15 16.42
CA PHE D 94 -11.96 -11.57 16.85
C PHE D 94 -10.81 -11.70 17.82
N VAL D 95 -10.99 -12.56 18.82
CA VAL D 95 -9.98 -12.86 19.82
C VAL D 95 -10.08 -14.35 20.07
N GLU D 96 -8.98 -15.01 20.35
CA GLU D 96 -9.00 -16.48 20.51
C GLU D 96 -9.88 -16.97 21.67
N GLY D 97 -10.17 -16.10 22.64
CA GLY D 97 -11.12 -16.42 23.70
C GLY D 97 -11.65 -15.19 24.42
N VAL D 98 -12.77 -15.36 25.12
CA VAL D 98 -13.37 -14.31 25.94
C VAL D 98 -12.47 -13.96 27.13
N VAL D 99 -11.91 -14.98 27.79
CA VAL D 99 -10.95 -14.71 28.88
C VAL D 99 -9.72 -13.87 28.41
N PRO D 100 -9.05 -14.25 27.30
CA PRO D 100 -8.11 -13.36 26.62
C PRO D 100 -8.63 -11.94 26.46
N ALA D 101 -9.84 -11.79 25.93
CA ALA D 101 -10.46 -10.46 25.72
C ALA D 101 -10.59 -9.65 27.01
N ILE D 102 -10.86 -10.34 28.12
CA ILE D 102 -11.00 -9.64 29.39
C ILE D 102 -9.68 -9.02 29.85
N SER D 103 -8.60 -9.77 29.70
CA SER D 103 -7.28 -9.24 30.03
C SER D 103 -6.92 -8.06 29.14
N ILE D 104 -7.14 -8.23 27.84
CA ILE D 104 -6.87 -7.14 26.89
C ILE D 104 -7.65 -5.87 27.27
N ALA D 105 -8.94 -6.01 27.61
CA ALA D 105 -9.78 -4.90 28.03
C ALA D 105 -9.24 -4.22 29.31
N ILE D 106 -8.91 -4.99 30.34
CA ILE D 106 -8.32 -4.41 31.56
C ILE D 106 -7.07 -3.59 31.23
N GLN D 107 -6.20 -4.17 30.40
CA GLN D 107 -4.95 -3.52 30.06
C GLN D 107 -5.15 -2.27 29.18
N ALA D 108 -6.12 -2.33 28.27
CA ALA D 108 -6.42 -1.24 27.34
C ALA D 108 -7.09 -0.05 28.00
N PHE D 109 -8.06 -0.33 28.90
CA PHE D 109 -8.99 0.71 29.38
C PHE D 109 -8.68 1.25 30.76
N THR D 110 -7.74 0.62 31.47
CA THR D 110 -7.28 1.09 32.78
C THR D 110 -5.77 1.11 32.85
N LYS D 111 -5.26 1.82 33.85
CA LYS D 111 -3.84 1.82 34.17
C LYS D 111 -3.64 1.06 35.47
N GLU D 112 -2.42 0.61 35.68
CA GLU D 112 -2.05 -0.07 36.90
C GLU D 112 -2.48 0.76 38.12
N GLY D 113 -3.03 0.08 39.13
CA GLY D 113 -3.53 0.72 40.32
C GLY D 113 -4.96 1.25 40.28
N GLU D 114 -5.53 1.40 39.09
CA GLU D 114 -6.91 1.85 38.98
C GLU D 114 -7.86 0.69 39.31
N ALA D 115 -9.09 1.05 39.65
CA ALA D 115 -10.05 0.06 40.21
C ALA D 115 -10.94 -0.52 39.13
N VAL D 116 -11.20 -1.82 39.23
CA VAL D 116 -12.07 -2.57 38.32
C VAL D 116 -13.07 -3.29 39.22
N LEU D 117 -14.35 -3.20 38.87
CA LEU D 117 -15.43 -3.74 39.66
C LEU D 117 -15.96 -5.01 39.00
N ILE D 118 -16.27 -5.99 39.82
CA ILE D 118 -17.02 -7.19 39.41
C ILE D 118 -18.18 -7.36 40.41
N ASN D 119 -19.18 -8.14 40.02
CA ASN D 119 -20.22 -8.56 40.95
C ASN D 119 -19.87 -9.97 41.40
N SER D 120 -19.58 -10.12 42.69
CA SER D 120 -19.21 -11.41 43.25
C SER D 120 -20.42 -12.13 43.87
N PRO D 121 -20.43 -13.47 43.84
CA PRO D 121 -19.40 -14.35 43.29
C PRO D 121 -19.55 -14.46 41.78
N VAL D 122 -18.43 -14.68 41.10
CA VAL D 122 -18.41 -14.73 39.64
C VAL D 122 -17.22 -15.56 39.18
N TYR D 123 -17.37 -16.08 37.96
CA TYR D 123 -16.39 -16.86 37.23
C TYR D 123 -14.95 -16.46 37.60
N PRO D 124 -14.16 -17.40 38.12
CA PRO D 124 -12.88 -16.99 38.76
C PRO D 124 -11.87 -16.20 37.94
N PRO D 125 -11.75 -16.44 36.63
CA PRO D 125 -10.88 -15.55 35.86
C PRO D 125 -11.18 -14.03 35.95
N PHE D 126 -12.39 -13.65 36.34
CA PHE D 126 -12.72 -12.22 36.54
C PHE D 126 -11.81 -11.63 37.63
N ALA D 127 -11.93 -12.14 38.85
CA ALA D 127 -11.10 -11.65 39.95
C ALA D 127 -9.63 -11.84 39.67
N ARG D 128 -9.25 -12.96 39.06
CA ARG D 128 -7.84 -13.28 38.82
C ARG D 128 -7.23 -12.26 37.87
N SER D 129 -7.94 -11.98 36.80
CA SER D 129 -7.39 -11.12 35.73
C SER D 129 -7.17 -9.70 36.27
N VAL D 130 -8.06 -9.23 37.13
CA VAL D 130 -7.88 -7.91 37.74
C VAL D 130 -6.66 -7.92 38.65
N ARG D 131 -6.58 -8.88 39.58
CA ARG D 131 -5.50 -8.91 40.58
CA ARG D 131 -5.50 -8.88 40.57
C ARG D 131 -4.13 -9.09 39.94
N LEU D 132 -4.02 -10.06 39.02
CA LEU D 132 -2.72 -10.32 38.37
C LEU D 132 -2.26 -9.16 37.51
N ASN D 133 -3.19 -8.34 37.01
CA ASN D 133 -2.85 -7.10 36.31
C ASN D 133 -2.54 -5.90 37.19
N ASN D 134 -2.47 -6.11 38.50
CA ASN D 134 -2.19 -5.02 39.44
C ASN D 134 -3.17 -3.85 39.35
N ARG D 135 -4.44 -4.18 39.09
CA ARG D 135 -5.53 -3.24 39.23
C ARG D 135 -6.15 -3.56 40.59
N LYS D 136 -6.84 -2.58 41.16
CA LYS D 136 -7.52 -2.71 42.45
C LYS D 136 -8.88 -3.38 42.18
N LEU D 137 -9.09 -4.54 42.81
CA LEU D 137 -10.35 -5.28 42.62
C LEU D 137 -11.39 -4.78 43.61
N VAL D 138 -12.55 -4.41 43.09
CA VAL D 138 -13.68 -4.01 43.88
C VAL D 138 -14.72 -5.09 43.66
N SER D 139 -15.01 -5.88 44.69
CA SER D 139 -15.99 -6.95 44.58
C SER D 139 -17.29 -6.43 45.15
N ASN D 140 -18.24 -6.16 44.25
CA ASN D 140 -19.58 -5.76 44.64
C ASN D 140 -20.38 -7.04 44.88
N SER D 141 -20.66 -7.34 46.14
CA SER D 141 -21.29 -8.62 46.48
C SER D 141 -22.78 -8.61 46.09
N LEU D 142 -23.19 -9.61 45.32
CA LEU D 142 -24.59 -9.78 44.95
C LEU D 142 -25.40 -10.15 46.19
N LYS D 143 -26.62 -9.64 46.27
CA LYS D 143 -27.59 -10.05 47.29
C LYS D 143 -28.20 -11.35 46.81
N GLU D 144 -28.71 -12.16 47.72
CA GLU D 144 -29.52 -13.30 47.34
C GLU D 144 -30.88 -13.12 47.99
N GLU D 145 -31.92 -13.03 47.16
CA GLU D 145 -33.25 -12.68 47.62
C GLU D 145 -34.21 -13.64 46.96
N ASN D 146 -34.96 -14.38 47.75
CA ASN D 146 -35.99 -15.26 47.20
C ASN D 146 -35.51 -16.22 46.09
N GLY D 147 -34.31 -16.76 46.27
CA GLY D 147 -33.77 -17.75 45.34
C GLY D 147 -32.95 -17.23 44.17
N LEU D 148 -32.74 -15.92 44.10
CA LEU D 148 -32.04 -15.32 42.96
C LEU D 148 -31.01 -14.31 43.45
N PHE D 149 -29.94 -14.15 42.67
CA PHE D 149 -29.03 -13.05 42.85
C PHE D 149 -29.68 -11.76 42.41
N GLN D 150 -29.39 -10.69 43.13
CA GLN D 150 -29.82 -9.35 42.78
C GLN D 150 -28.72 -8.34 43.11
N ILE D 151 -28.67 -7.27 42.35
CA ILE D 151 -27.72 -6.19 42.58
C ILE D 151 -28.23 -5.24 43.66
N ASP D 152 -27.36 -4.89 44.59
CA ASP D 152 -27.65 -3.85 45.58
C ASP D 152 -27.13 -2.56 44.97
N PHE D 153 -28.04 -1.78 44.40
CA PHE D 153 -27.65 -0.57 43.66
C PHE D 153 -27.11 0.53 44.56
N GLU D 154 -27.55 0.58 45.81
CA GLU D 154 -26.99 1.54 46.76
CA GLU D 154 -26.98 1.56 46.74
C GLU D 154 -25.51 1.24 46.98
N GLN D 155 -25.23 -0.03 47.30
CA GLN D 155 -23.85 -0.45 47.54
C GLN D 155 -23.00 -0.42 46.26
N LEU D 156 -23.60 -0.76 45.11
CA LEU D 156 -22.89 -0.66 43.83
C LEU D 156 -22.42 0.77 43.56
N GLU D 157 -23.29 1.75 43.78
CA GLU D 157 -22.86 3.14 43.58
C GLU D 157 -21.79 3.53 44.58
N ASN D 158 -21.99 3.15 45.84
CA ASN D 158 -20.94 3.41 46.85
C ASN D 158 -19.59 2.80 46.45
N ASP D 159 -19.63 1.57 45.97
CA ASP D 159 -18.42 0.88 45.51
C ASP D 159 -17.74 1.64 44.36
N ILE D 160 -18.54 2.14 43.43
CA ILE D 160 -18.00 2.88 42.28
C ILE D 160 -17.37 4.18 42.76
N VAL D 161 -18.09 4.92 43.60
CA VAL D 161 -17.65 6.24 44.05
C VAL D 161 -16.47 6.16 44.98
N GLU D 162 -16.53 5.27 45.96
CA GLU D 162 -15.51 5.21 47.01
C GLU D 162 -14.17 4.67 46.51
N ASN D 163 -14.19 3.92 45.41
CA ASN D 163 -12.99 3.35 44.83
C ASN D 163 -12.55 3.97 43.50
N ASP D 164 -13.30 4.97 43.01
CA ASP D 164 -13.04 5.60 41.71
C ASP D 164 -12.92 4.50 40.64
N VAL D 165 -13.94 3.64 40.59
CA VAL D 165 -13.97 2.56 39.61
C VAL D 165 -13.93 3.14 38.19
N LYS D 166 -13.08 2.55 37.36
CA LYS D 166 -12.87 2.95 35.99
C LYS D 166 -13.48 1.95 34.99
N LEU D 167 -13.62 0.69 35.40
CA LEU D 167 -14.05 -0.38 34.51
C LEU D 167 -14.92 -1.33 35.29
N TYR D 168 -16.05 -1.71 34.70
CA TYR D 168 -16.97 -2.68 35.28
C TYR D 168 -16.98 -3.89 34.36
N LEU D 169 -16.61 -5.04 34.91
CA LEU D 169 -16.70 -6.31 34.17
C LEU D 169 -18.02 -6.96 34.56
N LEU D 170 -18.99 -6.94 33.65
CA LEU D 170 -20.31 -7.45 33.90
C LEU D 170 -20.45 -8.83 33.27
N CYS D 171 -21.10 -9.73 33.99
CA CYS D 171 -21.38 -11.10 33.48
C CYS D 171 -22.88 -11.20 33.21
N ASN D 172 -23.25 -11.36 31.94
CA ASN D 172 -24.65 -11.27 31.48
CA ASN D 172 -24.67 -11.41 31.57
C ASN D 172 -24.97 -12.32 30.39
N PRO D 173 -25.56 -13.48 30.72
CA PRO D 173 -26.03 -13.97 32.03
C PRO D 173 -24.88 -14.21 33.02
N HIS D 174 -25.21 -14.13 34.31
CA HIS D 174 -24.21 -14.21 35.36
C HIS D 174 -23.90 -15.66 35.69
N ASN D 175 -22.60 -15.96 35.68
CA ASN D 175 -22.05 -17.26 36.05
C ASN D 175 -21.17 -17.06 37.29
N PRO D 176 -21.47 -17.73 38.41
CA PRO D 176 -22.47 -18.77 38.60
C PRO D 176 -23.86 -18.25 39.00
N GLY D 177 -24.78 -19.18 39.12
CA GLY D 177 -26.18 -18.86 39.47
C GLY D 177 -27.08 -18.83 38.26
N GLY D 178 -26.56 -18.36 37.12
CA GLY D 178 -27.32 -18.32 35.87
C GLY D 178 -28.41 -17.26 35.84
N ARG D 179 -28.05 -16.08 36.32
CA ARG D 179 -28.97 -14.95 36.43
C ARG D 179 -29.05 -14.19 35.09
N VAL D 180 -30.27 -14.07 34.57
CA VAL D 180 -30.52 -13.43 33.29
C VAL D 180 -31.09 -12.05 33.62
N TRP D 181 -30.21 -11.07 33.65
CA TRP D 181 -30.57 -9.72 34.08
C TRP D 181 -31.66 -9.10 33.19
N GLU D 182 -32.65 -8.51 33.84
CA GLU D 182 -33.72 -7.81 33.15
C GLU D 182 -33.21 -6.52 32.52
N ARG D 183 -33.90 -6.07 31.49
CA ARG D 183 -33.58 -4.82 30.82
CA ARG D 183 -33.57 -4.81 30.81
C ARG D 183 -33.45 -3.65 31.80
N GLU D 184 -34.39 -3.57 32.75
CA GLU D 184 -34.42 -2.45 33.73
C GLU D 184 -33.19 -2.47 34.65
N VAL D 185 -32.69 -3.67 34.96
CA VAL D 185 -31.47 -3.83 35.75
C VAL D 185 -30.28 -3.29 34.96
N LEU D 186 -30.17 -3.68 33.71
CA LEU D 186 -29.06 -3.26 32.86
C LEU D 186 -29.11 -1.77 32.66
N GLU D 187 -30.33 -1.24 32.55
CA GLU D 187 -30.52 0.19 32.37
C GLU D 187 -29.97 0.97 33.57
N GLN D 188 -30.26 0.48 34.78
CA GLN D 188 -29.79 1.14 35.98
CA GLN D 188 -29.77 1.12 36.01
C GLN D 188 -28.26 1.06 36.11
N ILE D 189 -27.68 -0.08 35.70
CA ILE D 189 -26.24 -0.24 35.65
C ILE D 189 -25.62 0.75 34.67
N GLY D 190 -26.20 0.82 33.48
CA GLY D 190 -25.68 1.74 32.45
C GLY D 190 -25.73 3.19 32.91
N HIS D 191 -26.85 3.59 33.49
CA HIS D 191 -26.97 4.96 34.01
C HIS D 191 -25.93 5.29 35.05
N LEU D 192 -25.62 4.34 35.93
CA LEU D 192 -24.53 4.53 36.89
C LEU D 192 -23.18 4.71 36.24
N CYS D 193 -22.94 3.94 35.17
CA CYS D 193 -21.68 4.05 34.44
C CYS D 193 -21.58 5.42 33.73
N GLN D 194 -22.70 5.91 33.21
CA GLN D 194 -22.72 7.24 32.61
C GLN D 194 -22.46 8.32 33.66
N LYS D 195 -23.09 8.18 34.83
CA LYS D 195 -23.02 9.14 35.90
C LYS D 195 -21.61 9.27 36.41
N HIS D 196 -20.90 8.15 36.51
CA HIS D 196 -19.62 8.14 37.15
C HIS D 196 -18.47 7.86 36.19
N HIS D 197 -18.74 7.88 34.87
CA HIS D 197 -17.71 7.75 33.82
C HIS D 197 -16.92 6.45 33.94
N VAL D 198 -17.67 5.35 33.92
CA VAL D 198 -17.13 4.00 34.01
C VAL D 198 -17.29 3.33 32.64
N ILE D 199 -16.25 2.63 32.19
CA ILE D 199 -16.33 1.82 30.98
C ILE D 199 -16.89 0.45 31.38
N LEU D 200 -17.76 -0.13 30.56
CA LEU D 200 -18.35 -1.42 30.88
C LEU D 200 -18.06 -2.47 29.81
N VAL D 201 -17.63 -3.64 30.27
CA VAL D 201 -17.41 -4.80 29.42
C VAL D 201 -18.47 -5.82 29.84
N SER D 202 -19.34 -6.14 28.90
CA SER D 202 -20.41 -7.09 29.14
C SER D 202 -20.02 -8.43 28.54
N ASP D 203 -19.70 -9.38 29.42
CA ASP D 203 -19.38 -10.77 29.05
C ASP D 203 -20.67 -11.57 28.85
N GLU D 204 -21.02 -11.74 27.59
CA GLU D 204 -22.29 -12.34 27.18
C GLU D 204 -22.06 -13.71 26.52
N ILE D 205 -21.06 -14.43 27.01
CA ILE D 205 -20.73 -15.70 26.39
C ILE D 205 -21.87 -16.71 26.52
N HIS D 206 -22.68 -16.60 27.57
CA HIS D 206 -23.79 -17.53 27.77
C HIS D 206 -25.12 -17.04 27.18
N GLN D 207 -25.06 -16.03 26.31
CA GLN D 207 -26.26 -15.30 25.88
C GLN D 207 -27.28 -16.16 25.14
N ASP D 208 -26.84 -17.24 24.50
CA ASP D 208 -27.75 -18.09 23.71
C ASP D 208 -28.38 -19.21 24.55
N LEU D 209 -28.00 -19.25 25.83
CA LEU D 209 -28.43 -20.30 26.74
C LEU D 209 -29.37 -19.80 27.85
N THR D 210 -30.23 -18.85 27.53
CA THR D 210 -31.26 -18.41 28.47
C THR D 210 -32.50 -19.29 28.29
N LEU D 211 -33.12 -19.66 29.40
CA LEU D 211 -34.08 -20.76 29.41
C LEU D 211 -35.37 -20.34 30.11
N PHE D 212 -36.37 -21.23 30.06
CA PHE D 212 -37.62 -21.07 30.80
C PHE D 212 -38.32 -19.74 30.50
N GLY D 213 -38.19 -19.29 29.26
CA GLY D 213 -38.77 -18.03 28.84
C GLY D 213 -37.99 -16.78 29.21
N HIS D 214 -36.85 -16.93 29.90
CA HIS D 214 -36.01 -15.77 30.19
C HIS D 214 -35.28 -15.38 28.90
N GLU D 215 -35.28 -14.09 28.61
CA GLU D 215 -34.71 -13.58 27.37
C GLU D 215 -33.46 -12.79 27.65
N HIS D 216 -32.41 -13.07 26.89
CA HIS D 216 -31.18 -12.31 26.98
C HIS D 216 -31.41 -10.88 26.50
N VAL D 217 -30.87 -9.91 27.24
CA VAL D 217 -30.86 -8.53 26.80
C VAL D 217 -29.41 -8.11 26.62
N SER D 218 -28.99 -7.99 25.37
CA SER D 218 -27.62 -7.58 25.11
C SER D 218 -27.40 -6.10 25.46
N PHE D 219 -26.26 -5.82 26.11
CA PHE D 219 -26.12 -4.59 26.87
C PHE D 219 -26.39 -3.32 26.06
N ASN D 220 -25.83 -3.25 24.85
CA ASN D 220 -25.93 -2.03 24.06
C ASN D 220 -27.29 -1.85 23.35
N THR D 221 -28.14 -2.87 23.43
CA THR D 221 -29.53 -2.75 23.00
C THR D 221 -30.42 -2.01 24.00
N VAL D 222 -29.94 -1.80 25.23
CA VAL D 222 -30.78 -1.21 26.31
C VAL D 222 -31.02 0.28 26.07
N SER D 223 -30.03 0.95 25.51
CA SER D 223 -30.11 2.36 25.21
C SER D 223 -29.11 2.71 24.10
N PRO D 224 -29.50 3.61 23.17
CA PRO D 224 -28.62 3.92 22.02
C PRO D 224 -27.26 4.50 22.37
N ASP D 225 -27.15 5.19 23.50
CA ASP D 225 -25.90 5.81 23.91
C ASP D 225 -25.00 4.90 24.74
N PHE D 226 -25.46 3.70 25.06
CA PHE D 226 -24.63 2.82 25.90
C PHE D 226 -23.31 2.40 25.18
N LYS D 227 -23.34 2.32 23.87
CA LYS D 227 -22.12 2.03 23.09
C LYS D 227 -21.01 3.08 23.33
N ASP D 228 -21.36 4.25 23.84
CA ASP D 228 -20.34 5.23 24.15
C ASP D 228 -19.36 4.81 25.23
N PHE D 229 -19.80 3.92 26.13
CA PHE D 229 -18.94 3.44 27.23
C PHE D 229 -18.87 1.93 27.38
N ALA D 230 -19.64 1.18 26.60
CA ALA D 230 -19.78 -0.27 26.80
C ALA D 230 -19.48 -1.07 25.54
N LEU D 231 -18.91 -2.26 25.76
CA LEU D 231 -18.64 -3.21 24.67
C LEU D 231 -19.13 -4.57 25.10
N VAL D 232 -19.40 -5.44 24.13
CA VAL D 232 -19.94 -6.77 24.40
C VAL D 232 -18.92 -7.83 23.96
N LEU D 233 -18.70 -8.84 24.80
CA LEU D 233 -17.92 -10.01 24.41
C LEU D 233 -18.85 -11.19 24.28
N SER D 234 -18.72 -11.95 23.21
CA SER D 234 -19.41 -13.23 23.14
C SER D 234 -18.67 -14.20 22.23
N SER D 235 -19.35 -15.32 21.93
CA SER D 235 -18.71 -16.44 21.24
C SER D 235 -19.74 -17.45 20.82
N ALA D 236 -19.35 -18.28 19.86
CA ALA D 236 -20.09 -19.50 19.53
C ALA D 236 -19.75 -20.68 20.45
N THR D 237 -18.70 -20.57 21.27
CA THR D 237 -18.11 -21.76 21.91
C THR D 237 -18.98 -22.41 22.99
N LYS D 238 -19.60 -21.61 23.84
CA LYS D 238 -20.47 -22.16 24.86
C LYS D 238 -21.79 -22.64 24.27
N THR D 239 -22.34 -21.83 23.38
CA THR D 239 -23.59 -22.19 22.72
C THR D 239 -23.48 -23.55 22.05
N PHE D 240 -22.35 -23.80 21.38
CA PHE D 240 -22.26 -24.97 20.50
C PHE D 240 -21.27 -26.03 20.90
N ASN D 241 -20.68 -25.89 22.08
CA ASN D 241 -19.79 -26.90 22.64
C ASN D 241 -18.50 -27.07 21.83
N ILE D 242 -17.88 -25.94 21.48
CA ILE D 242 -16.70 -25.93 20.65
C ILE D 242 -15.58 -25.06 21.27
N ALA D 243 -15.47 -25.12 22.58
CA ALA D 243 -14.50 -24.32 23.35
C ALA D 243 -13.06 -24.56 22.94
N GLY D 244 -12.74 -25.78 22.49
CA GLY D 244 -11.38 -26.14 22.10
C GLY D 244 -10.99 -25.64 20.71
N THR D 245 -11.92 -24.99 20.02
CA THR D 245 -11.63 -24.39 18.70
C THR D 245 -11.08 -22.96 18.78
N LYS D 246 -11.25 -22.31 19.94
CA LYS D 246 -10.56 -21.06 20.28
C LYS D 246 -10.84 -19.88 19.33
N ASN D 247 -12.07 -19.40 19.38
CA ASN D 247 -12.43 -18.14 18.74
C ASN D 247 -13.61 -17.55 19.50
N SER D 248 -13.67 -16.21 19.46
CA SER D 248 -14.68 -15.41 20.17
C SER D 248 -14.57 -14.03 19.57
N TYR D 249 -15.42 -13.11 20.04
CA TYR D 249 -15.36 -11.76 19.50
C TYR D 249 -15.78 -10.73 20.52
N ALA D 250 -15.30 -9.52 20.27
CA ALA D 250 -15.75 -8.29 20.91
C ALA D 250 -16.50 -7.46 19.87
N ILE D 251 -17.66 -6.93 20.25
CA ILE D 251 -18.37 -5.94 19.48
C ILE D 251 -18.12 -4.59 20.13
N ILE D 252 -17.41 -3.72 19.41
CA ILE D 252 -16.97 -2.45 19.96
C ILE D 252 -17.37 -1.33 18.98
N GLU D 253 -18.56 -0.79 19.20
CA GLU D 253 -19.11 0.21 18.29
C GLU D 253 -18.45 1.58 18.41
N ASN D 254 -17.98 1.91 19.60
CA ASN D 254 -17.29 3.19 19.78
C ASN D 254 -15.92 3.12 19.12
N PRO D 255 -15.62 4.06 18.20
CA PRO D 255 -14.33 4.01 17.51
C PRO D 255 -13.10 4.13 18.40
N THR D 256 -13.16 4.98 19.43
CA THR D 256 -12.06 5.17 20.36
C THR D 256 -11.82 3.91 21.19
N LEU D 257 -12.88 3.37 21.79
CA LEU D 257 -12.75 2.10 22.53
C LEU D 257 -12.24 0.97 21.65
N CYS D 258 -12.72 0.91 20.42
CA CYS D 258 -12.36 -0.17 19.50
C CYS D 258 -10.87 -0.06 19.18
N ALA D 259 -10.42 1.16 18.87
CA ALA D 259 -8.99 1.41 18.63
C ALA D 259 -8.12 1.03 19.84
N GLN D 260 -8.57 1.39 21.03
CA GLN D 260 -7.83 1.12 22.25
C GLN D 260 -7.68 -0.38 22.47
N PHE D 261 -8.77 -1.11 22.28
CA PHE D 261 -8.77 -2.56 22.42
C PHE D 261 -7.85 -3.21 21.37
N LYS D 262 -8.04 -2.82 20.11
CA LYS D 262 -7.27 -3.42 19.03
C LYS D 262 -5.79 -3.11 19.18
N HIS D 263 -5.47 -1.90 19.68
CA HIS D 263 -4.07 -1.54 19.92
C HIS D 263 -3.45 -2.44 20.98
N GLN D 264 -4.15 -2.61 22.09
CA GLN D 264 -3.61 -3.43 23.18
C GLN D 264 -3.45 -4.88 22.73
N GLN D 265 -4.44 -5.36 21.98
CA GLN D 265 -4.38 -6.69 21.41
C GLN D 265 -3.10 -6.91 20.58
N LEU D 266 -2.75 -5.92 19.76
CA LEU D 266 -1.50 -5.97 18.97
C LEU D 266 -0.26 -5.81 19.83
N VAL D 267 -0.26 -4.88 20.79
CA VAL D 267 0.85 -4.78 21.76
C VAL D 267 1.20 -6.15 22.37
N ASN D 268 0.15 -6.91 22.67
CA ASN D 268 0.27 -8.22 23.30
C ASN D 268 0.49 -9.36 22.30
N ASN D 269 0.52 -9.05 21.01
CA ASN D 269 0.62 -10.06 19.95
C ASN D 269 -0.46 -11.12 20.11
N HIS D 270 -1.67 -10.67 20.44
CA HIS D 270 -2.79 -11.55 20.77
C HIS D 270 -3.89 -11.35 19.72
N HIS D 271 -3.47 -11.00 18.50
CA HIS D 271 -4.38 -10.55 17.43
C HIS D 271 -4.73 -11.64 16.41
N GLU D 272 -4.07 -12.79 16.45
CA GLU D 272 -4.34 -13.84 15.47
C GLU D 272 -5.14 -14.99 16.07
N VAL D 273 -5.85 -15.70 15.19
CA VAL D 273 -6.73 -16.78 15.58
C VAL D 273 -6.43 -17.93 14.61
N SER D 274 -6.59 -19.16 15.10
CA SER D 274 -6.37 -20.37 14.30
C SER D 274 -7.39 -20.48 13.18
N SER D 275 -6.98 -21.12 12.09
CA SER D 275 -7.90 -21.33 10.95
C SER D 275 -9.20 -22.03 11.33
N LEU D 276 -9.09 -23.10 12.12
CA LEU D 276 -10.28 -23.82 12.57
C LEU D 276 -11.14 -22.96 13.50
N GLY D 277 -10.51 -22.09 14.28
CA GLY D 277 -11.27 -21.12 15.09
C GLY D 277 -12.25 -20.32 14.24
N TYR D 278 -11.75 -19.77 13.14
CA TYR D 278 -12.63 -19.03 12.24
C TYR D 278 -13.71 -19.91 11.60
N ILE D 279 -13.29 -21.06 11.09
CA ILE D 279 -14.20 -21.97 10.38
C ILE D 279 -15.33 -22.47 11.29
N ALA D 280 -14.99 -22.87 12.52
CA ALA D 280 -15.98 -23.50 13.38
C ALA D 280 -17.03 -22.46 13.80
N THR D 281 -16.61 -21.22 14.08
CA THR D 281 -17.58 -20.17 14.49
C THR D 281 -18.56 -19.84 13.36
N GLU D 282 -18.02 -19.65 12.15
CA GLU D 282 -18.87 -19.38 11.01
C GLU D 282 -19.89 -20.49 10.77
N THR D 283 -19.41 -21.74 10.81
CA THR D 283 -20.26 -22.91 10.58
C THR D 283 -21.32 -23.05 11.65
N ALA D 284 -20.92 -22.88 12.91
CA ALA D 284 -21.86 -22.97 14.01
C ALA D 284 -23.00 -21.96 13.86
N TYR D 285 -22.68 -20.70 13.58
CA TYR D 285 -23.71 -19.68 13.48
C TYR D 285 -24.57 -19.86 12.23
N ARG D 286 -23.99 -20.31 11.13
CA ARG D 286 -24.80 -20.48 9.92
C ARG D 286 -25.76 -21.67 9.95
N TYR D 287 -25.43 -22.75 10.67
CA TYR D 287 -26.24 -23.99 10.67
C TYR D 287 -26.82 -24.39 12.01
N GLY D 288 -26.45 -23.68 13.07
CA GLY D 288 -26.65 -24.20 14.43
C GLY D 288 -27.99 -24.00 15.10
N LYS D 289 -28.83 -23.12 14.56
CA LYS D 289 -30.06 -22.74 15.27
C LYS D 289 -30.96 -23.93 15.63
N PRO D 290 -31.23 -24.84 14.67
CA PRO D 290 -32.04 -26.02 15.00
C PRO D 290 -31.47 -26.91 16.08
N TRP D 291 -30.15 -27.06 16.09
CA TRP D 291 -29.48 -27.83 17.12
C TRP D 291 -29.67 -27.15 18.48
N LEU D 292 -29.50 -25.84 18.50
CA LEU D 292 -29.65 -25.05 19.71
C LEU D 292 -31.07 -25.13 20.29
N VAL D 293 -32.06 -25.05 19.41
CA VAL D 293 -33.45 -25.22 19.82
C VAL D 293 -33.69 -26.58 20.49
N ALA D 294 -33.17 -27.64 19.89
CA ALA D 294 -33.26 -28.97 20.45
C ALA D 294 -32.51 -29.06 21.78
N LEU D 295 -31.34 -28.45 21.83
CA LEU D 295 -30.54 -28.48 23.04
C LEU D 295 -31.28 -27.85 24.23
N LYS D 296 -31.86 -26.67 24.01
CA LYS D 296 -32.46 -25.94 25.12
C LYS D 296 -33.62 -26.72 25.72
N ALA D 297 -34.39 -27.43 24.91
CA ALA D 297 -35.43 -28.34 25.44
C ALA D 297 -34.87 -29.41 26.40
N VAL D 298 -33.74 -30.00 26.01
CA VAL D 298 -33.04 -31.00 26.81
C VAL D 298 -32.50 -30.38 28.11
N LEU D 299 -31.88 -29.22 28.00
CA LEU D 299 -31.37 -28.54 29.21
C LEU D 299 -32.50 -28.25 30.20
N GLU D 300 -33.63 -27.75 29.70
CA GLU D 300 -34.77 -27.46 30.57
C GLU D 300 -35.25 -28.72 31.30
N GLU D 301 -35.32 -29.83 30.58
CA GLU D 301 -35.76 -31.09 31.16
C GLU D 301 -34.79 -31.53 32.26
N ASN D 302 -33.50 -31.36 32.00
CA ASN D 302 -32.46 -31.75 32.97
C ASN D 302 -32.47 -30.90 34.24
N ILE D 303 -32.64 -29.59 34.07
CA ILE D 303 -32.68 -28.68 35.20
C ILE D 303 -33.91 -28.96 36.05
N GLN D 304 -35.05 -29.08 35.41
CA GLN D 304 -36.30 -29.34 36.11
C GLN D 304 -36.21 -30.66 36.88
N PHE D 305 -35.62 -31.68 36.25
CA PHE D 305 -35.35 -32.94 36.91
C PHE D 305 -34.53 -32.76 38.18
N ALA D 306 -33.40 -32.07 38.05
CA ALA D 306 -32.48 -31.88 39.15
C ALA D 306 -33.12 -31.13 40.33
N VAL D 307 -33.84 -30.06 40.03
CA VAL D 307 -34.46 -29.24 41.08
C VAL D 307 -35.46 -30.09 41.86
N GLU D 308 -36.27 -30.84 41.12
CA GLU D 308 -37.29 -31.68 41.74
C GLU D 308 -36.69 -32.82 42.54
N TYR D 309 -35.66 -33.44 41.99
CA TYR D 309 -34.97 -34.55 42.63
C TYR D 309 -34.32 -34.13 43.94
N PHE D 310 -33.58 -33.02 43.92
CA PHE D 310 -33.02 -32.47 45.14
C PHE D 310 -34.09 -32.08 46.16
N ALA D 311 -35.21 -31.52 45.71
CA ALA D 311 -36.28 -31.10 46.60
C ALA D 311 -36.82 -32.30 47.39
N GLN D 312 -36.91 -33.42 46.70
CA GLN D 312 -37.47 -34.65 47.26
C GLN D 312 -36.45 -35.36 48.13
N GLU D 313 -35.24 -35.52 47.62
CA GLU D 313 -34.20 -36.36 48.25
C GLU D 313 -33.23 -35.63 49.16
N ALA D 314 -33.07 -34.32 48.99
CA ALA D 314 -32.23 -33.53 49.87
C ALA D 314 -32.84 -32.16 50.17
N PRO D 315 -33.97 -32.15 50.89
CA PRO D 315 -34.67 -30.91 51.14
C PRO D 315 -33.82 -29.83 51.82
N ARG D 316 -32.78 -30.20 52.56
CA ARG D 316 -31.93 -29.19 53.20
C ARG D 316 -30.95 -28.50 52.22
N LEU D 317 -30.75 -29.10 51.06
CA LEU D 317 -29.88 -28.54 50.03
C LEU D 317 -30.63 -27.38 49.37
N LYS D 318 -30.02 -26.21 49.32
CA LYS D 318 -30.65 -25.03 48.73
C LYS D 318 -30.16 -24.91 47.28
N VAL D 319 -31.09 -24.90 46.35
CA VAL D 319 -30.77 -24.97 44.94
C VAL D 319 -31.23 -23.65 44.29
N MET D 320 -30.28 -22.92 43.69
CA MET D 320 -30.65 -21.75 42.90
C MET D 320 -30.98 -22.25 41.48
N LYS D 321 -32.22 -22.07 41.04
CA LYS D 321 -32.62 -22.53 39.73
C LYS D 321 -32.09 -21.53 38.69
N PRO D 322 -31.29 -21.99 37.74
CA PRO D 322 -30.76 -21.02 36.77
C PRO D 322 -31.84 -20.49 35.84
N GLN D 323 -31.75 -19.22 35.55
CA GLN D 323 -32.57 -18.60 34.48
C GLN D 323 -31.91 -18.82 33.11
N GLY D 324 -30.59 -19.05 33.14
CA GLY D 324 -29.79 -19.28 31.97
C GLY D 324 -28.51 -19.98 32.34
N THR D 325 -27.75 -20.35 31.33
CA THR D 325 -26.61 -21.26 31.46
C THR D 325 -27.11 -22.68 31.78
N TYR D 326 -26.23 -23.65 31.63
CA TYR D 326 -26.57 -25.03 31.96
C TYR D 326 -25.91 -25.48 33.26
N LEU D 327 -25.73 -24.53 34.16
CA LEU D 327 -24.99 -24.72 35.40
C LEU D 327 -25.83 -24.35 36.60
N ILE D 328 -25.84 -25.23 37.60
CA ILE D 328 -26.69 -25.05 38.77
C ILE D 328 -25.84 -24.80 40.02
N TRP D 329 -26.12 -23.70 40.70
CA TRP D 329 -25.43 -23.26 41.92
C TRP D 329 -26.14 -23.87 43.13
N LEU D 330 -25.41 -24.74 43.83
CA LEU D 330 -25.92 -25.49 44.97
C LEU D 330 -25.33 -24.96 46.27
N ASP D 331 -26.18 -24.80 47.29
CA ASP D 331 -25.76 -24.22 48.58
C ASP D 331 -25.95 -25.26 49.69
N PHE D 332 -24.83 -25.73 50.23
CA PHE D 332 -24.80 -26.78 51.26
C PHE D 332 -24.67 -26.19 52.66
N SER D 333 -24.96 -24.90 52.82
CA SER D 333 -24.74 -24.17 54.06
C SER D 333 -25.50 -24.71 55.27
N ASP D 334 -26.63 -25.37 55.02
CA ASP D 334 -27.43 -25.97 56.12
C ASP D 334 -26.78 -27.22 56.72
N TYR D 335 -25.79 -27.77 56.05
CA TYR D 335 -25.13 -29.00 56.50
C TYR D 335 -23.94 -28.70 57.42
N GLY D 336 -23.66 -29.60 58.36
CA GLY D 336 -22.55 -29.42 59.30
C GLY D 336 -21.25 -29.81 58.63
N LEU D 337 -20.85 -28.96 57.68
CA LEU D 337 -19.68 -29.17 56.87
C LEU D 337 -18.87 -27.89 56.80
N THR D 338 -17.57 -28.04 56.62
CA THR D 338 -16.71 -26.92 56.27
C THR D 338 -16.62 -26.95 54.75
N ASP D 339 -16.06 -25.90 54.18
CA ASP D 339 -15.86 -25.84 52.71
C ASP D 339 -15.02 -27.02 52.22
N ASP D 340 -13.95 -27.32 52.97
CA ASP D 340 -13.06 -28.43 52.64
C ASP D 340 -13.72 -29.81 52.81
N ALA D 341 -14.52 -29.99 53.86
CA ALA D 341 -15.18 -31.27 54.08
C ALA D 341 -16.21 -31.55 53.01
N LEU D 342 -16.85 -30.50 52.52
CA LEU D 342 -17.84 -30.61 51.43
C LEU D 342 -17.16 -31.10 50.16
N PHE D 343 -16.03 -30.49 49.83
CA PHE D 343 -15.27 -30.89 48.65
C PHE D 343 -14.88 -32.37 48.71
N THR D 344 -14.32 -32.78 49.85
CA THR D 344 -13.87 -34.15 50.03
CA THR D 344 -13.85 -34.15 49.97
C THR D 344 -15.02 -35.14 49.96
N LEU D 345 -16.15 -34.76 50.58
CA LEU D 345 -17.35 -35.59 50.53
C LEU D 345 -17.83 -35.83 49.10
N LEU D 346 -18.00 -34.76 48.34
CA LEU D 346 -18.47 -34.88 46.98
C LEU D 346 -17.45 -35.62 46.09
N HIS D 347 -16.20 -35.22 46.17
CA HIS D 347 -15.19 -35.79 45.29
C HIS D 347 -14.84 -37.24 45.65
N ASP D 348 -14.57 -37.49 46.92
CA ASP D 348 -14.02 -38.80 47.34
C ASP D 348 -15.05 -39.85 47.71
N GLN D 349 -16.14 -39.43 48.33
CA GLN D 349 -17.20 -40.36 48.75
CA GLN D 349 -17.18 -40.36 48.75
C GLN D 349 -18.30 -40.48 47.69
N ALA D 350 -18.79 -39.34 47.22
CA ALA D 350 -19.85 -39.36 46.18
C ALA D 350 -19.29 -39.63 44.77
N LYS D 351 -17.99 -39.41 44.59
CA LYS D 351 -17.32 -39.65 43.31
C LYS D 351 -17.89 -38.78 42.20
N VAL D 352 -18.13 -37.50 42.52
CA VAL D 352 -18.61 -36.54 41.51
C VAL D 352 -17.71 -35.31 41.59
N ILE D 353 -17.41 -34.72 40.43
CA ILE D 353 -16.53 -33.57 40.34
C ILE D 353 -17.40 -32.38 40.00
N LEU D 354 -17.61 -31.51 40.98
CA LEU D 354 -18.35 -30.25 40.81
C LEU D 354 -17.37 -29.14 41.15
N ASN D 355 -17.56 -27.97 40.55
CA ASN D 355 -16.72 -26.83 40.90
C ASN D 355 -16.92 -26.43 42.35
N ARG D 356 -15.82 -26.15 43.03
CA ARG D 356 -15.89 -25.66 44.40
C ARG D 356 -16.37 -24.22 44.38
N GLY D 357 -17.48 -23.98 45.07
CA GLY D 357 -18.07 -22.66 45.13
C GLY D 357 -17.11 -21.60 45.62
N SER D 358 -16.20 -21.96 46.52
CA SER D 358 -15.26 -20.98 47.06
C SER D 358 -14.30 -20.39 46.01
N ASP D 359 -14.14 -21.08 44.87
CA ASP D 359 -13.36 -20.59 43.75
C ASP D 359 -13.89 -19.24 43.25
N TYR D 360 -15.20 -19.02 43.40
CA TYR D 360 -15.91 -17.88 42.79
C TYR D 360 -15.96 -16.64 43.71
N GLY D 361 -15.43 -16.79 44.92
CA GLY D 361 -15.47 -15.71 45.90
C GLY D 361 -15.94 -16.22 47.24
N SER D 362 -15.83 -15.37 48.26
CA SER D 362 -16.23 -15.73 49.60
C SER D 362 -17.71 -16.10 49.69
N GLU D 363 -18.53 -15.49 48.85
CA GLU D 363 -19.96 -15.80 48.77
C GLU D 363 -20.22 -17.26 48.37
N GLY D 364 -19.23 -17.91 47.75
CA GLY D 364 -19.32 -19.29 47.31
C GLY D 364 -18.95 -20.33 48.34
N GLU D 365 -18.57 -19.89 49.55
CA GLU D 365 -18.29 -20.83 50.65
C GLU D 365 -19.46 -21.79 50.82
N LEU D 366 -19.14 -23.07 50.99
CA LEU D 366 -20.15 -24.12 51.17
CA LEU D 366 -20.12 -24.14 51.15
C LEU D 366 -21.08 -24.30 49.97
N HIS D 367 -20.67 -23.81 48.80
CA HIS D 367 -21.40 -24.03 47.55
C HIS D 367 -20.62 -24.98 46.61
N ALA D 368 -21.32 -25.55 45.64
CA ALA D 368 -20.72 -26.27 44.51
C ALA D 368 -21.53 -25.94 43.26
N ARG D 369 -20.93 -26.09 42.10
CA ARG D 369 -21.64 -25.80 40.86
C ARG D 369 -21.69 -27.05 40.01
N LEU D 370 -22.92 -27.35 39.54
CA LEU D 370 -23.26 -28.58 38.85
C LEU D 370 -23.60 -28.32 37.38
N ASN D 371 -22.92 -29.05 36.50
CA ASN D 371 -23.13 -28.98 35.05
C ASN D 371 -24.11 -30.04 34.60
N ILE D 372 -25.27 -29.60 34.08
CA ILE D 372 -26.29 -30.57 33.60
C ILE D 372 -26.41 -30.71 32.08
N ALA D 373 -25.38 -30.28 31.34
CA ALA D 373 -25.32 -30.40 29.88
C ALA D 373 -24.74 -31.76 29.54
N ALA D 374 -25.51 -32.80 29.85
CA ALA D 374 -25.17 -34.18 29.59
C ALA D 374 -26.48 -34.96 29.41
N PRO D 375 -26.40 -36.19 28.87
CA PRO D 375 -27.66 -36.91 28.67
C PRO D 375 -28.37 -37.12 30.01
N LYS D 376 -29.70 -37.19 29.94
CA LYS D 376 -30.50 -37.28 31.17
C LYS D 376 -30.07 -38.42 32.07
N SER D 377 -29.72 -39.55 31.47
CA SER D 377 -29.29 -40.72 32.25
C SER D 377 -28.06 -40.42 33.10
N LEU D 378 -27.14 -39.62 32.56
CA LEU D 378 -25.95 -39.21 33.29
C LEU D 378 -26.31 -38.23 34.41
N VAL D 379 -27.15 -37.26 34.09
CA VAL D 379 -27.60 -36.27 35.07
C VAL D 379 -28.31 -36.99 36.23
N GLU D 380 -29.13 -37.99 35.90
CA GLU D 380 -29.82 -38.74 36.94
CA GLU D 380 -29.83 -38.77 36.92
C GLU D 380 -28.82 -39.44 37.87
N GLU D 381 -27.79 -40.07 37.30
CA GLU D 381 -26.74 -40.69 38.11
C GLU D 381 -25.99 -39.68 38.99
N ILE D 382 -25.64 -38.54 38.38
CA ILE D 382 -24.89 -37.52 39.10
C ILE D 382 -25.68 -36.97 40.31
N CYS D 383 -26.98 -36.72 40.12
CA CYS D 383 -27.84 -36.19 41.18
C CYS D 383 -28.02 -37.21 42.31
N LYS D 384 -28.18 -38.48 41.93
CA LYS D 384 -28.23 -39.57 42.91
C LYS D 384 -26.97 -39.62 43.76
N ARG D 385 -25.80 -39.45 43.13
CA ARG D 385 -24.55 -39.40 43.88
C ARG D 385 -24.46 -38.21 44.83
N ILE D 386 -24.87 -37.05 44.35
CA ILE D 386 -24.87 -35.82 45.16
C ILE D 386 -25.64 -35.94 46.49
N VAL D 387 -26.78 -36.64 46.46
CA VAL D 387 -27.65 -36.76 47.64
C VAL D 387 -27.34 -37.99 48.49
N CYS D 388 -26.51 -38.88 47.97
CA CYS D 388 -26.24 -40.18 48.57
C CYS D 388 -25.53 -40.10 49.91
N CYS D 389 -24.58 -39.18 50.03
CA CYS D 389 -23.70 -39.20 51.18
CA CYS D 389 -23.60 -39.13 51.11
C CYS D 389 -23.75 -37.90 52.04
N LEU D 390 -24.83 -37.13 51.92
CA LEU D 390 -24.95 -35.88 52.69
C LEU D 390 -25.27 -36.15 54.16
N PRO D 391 -24.60 -35.45 55.10
CA PRO D 391 -24.71 -35.81 56.53
C PRO D 391 -25.98 -35.34 57.24
N LYS D 392 -26.44 -36.14 58.20
CA LYS D 392 -27.50 -35.70 59.10
C LYS D 392 -27.01 -34.57 59.99
#